data_2FL5
#
_entry.id   2FL5
#
_cell.length_a   100.592
_cell.length_b   111.105
_cell.length_c   188.454
_cell.angle_alpha   90.00
_cell.angle_beta   90.00
_cell.angle_gamma   90.00
#
_symmetry.space_group_name_H-M   'P 21 21 21'
#
loop_
_entity.id
_entity.type
_entity.pdbx_description
1 polymer 'Immunoglobulin Igg1 Lambda Light Chain'
2 polymer 'Immunoglobulin Igg1 Heavy chain'
3 non-polymer RIBOFLAVIN
4 water water
#
loop_
_entity_poly.entity_id
_entity_poly.type
_entity_poly.pdbx_seq_one_letter_code
_entity_poly.pdbx_strand_id
1 'polypeptide(L)'
;SYELKQPPSVSVSPGQTARITCSGDVLPKKYAYWYQERSGQAPVLVVYEDSGRPSEIPERFSGSSSGTKATLTISGAQVE
DEADYYCYSDISNGYPLFGGGTKLSVGQPKAAPSVTLFPPSSEELQANKATLVCLISDFYPGAVTVAWKADSSPIKAGVE
TTTPSKQSNNKYAASSYLSLTPEQWKSHRSYSCQVTHEGSTVEKTVAPT
;
L,A,C,E
2 'polypeptide(L)'
;EVQLVESGGGLVQPGESLKLSCTASGFSLSNYYMTWVRQAPGKGLEWVTNIRPDETEKFYSDSVKGRFTVSRDNARNSLF
NSMSLQRVEDTATYYCARVSDFGDYGPDFWGQGTLVSVTSASTKGPSVFPLAPCSRSTSESTAALGCLVKDYFPEPVTVS
WNSGALTSGVHTFPAVLQSSGLYSLSSVVTVPSSSLGTKTYTCNVNHKPSNTKVDKKVEP
;
H,B,D,F
#
loop_
_chem_comp.id
_chem_comp.type
_chem_comp.name
_chem_comp.formula
RBF non-polymer RIBOFLAVIN 'C17 H20 N4 O6'
#
# COMPACT_ATOMS: atom_id res chain seq x y z
N SER A 1 7.87 22.87 19.87
CA SER A 1 8.75 21.74 20.22
C SER A 1 9.34 22.05 21.59
N TYR A 2 10.26 21.22 22.07
CA TYR A 2 10.73 21.51 23.40
C TYR A 2 12.12 20.96 23.67
N GLU A 3 12.84 21.57 24.60
CA GLU A 3 14.17 21.10 24.83
C GLU A 3 14.62 20.77 26.21
N LEU A 4 15.35 19.67 26.26
CA LEU A 4 15.98 19.27 27.48
C LEU A 4 17.38 19.85 27.25
N LYS A 5 17.57 21.08 27.72
CA LYS A 5 18.83 21.78 27.55
C LYS A 5 19.85 21.10 28.44
N GLN A 6 20.79 20.42 27.83
CA GLN A 6 21.80 19.67 28.55
C GLN A 6 23.21 20.00 28.08
N PRO A 7 24.08 20.42 29.02
CA PRO A 7 25.47 20.77 28.70
C PRO A 7 26.16 19.68 27.89
N PRO A 8 26.66 20.04 26.71
CA PRO A 8 27.35 19.11 25.81
C PRO A 8 28.43 18.28 26.44
N SER A 9 29.29 18.92 27.21
CA SER A 9 30.39 18.18 27.81
C SER A 9 30.66 18.51 29.26
N VAL A 10 31.30 17.54 29.92
CA VAL A 10 31.68 17.63 31.31
C VAL A 10 32.80 16.64 31.59
N SER A 11 33.78 17.10 32.36
CA SER A 11 34.94 16.29 32.72
C SER A 11 35.26 16.42 34.20
N VAL A 12 35.76 15.33 34.78
CA VAL A 12 36.12 15.31 36.20
C VAL A 12 37.30 14.39 36.45
N SER A 13 37.99 14.63 37.57
CA SER A 13 39.16 13.87 37.99
C SER A 13 38.78 12.62 38.78
N PRO A 14 39.44 11.48 38.51
CA PRO A 14 39.17 10.22 39.21
C PRO A 14 39.05 10.42 40.72
N GLY A 15 37.88 10.13 41.27
CA GLY A 15 37.70 10.29 42.70
C GLY A 15 36.85 11.48 43.13
N GLN A 16 36.69 12.47 42.27
CA GLN A 16 35.89 13.63 42.63
C GLN A 16 34.45 13.53 42.09
N THR A 17 33.60 14.45 42.50
CA THR A 17 32.21 14.45 42.09
C THR A 17 31.97 15.23 40.82
N ALA A 18 31.02 14.73 40.02
CA ALA A 18 30.62 15.34 38.74
C ALA A 18 29.14 15.69 38.78
N ARG A 19 28.76 16.83 38.19
CA ARG A 19 27.37 17.25 38.17
C ARG A 19 26.85 17.64 36.77
N ILE A 20 25.87 16.90 36.26
CA ILE A 20 25.29 17.17 34.93
C ILE A 20 23.89 17.75 35.05
N THR A 21 23.64 18.90 34.43
CA THR A 21 22.32 19.48 34.53
C THR A 21 21.42 19.17 33.33
N CYS A 22 20.17 19.62 33.40
CA CYS A 22 19.18 19.39 32.34
C CYS A 22 18.00 20.35 32.53
N SER A 23 18.10 21.55 31.96
CA SER A 23 17.03 22.53 32.08
C SER A 23 15.81 22.17 31.24
N GLY A 24 14.67 22.74 31.58
CA GLY A 24 13.45 22.47 30.84
C GLY A 24 12.25 23.20 31.39
N ASP A 25 11.45 23.77 30.49
CA ASP A 25 10.23 24.53 30.84
C ASP A 25 9.14 23.73 31.55
N VAL A 26 9.02 22.45 31.20
CA VAL A 26 7.97 21.63 31.80
C VAL A 26 8.50 20.65 32.87
N LEU A 27 9.78 20.69 33.14
CA LEU A 27 10.35 19.80 34.15
C LEU A 27 9.73 19.96 35.55
N PRO A 28 9.15 21.12 35.86
CA PRO A 28 8.57 21.22 37.18
C PRO A 28 7.29 20.38 37.31
N LYS A 29 6.71 20.01 36.18
CA LYS A 29 5.47 19.22 36.17
C LYS A 29 5.69 17.78 35.72
N LYS A 30 6.85 17.50 35.13
CA LYS A 30 7.16 16.16 34.63
C LYS A 30 8.43 15.59 35.26
N TYR A 31 8.45 14.27 35.40
CA TYR A 31 9.62 13.63 35.98
C TYR A 31 10.80 13.70 35.03
N ALA A 32 11.99 13.43 35.56
CA ALA A 32 13.22 13.46 34.79
C ALA A 32 13.96 12.15 35.02
N TYR A 33 14.58 11.61 33.96
CA TYR A 33 15.33 10.36 34.06
C TYR A 33 16.76 10.58 33.55
N TRP A 34 17.65 9.63 33.86
CA TRP A 34 19.02 9.73 33.39
C TRP A 34 19.51 8.39 32.91
N TYR A 35 20.17 8.43 31.75
CA TYR A 35 20.70 7.23 31.17
C TYR A 35 22.19 7.35 30.95
N GLN A 36 22.87 6.22 31.03
CA GLN A 36 24.31 6.17 30.81
C GLN A 36 24.56 5.32 29.58
N GLU A 37 25.21 5.88 28.58
CA GLU A 37 25.50 5.13 27.38
C GLU A 37 27.00 5.20 27.13
N ARG A 38 27.63 4.02 27.24
CA ARG A 38 29.07 3.87 26.99
C ARG A 38 29.23 3.76 25.48
N SER A 39 30.37 4.21 24.96
CA SER A 39 30.59 4.16 23.53
C SER A 39 30.15 2.83 22.93
N GLY A 40 29.40 2.92 21.84
CA GLY A 40 28.89 1.74 21.17
C GLY A 40 28.27 0.75 22.13
N GLN A 41 27.27 1.20 22.88
CA GLN A 41 26.60 0.33 23.84
C GLN A 41 25.23 0.87 24.14
N ALA A 42 24.27 -0.02 24.34
CA ALA A 42 22.91 0.38 24.64
C ALA A 42 22.90 1.30 25.86
N PRO A 43 22.01 2.31 25.89
CA PRO A 43 21.96 3.20 27.06
C PRO A 43 21.52 2.40 28.27
N VAL A 44 21.77 2.93 29.46
CA VAL A 44 21.33 2.24 30.68
C VAL A 44 20.71 3.25 31.66
N LEU A 45 19.65 2.81 32.32
CA LEU A 45 18.94 3.66 33.25
C LEU A 45 19.71 3.82 34.54
N VAL A 46 19.86 5.05 35.01
CA VAL A 46 20.58 5.27 36.26
C VAL A 46 19.78 6.05 37.25
N VAL A 47 18.78 6.76 36.74
CA VAL A 47 17.92 7.59 37.58
C VAL A 47 16.53 7.63 36.99
N TYR A 48 15.52 7.61 37.84
CA TYR A 48 14.15 7.72 37.37
C TYR A 48 13.34 8.59 38.32
N GLU A 49 12.25 9.11 37.82
CA GLU A 49 11.38 10.00 38.60
C GLU A 49 12.23 10.96 39.42
N ASP A 50 13.10 11.67 38.72
CA ASP A 50 13.98 12.63 39.35
C ASP A 50 15.02 12.05 40.30
N SER A 51 14.61 11.27 41.29
CA SER A 51 15.56 10.73 42.26
C SER A 51 15.67 9.23 42.44
N GLY A 52 14.75 8.47 41.87
CA GLY A 52 14.82 7.03 42.05
C GLY A 52 16.17 6.50 41.64
N ARG A 53 16.53 5.28 42.04
CA ARG A 53 17.81 4.74 41.63
C ARG A 53 17.75 3.23 41.54
N PRO A 54 18.04 2.67 40.35
CA PRO A 54 18.00 1.21 40.16
C PRO A 54 18.92 0.41 41.09
N SER A 55 18.59 -0.86 41.28
CA SER A 55 19.36 -1.73 42.15
C SER A 55 20.59 -2.36 41.51
N GLU A 56 21.20 -1.63 40.59
CA GLU A 56 22.38 -2.13 39.91
C GLU A 56 23.26 -0.91 39.71
N ILE A 57 22.66 0.24 40.00
CA ILE A 57 23.34 1.52 39.88
C ILE A 57 23.94 1.84 41.22
N PRO A 58 25.27 1.99 41.28
CA PRO A 58 25.94 2.32 42.55
C PRO A 58 25.43 3.63 43.12
N GLU A 59 25.31 3.62 44.45
CA GLU A 59 24.81 4.76 45.21
C GLU A 59 25.47 6.09 44.85
N ARG A 60 26.67 6.05 44.28
CA ARG A 60 27.37 7.30 43.96
C ARG A 60 26.68 8.07 42.86
N PHE A 61 25.80 7.40 42.13
CA PHE A 61 25.03 8.08 41.09
C PHE A 61 23.76 8.60 41.77
N SER A 62 23.71 9.90 42.01
CA SER A 62 22.57 10.51 42.70
C SER A 62 21.70 11.43 41.86
N GLY A 63 20.49 11.01 41.56
CA GLY A 63 19.62 11.85 40.77
C GLY A 63 18.88 12.82 41.67
N SER A 64 18.59 14.02 41.16
CA SER A 64 17.88 15.03 41.92
C SER A 64 17.24 15.99 40.94
N SER A 65 16.42 16.91 41.44
CA SER A 65 15.76 17.87 40.57
C SER A 65 15.08 18.94 41.42
N SER A 66 14.54 19.96 40.76
CA SER A 66 13.88 21.07 41.44
C SER A 66 13.53 22.12 40.39
N GLY A 67 12.32 22.65 40.46
CA GLY A 67 11.90 23.67 39.51
C GLY A 67 11.96 23.25 38.03
N THR A 68 12.95 23.78 37.31
CA THR A 68 13.14 23.45 35.89
C THR A 68 14.56 22.96 35.57
N LYS A 69 15.18 22.25 36.51
CA LYS A 69 16.54 21.76 36.28
C LYS A 69 16.77 20.45 37.02
N ALA A 70 16.97 19.36 36.28
CA ALA A 70 17.24 18.09 36.93
C ALA A 70 18.76 17.97 36.96
N THR A 71 19.29 17.26 37.94
CA THR A 71 20.75 17.14 38.03
C THR A 71 21.27 15.76 38.41
N LEU A 72 22.03 15.16 37.51
CA LEU A 72 22.62 13.86 37.79
C LEU A 72 23.98 14.11 38.41
N THR A 73 24.10 13.82 39.70
CA THR A 73 25.37 14.01 40.40
C THR A 73 26.08 12.68 40.60
N ILE A 74 27.25 12.55 40.00
CA ILE A 74 28.02 11.32 40.12
C ILE A 74 29.25 11.58 40.99
N SER A 75 29.23 10.99 42.18
CA SER A 75 30.32 11.16 43.14
C SER A 75 31.37 10.08 43.01
N GLY A 76 32.59 10.39 43.45
CA GLY A 76 33.67 9.42 43.39
C GLY A 76 33.87 8.88 41.97
N ALA A 77 33.85 9.80 41.01
CA ALA A 77 34.01 9.49 39.60
C ALA A 77 34.99 8.36 39.35
N GLN A 78 34.58 7.41 38.52
CA GLN A 78 35.39 6.26 38.16
C GLN A 78 35.78 6.32 36.68
N VAL A 79 36.73 5.48 36.29
CA VAL A 79 37.17 5.47 34.90
C VAL A 79 36.05 4.84 34.07
N GLU A 80 35.23 4.03 34.73
CA GLU A 80 34.12 3.36 34.08
C GLU A 80 32.93 4.31 33.87
N ASP A 81 32.92 5.40 34.63
CA ASP A 81 31.85 6.38 34.55
C ASP A 81 31.99 7.27 33.32
N GLU A 82 32.99 6.97 32.51
CA GLU A 82 33.21 7.75 31.31
C GLU A 82 32.25 7.27 30.23
N ALA A 83 31.31 8.13 29.87
CA ALA A 83 30.31 7.81 28.84
C ALA A 83 29.37 9.01 28.60
N ASP A 84 28.34 8.79 27.80
CA ASP A 84 27.39 9.82 27.49
C ASP A 84 26.16 9.68 28.40
N TYR A 85 25.68 10.80 28.89
CA TYR A 85 24.53 10.80 29.78
C TYR A 85 23.43 11.67 29.20
N TYR A 86 22.22 11.12 29.15
CA TYR A 86 21.06 11.81 28.59
C TYR A 86 19.89 11.87 29.58
N CYS A 87 19.20 13.00 29.61
CA CYS A 87 18.04 13.13 30.47
C CYS A 87 16.79 12.93 29.64
N TYR A 88 15.75 12.45 30.29
CA TYR A 88 14.49 12.16 29.64
C TYR A 88 13.35 12.71 30.44
N SER A 89 12.27 13.04 29.76
CA SER A 89 11.07 13.59 30.37
C SER A 89 10.12 13.77 29.20
N ASP A 90 9.27 14.79 29.25
CA ASP A 90 8.38 15.03 28.11
C ASP A 90 7.67 16.35 28.12
N ILE A 91 7.01 16.66 27.00
CA ILE A 91 6.29 17.91 26.83
C ILE A 91 5.08 18.01 27.70
N SER A 92 4.41 19.15 27.58
CA SER A 92 3.21 19.46 28.33
C SER A 92 1.96 18.75 27.89
N ASN A 93 2.14 17.67 27.15
CA ASN A 93 1.05 16.83 26.74
C ASN A 93 1.66 15.52 26.25
N GLY A 94 2.27 14.86 27.24
CA GLY A 94 2.89 13.54 27.17
C GLY A 94 3.94 13.08 26.19
N TYR A 95 4.28 13.82 25.14
CA TYR A 95 5.27 13.23 24.24
C TYR A 95 6.66 13.25 24.83
N PRO A 96 7.30 12.07 24.90
CA PRO A 96 8.64 11.91 25.44
C PRO A 96 9.75 12.72 24.76
N LEU A 97 10.77 13.07 25.55
CA LEU A 97 11.92 13.83 25.08
C LEU A 97 13.24 13.26 25.49
N PHE A 98 14.28 13.91 25.02
CA PHE A 98 15.65 13.55 25.32
C PHE A 98 16.49 14.81 25.27
N GLY A 99 17.50 14.90 26.13
CA GLY A 99 18.34 16.07 26.13
C GLY A 99 19.39 15.89 25.06
N GLY A 100 20.14 16.95 24.78
CA GLY A 100 21.18 16.86 23.77
C GLY A 100 22.19 15.80 24.15
N GLY A 101 22.32 15.56 25.44
CA GLY A 101 23.26 14.58 25.93
C GLY A 101 24.48 15.29 26.47
N THR A 102 25.28 14.58 27.26
CA THR A 102 26.49 15.16 27.81
C THR A 102 27.63 14.13 27.86
N LYS A 103 28.84 14.60 27.58
CA LYS A 103 30.01 13.72 27.59
C LYS A 103 30.74 13.86 28.94
N LEU A 104 31.00 12.71 29.58
CA LEU A 104 31.69 12.66 30.87
C LEU A 104 33.07 12.01 30.76
N SER A 105 34.13 12.82 30.90
CA SER A 105 35.51 12.35 30.80
C SER A 105 36.26 12.29 32.14
N VAL A 106 37.35 11.53 32.17
CA VAL A 106 38.15 11.38 33.39
C VAL A 106 39.58 11.97 33.50
N GLY A 107 40.62 11.16 33.30
CA GLY A 107 41.95 11.69 33.49
C GLY A 107 43.20 11.45 32.65
N GLN A 108 43.96 12.54 32.55
CA GLN A 108 45.24 12.66 31.84
C GLN A 108 45.42 14.17 31.78
N PRO A 109 46.63 14.66 31.47
CA PRO A 109 46.76 16.12 31.43
C PRO A 109 45.86 16.80 30.40
N LYS A 110 45.07 17.74 30.88
CA LYS A 110 44.13 18.49 30.07
C LYS A 110 44.84 19.35 29.00
N ALA A 111 44.29 19.35 27.78
CA ALA A 111 44.88 20.12 26.68
C ALA A 111 43.87 20.87 25.81
N ALA A 112 44.27 22.04 25.31
CA ALA A 112 43.38 22.84 24.45
C ALA A 112 43.57 22.47 22.96
N PRO A 113 42.48 22.47 22.20
CA PRO A 113 42.44 22.15 20.78
C PRO A 113 43.15 23.12 19.81
N SER A 114 43.82 22.54 18.82
CA SER A 114 44.51 23.32 17.80
C SER A 114 43.53 23.45 16.63
N VAL A 115 42.97 24.64 16.46
CA VAL A 115 42.00 24.89 15.41
C VAL A 115 42.60 25.54 14.18
N THR A 116 42.25 25.03 13.00
CA THR A 116 42.73 25.59 11.74
C THR A 116 41.53 25.72 10.83
N LEU A 117 41.36 26.89 10.20
CA LEU A 117 40.23 27.08 9.31
C LEU A 117 40.67 27.33 7.87
N PHE A 118 40.04 26.62 6.93
CA PHE A 118 40.35 26.76 5.52
C PHE A 118 39.13 27.23 4.76
N PRO A 119 39.32 28.12 3.77
CA PRO A 119 38.22 28.64 2.97
C PRO A 119 38.02 27.70 1.78
N PRO A 120 37.00 27.96 0.95
CA PRO A 120 36.77 27.09 -0.20
C PRO A 120 37.81 27.38 -1.27
N SER A 121 38.42 26.33 -1.80
CA SER A 121 39.42 26.49 -2.85
C SER A 121 38.75 27.04 -4.09
N SER A 122 39.41 27.98 -4.77
CA SER A 122 38.82 28.57 -5.98
C SER A 122 38.49 27.43 -6.92
N GLU A 123 39.27 26.36 -6.80
CA GLU A 123 39.11 25.16 -7.61
C GLU A 123 37.77 24.49 -7.33
N GLU A 124 37.49 24.13 -6.08
CA GLU A 124 36.21 23.52 -5.77
C GLU A 124 35.10 24.46 -6.18
N LEU A 125 35.36 25.76 -6.08
CA LEU A 125 34.34 26.72 -6.48
C LEU A 125 33.99 26.53 -7.94
N GLN A 126 35.00 26.31 -8.78
CA GLN A 126 34.79 26.08 -10.21
C GLN A 126 33.89 24.89 -10.42
N ALA A 127 33.76 24.06 -9.39
CA ALA A 127 32.92 22.87 -9.43
C ALA A 127 31.51 23.20 -8.92
N ASN A 128 31.24 24.49 -8.78
CA ASN A 128 29.94 24.94 -8.30
C ASN A 128 29.61 24.37 -6.93
N LYS A 129 30.58 24.44 -6.02
CA LYS A 129 30.45 23.96 -4.64
C LYS A 129 31.47 24.71 -3.78
N ALA A 130 31.13 24.89 -2.51
CA ALA A 130 32.01 25.58 -1.58
C ALA A 130 32.04 24.75 -0.31
N THR A 131 33.22 24.64 0.30
CA THR A 131 33.37 23.86 1.50
C THR A 131 34.43 24.40 2.43
N LEU A 132 34.00 24.85 3.61
CA LEU A 132 34.92 25.37 4.62
C LEU A 132 35.32 24.22 5.50
N VAL A 133 36.61 24.06 5.71
CA VAL A 133 37.11 22.98 6.54
C VAL A 133 37.69 23.51 7.84
N CYS A 134 37.27 22.91 8.96
CA CYS A 134 37.72 23.32 10.28
C CYS A 134 38.34 22.13 11.01
N LEU A 135 39.66 22.08 11.05
CA LEU A 135 40.35 20.97 11.72
C LEU A 135 40.70 21.33 13.15
N ILE A 136 40.31 20.45 14.07
CA ILE A 136 40.53 20.61 15.50
C ILE A 136 41.50 19.53 16.01
N SER A 137 42.72 19.95 16.38
CA SER A 137 43.75 19.00 16.81
C SER A 137 44.37 19.14 18.21
N ASP A 138 44.90 18.02 18.71
CA ASP A 138 45.57 17.91 20.02
C ASP A 138 44.80 18.24 21.30
N PHE A 139 43.49 18.02 21.32
CA PHE A 139 42.74 18.37 22.51
C PHE A 139 42.46 17.21 23.41
N TYR A 140 42.24 17.56 24.68
CA TYR A 140 41.94 16.59 25.74
C TYR A 140 41.25 17.29 26.91
N PRO A 141 40.23 16.65 27.49
CA PRO A 141 39.73 15.33 27.09
C PRO A 141 39.01 15.38 25.74
N GLY A 142 38.79 14.21 25.13
CA GLY A 142 38.12 14.16 23.83
C GLY A 142 36.68 14.61 23.72
N ALA A 143 36.43 15.91 23.87
CA ALA A 143 35.08 16.45 23.77
C ALA A 143 35.12 17.92 23.42
N VAL A 144 34.49 18.26 22.30
CA VAL A 144 34.46 19.64 21.82
C VAL A 144 33.09 20.00 21.24
N THR A 145 32.88 21.30 21.05
CA THR A 145 31.64 21.80 20.50
C THR A 145 31.99 22.73 19.36
N VAL A 146 31.34 22.52 18.21
CA VAL A 146 31.61 23.32 17.02
C VAL A 146 30.40 24.08 16.51
N ALA A 147 30.51 25.40 16.49
CA ALA A 147 29.43 26.23 15.98
C ALA A 147 29.97 27.08 14.84
N TRP A 148 29.23 27.18 13.75
CA TRP A 148 29.64 27.98 12.59
C TRP A 148 28.89 29.30 12.57
N LYS A 149 29.55 30.35 12.09
CA LYS A 149 28.95 31.67 12.03
C LYS A 149 29.05 32.32 10.66
N ALA A 150 27.90 32.74 10.14
CA ALA A 150 27.84 33.45 8.87
C ALA A 150 27.81 34.94 9.21
N ASP A 151 28.98 35.59 9.15
CA ASP A 151 29.11 37.01 9.48
C ASP A 151 28.68 37.28 10.91
N SER A 152 29.03 36.44 11.88
CA SER A 152 28.59 36.69 13.25
C SER A 152 27.17 36.19 13.52
N SER A 153 26.49 35.67 12.50
CA SER A 153 25.14 35.12 12.68
C SER A 153 25.34 33.60 12.69
N PRO A 154 24.54 32.87 13.48
CA PRO A 154 24.79 31.43 13.43
C PRO A 154 24.13 30.82 12.21
N ILE A 155 24.36 29.51 12.04
CA ILE A 155 23.82 28.76 10.93
C ILE A 155 24.01 27.28 11.24
N LYS A 156 23.07 26.44 10.84
CA LYS A 156 23.18 25.01 11.11
C LYS A 156 23.10 24.20 9.81
N ALA A 157 22.36 24.73 8.85
CA ALA A 157 22.18 24.06 7.58
C ALA A 157 23.51 23.95 6.83
N GLY A 158 24.02 22.72 6.70
CA GLY A 158 25.26 22.50 6.00
C GLY A 158 26.46 22.16 6.88
N VAL A 159 26.21 21.75 8.12
CA VAL A 159 27.32 21.39 8.99
C VAL A 159 27.40 19.88 9.24
N GLU A 160 28.62 19.36 9.23
CA GLU A 160 28.86 17.96 9.47
C GLU A 160 30.14 17.93 10.27
N THR A 161 30.04 17.62 11.55
CA THR A 161 31.21 17.58 12.41
C THR A 161 31.50 16.13 12.75
N THR A 162 32.77 15.81 12.96
CA THR A 162 33.12 14.44 13.31
C THR A 162 33.06 14.18 14.81
N THR A 163 33.24 12.92 15.16
CA THR A 163 33.26 12.50 16.54
C THR A 163 34.70 12.51 16.98
N PRO A 164 35.01 13.13 18.13
CA PRO A 164 36.38 13.18 18.63
C PRO A 164 37.14 11.87 18.43
N SER A 165 38.31 11.97 17.82
CA SER A 165 39.14 10.81 17.54
C SER A 165 40.44 10.81 18.35
N LYS A 166 40.92 9.63 18.71
CA LYS A 166 42.15 9.52 19.48
C LYS A 166 43.38 9.48 18.56
N GLN A 167 44.24 10.48 18.70
CA GLN A 167 45.46 10.54 17.90
C GLN A 167 46.42 9.54 18.53
N SER A 168 47.58 9.33 17.91
CA SER A 168 48.58 8.39 18.43
C SER A 168 49.20 8.90 19.75
N ASN A 169 49.16 10.21 19.95
CA ASN A 169 49.69 10.86 21.16
C ASN A 169 48.66 10.94 22.28
N ASN A 170 47.66 10.06 22.25
CA ASN A 170 46.63 10.03 23.26
C ASN A 170 45.83 11.32 23.46
N LYS A 171 45.89 12.22 22.48
CA LYS A 171 45.11 13.46 22.51
C LYS A 171 44.04 13.25 21.43
N TYR A 172 43.07 14.16 21.33
CA TYR A 172 42.02 13.94 20.34
C TYR A 172 41.97 14.85 19.12
N ALA A 173 41.43 14.29 18.04
CA ALA A 173 41.28 14.98 16.75
C ALA A 173 39.82 15.07 16.31
N ALA A 174 39.42 16.24 15.82
CA ALA A 174 38.06 16.48 15.36
C ALA A 174 38.08 17.31 14.09
N SER A 175 37.03 17.19 13.28
CA SER A 175 36.93 17.95 12.05
C SER A 175 35.48 18.33 11.81
N SER A 176 35.26 19.56 11.34
CA SER A 176 33.92 20.06 11.05
C SER A 176 33.90 20.67 9.66
N TYR A 177 32.82 20.45 8.91
CA TYR A 177 32.70 20.97 7.56
C TYR A 177 31.42 21.72 7.31
N LEU A 178 31.56 22.93 6.78
CA LEU A 178 30.41 23.74 6.47
C LEU A 178 30.29 23.86 4.97
N SER A 179 29.27 23.23 4.40
CA SER A 179 29.06 23.28 2.96
C SER A 179 28.14 24.41 2.53
N LEU A 180 28.66 25.28 1.68
CA LEU A 180 27.88 26.41 1.16
C LEU A 180 27.79 26.27 -0.36
N THR A 181 27.16 27.26 -0.99
CA THR A 181 27.06 27.27 -2.43
C THR A 181 28.01 28.39 -2.82
N PRO A 182 28.65 28.30 -4.00
CA PRO A 182 29.58 29.36 -4.40
C PRO A 182 29.01 30.76 -4.19
N GLU A 183 27.69 30.85 -4.24
CA GLU A 183 26.99 32.12 -4.08
C GLU A 183 26.95 32.62 -2.64
N GLN A 184 26.72 31.71 -1.69
CA GLN A 184 26.68 32.09 -0.29
C GLN A 184 28.07 32.47 0.19
N TRP A 185 29.07 31.68 -0.22
CA TRP A 185 30.44 31.95 0.16
C TRP A 185 30.80 33.39 -0.16
N LYS A 186 30.31 33.88 -1.29
CA LYS A 186 30.58 35.25 -1.67
C LYS A 186 29.53 36.20 -1.15
N SER A 187 28.34 35.65 -0.84
CA SER A 187 27.24 36.44 -0.31
C SER A 187 27.71 37.24 0.91
N HIS A 188 27.97 36.53 2.01
CA HIS A 188 28.45 37.15 3.25
C HIS A 188 29.85 37.68 3.05
N ARG A 189 30.46 38.18 4.12
CA ARG A 189 31.80 38.73 4.03
C ARG A 189 32.77 38.08 5.02
N SER A 190 32.28 37.07 5.72
CA SER A 190 33.11 36.35 6.68
C SER A 190 32.40 35.15 7.29
N TYR A 191 33.10 34.04 7.37
CA TYR A 191 32.54 32.85 7.97
C TYR A 191 33.51 32.48 9.08
N SER A 192 32.99 31.97 10.19
CA SER A 192 33.84 31.63 11.31
C SER A 192 33.53 30.29 11.96
N CYS A 193 34.58 29.58 12.33
CA CYS A 193 34.46 28.28 12.96
C CYS A 193 34.94 28.35 14.40
N GLN A 194 34.02 28.37 15.36
CA GLN A 194 34.40 28.44 16.77
C GLN A 194 34.30 27.10 17.49
N VAL A 195 35.44 26.62 17.97
CA VAL A 195 35.51 25.37 18.70
C VAL A 195 35.66 25.60 20.21
N THR A 196 34.59 25.39 20.95
CA THR A 196 34.65 25.58 22.40
C THR A 196 34.96 24.23 23.05
N HIS A 197 35.98 24.22 23.92
CA HIS A 197 36.42 23.01 24.63
C HIS A 197 36.85 23.37 26.05
N GLU A 198 36.10 22.84 27.03
CA GLU A 198 36.31 23.04 28.47
C GLU A 198 36.12 24.49 28.89
N GLY A 199 35.06 25.11 28.38
CA GLY A 199 34.79 26.50 28.72
C GLY A 199 35.60 27.42 27.82
N SER A 200 36.71 26.88 27.32
CA SER A 200 37.60 27.63 26.45
C SER A 200 37.06 27.65 25.03
N THR A 201 37.19 28.78 24.35
CA THR A 201 36.70 28.93 22.99
C THR A 201 37.74 29.50 22.03
N VAL A 202 38.05 28.75 20.99
CA VAL A 202 39.01 29.17 19.96
C VAL A 202 38.17 29.50 18.72
N GLU A 203 38.26 30.73 18.21
CA GLU A 203 37.46 31.06 17.04
C GLU A 203 38.21 31.63 15.83
N LYS A 204 38.52 30.76 14.87
CA LYS A 204 39.20 31.18 13.65
C LYS A 204 38.19 31.63 12.59
N THR A 205 38.52 32.66 11.82
CA THR A 205 37.62 33.16 10.78
C THR A 205 38.32 33.34 9.44
N VAL A 206 37.55 33.25 8.37
CA VAL A 206 38.07 33.40 7.02
C VAL A 206 37.05 34.23 6.25
N ALA A 207 37.51 34.97 5.25
CA ALA A 207 36.61 35.79 4.45
C ALA A 207 37.11 35.84 3.01
N PRO A 208 36.18 35.89 2.04
CA PRO A 208 36.53 35.95 0.61
C PRO A 208 37.59 36.99 0.19
N THR A 209 38.81 36.48 0.09
CA THR A 209 39.99 37.26 -0.30
C THR A 209 41.12 36.29 -0.64
N GLU B 1 17.16 -13.53 32.64
CA GLU B 1 16.65 -12.22 33.08
C GLU B 1 16.32 -11.34 31.88
N VAL B 2 15.97 -10.08 32.15
CA VAL B 2 15.60 -9.13 31.10
C VAL B 2 16.60 -9.07 29.94
N GLN B 3 16.09 -9.20 28.73
CA GLN B 3 16.94 -9.14 27.55
C GLN B 3 16.16 -8.79 26.29
N LEU B 4 16.69 -7.82 25.56
CA LEU B 4 16.06 -7.37 24.32
C LEU B 4 17.01 -7.51 23.15
N VAL B 5 16.52 -8.03 22.04
CA VAL B 5 17.34 -8.24 20.85
C VAL B 5 16.70 -7.71 19.55
N GLU B 6 17.34 -6.71 18.95
CA GLU B 6 16.86 -6.12 17.70
C GLU B 6 17.35 -6.92 16.51
N SER B 7 16.89 -6.52 15.33
CA SER B 7 17.27 -7.16 14.08
C SER B 7 16.50 -6.53 12.95
N GLY B 8 16.86 -6.87 11.73
CA GLY B 8 16.16 -6.32 10.58
C GLY B 8 16.86 -5.09 10.04
N GLY B 9 17.64 -4.44 10.90
CA GLY B 9 18.36 -3.26 10.47
C GLY B 9 19.29 -3.67 9.33
N GLY B 10 19.50 -2.77 8.38
CA GLY B 10 20.37 -3.11 7.28
C GLY B 10 20.68 -1.89 6.45
N LEU B 11 20.96 -2.10 5.18
CA LEU B 11 21.27 -1.01 4.29
C LEU B 11 20.25 -0.96 3.18
N VAL B 12 19.58 0.19 3.08
CA VAL B 12 18.56 0.39 2.05
C VAL B 12 18.63 1.81 1.50
N GLN B 13 17.88 2.05 0.42
CA GLN B 13 17.89 3.35 -0.21
C GLN B 13 16.67 4.19 0.07
N PRO B 14 16.80 5.51 -0.08
CA PRO B 14 15.68 6.43 0.15
C PRO B 14 14.37 5.94 -0.45
N GLY B 15 13.26 6.20 0.24
CA GLY B 15 11.97 5.77 -0.25
C GLY B 15 11.70 4.31 0.03
N GLU B 16 12.75 3.49 -0.03
CA GLU B 16 12.61 2.06 0.22
C GLU B 16 11.97 1.81 1.58
N SER B 17 11.81 0.54 1.93
CA SER B 17 11.20 0.18 3.21
C SER B 17 12.03 -0.81 4.00
N LEU B 18 11.67 -0.96 5.27
CA LEU B 18 12.38 -1.88 6.14
C LEU B 18 11.57 -2.11 7.39
N LYS B 19 11.59 -3.33 7.90
CA LYS B 19 10.84 -3.68 9.09
C LYS B 19 11.74 -4.30 10.17
N LEU B 20 11.96 -3.54 11.24
CA LEU B 20 12.79 -3.99 12.36
C LEU B 20 12.00 -4.87 13.29
N SER B 21 12.67 -5.70 14.06
CA SER B 21 11.96 -6.54 14.98
C SER B 21 12.72 -6.58 16.30
N CYS B 22 11.98 -6.71 17.39
CA CYS B 22 12.54 -6.73 18.73
C CYS B 22 11.89 -7.86 19.49
N THR B 23 12.66 -8.87 19.84
CA THR B 23 12.12 -10.00 20.57
C THR B 23 12.70 -9.95 21.99
N ALA B 24 11.84 -10.08 22.97
CA ALA B 24 12.25 -10.01 24.36
C ALA B 24 12.16 -11.34 25.08
N SER B 25 12.94 -11.47 26.14
CA SER B 25 12.94 -12.67 26.95
C SER B 25 13.30 -12.22 28.37
N GLY B 26 12.81 -12.95 29.37
CA GLY B 26 13.11 -12.59 30.75
C GLY B 26 11.94 -11.87 31.42
N PHE B 27 10.94 -11.53 30.61
CA PHE B 27 9.74 -10.85 31.10
C PHE B 27 8.56 -10.96 30.14
N SER B 28 7.37 -10.70 30.67
CA SER B 28 6.14 -10.73 29.90
C SER B 28 5.99 -9.42 29.11
N LEU B 29 6.16 -9.52 27.80
CA LEU B 29 6.07 -8.32 26.97
C LEU B 29 4.71 -7.65 27.15
N SER B 30 3.67 -8.47 27.25
CA SER B 30 2.33 -7.95 27.39
C SER B 30 2.07 -7.11 28.63
N ASN B 31 2.98 -7.16 29.60
CA ASN B 31 2.81 -6.37 30.83
C ASN B 31 3.41 -5.00 30.73
N TYR B 32 4.15 -4.75 29.67
CA TYR B 32 4.80 -3.45 29.51
C TYR B 32 4.47 -2.71 28.24
N TYR B 33 4.93 -1.48 28.25
CA TYR B 33 4.76 -0.57 27.16
C TYR B 33 6.12 -0.65 26.48
N MET B 34 6.17 -0.53 25.15
CA MET B 34 7.46 -0.57 24.44
C MET B 34 7.70 0.69 23.61
N THR B 35 8.97 0.95 23.33
CA THR B 35 9.34 2.10 22.55
C THR B 35 10.55 1.82 21.65
N TRP B 36 10.76 2.67 20.65
CA TRP B 36 11.88 2.59 19.74
C TRP B 36 12.46 3.96 19.84
N VAL B 37 13.76 4.01 20.12
CA VAL B 37 14.52 5.24 20.23
C VAL B 37 15.66 5.04 19.26
N ARG B 38 15.91 6.03 18.42
CA ARG B 38 17.00 5.89 17.46
C ARG B 38 18.09 6.90 17.73
N GLN B 39 19.25 6.60 17.19
CA GLN B 39 20.41 7.45 17.33
C GLN B 39 21.30 7.40 16.11
N ALA B 40 21.42 8.55 15.45
CA ALA B 40 22.24 8.70 14.27
C ALA B 40 23.69 8.72 14.75
N PRO B 41 24.61 8.12 13.98
CA PRO B 41 26.01 8.11 14.39
C PRO B 41 26.51 9.43 14.96
N GLY B 42 27.05 9.36 16.18
CA GLY B 42 27.59 10.52 16.84
C GLY B 42 26.58 11.57 17.24
N LYS B 43 25.32 11.19 17.32
CA LYS B 43 24.33 12.17 17.71
C LYS B 43 23.56 11.69 18.94
N GLY B 44 22.66 12.53 19.44
CA GLY B 44 21.89 12.18 20.61
C GLY B 44 20.89 11.08 20.39
N LEU B 45 20.11 10.80 21.44
CA LEU B 45 19.09 9.79 21.36
C LEU B 45 17.83 10.52 20.94
N GLU B 46 17.13 9.97 19.95
CA GLU B 46 15.89 10.58 19.49
C GLU B 46 14.76 9.58 19.67
N TRP B 47 13.67 10.04 20.27
CA TRP B 47 12.51 9.18 20.51
C TRP B 47 11.71 8.96 19.24
N VAL B 48 11.23 7.74 19.04
CA VAL B 48 10.45 7.41 17.86
C VAL B 48 8.99 7.10 18.20
N THR B 49 8.76 5.97 18.88
CA THR B 49 7.41 5.59 19.25
C THR B 49 7.28 4.92 20.58
N ASN B 50 6.03 4.78 20.98
CA ASN B 50 5.62 4.09 22.20
C ASN B 50 4.38 3.31 21.76
N ILE B 51 4.21 2.10 22.28
CA ILE B 51 3.06 1.30 21.92
C ILE B 51 2.48 0.65 23.16
N ARG B 52 1.20 0.93 23.41
CA ARG B 52 0.50 0.39 24.58
C ARG B 52 0.48 -1.13 24.52
N PRO B 53 0.47 -1.78 25.68
CA PRO B 53 0.46 -3.24 25.68
C PRO B 53 -0.71 -3.88 24.91
N ASP B 54 -1.90 -3.29 24.98
CA ASP B 54 -3.02 -3.87 24.25
C ASP B 54 -3.09 -3.30 22.84
N GLU B 55 -2.06 -2.53 22.49
CA GLU B 55 -1.92 -1.94 21.16
C GLU B 55 -3.01 -0.96 20.75
N THR B 56 -3.80 -0.50 21.73
CA THR B 56 -4.88 0.43 21.43
C THR B 56 -4.39 1.85 21.23
N GLU B 57 -3.14 2.08 21.57
CA GLU B 57 -2.58 3.41 21.39
C GLU B 57 -1.17 3.26 20.88
N LYS B 58 -0.83 4.11 19.92
CA LYS B 58 0.48 4.12 19.32
C LYS B 58 0.91 5.57 19.15
N PHE B 59 2.08 5.92 19.67
CA PHE B 59 2.54 7.29 19.56
C PHE B 59 3.82 7.39 18.76
N TYR B 60 3.86 8.37 17.86
CA TYR B 60 5.02 8.56 17.00
C TYR B 60 5.53 9.99 17.04
N SER B 61 6.83 10.13 16.80
CA SER B 61 7.46 11.43 16.76
C SER B 61 7.03 12.06 15.45
N ASP B 62 6.87 13.38 15.41
CA ASP B 62 6.48 14.05 14.17
C ASP B 62 7.36 13.57 13.01
N SER B 63 8.66 13.59 13.23
CA SER B 63 9.62 13.19 12.21
C SER B 63 9.27 11.89 11.50
N VAL B 64 8.66 10.94 12.22
CA VAL B 64 8.31 9.67 11.60
C VAL B 64 6.83 9.34 11.45
N LYS B 65 5.95 10.13 12.08
CA LYS B 65 4.49 9.88 12.02
C LYS B 65 3.96 9.77 10.61
N GLY B 66 3.30 8.65 10.30
CA GLY B 66 2.77 8.50 8.95
C GLY B 66 3.54 7.47 8.14
N ARG B 67 4.87 7.43 8.29
CA ARG B 67 5.73 6.49 7.58
C ARG B 67 6.08 5.24 8.40
N PHE B 68 6.31 5.44 9.69
CA PHE B 68 6.60 4.35 10.63
C PHE B 68 5.33 3.95 11.36
N THR B 69 5.20 2.65 11.62
CA THR B 69 4.07 2.10 12.34
C THR B 69 4.55 1.01 13.31
N VAL B 70 4.19 1.15 14.58
CA VAL B 70 4.60 0.18 15.59
C VAL B 70 3.57 -0.90 15.72
N SER B 71 4.03 -2.09 16.10
CA SER B 71 3.13 -3.20 16.27
C SER B 71 3.75 -4.22 17.23
N ARG B 72 2.90 -5.02 17.85
CA ARG B 72 3.40 -6.00 18.78
C ARG B 72 2.69 -7.35 18.69
N ASP B 73 3.24 -8.34 19.39
CA ASP B 73 2.70 -9.68 19.43
C ASP B 73 3.11 -10.24 20.79
N ASN B 74 2.48 -9.72 21.84
CA ASN B 74 2.78 -10.14 23.21
C ASN B 74 2.89 -11.66 23.38
N ALA B 75 2.27 -12.39 22.46
CA ALA B 75 2.28 -13.86 22.48
C ALA B 75 3.67 -14.33 22.12
N ARG B 76 4.21 -13.73 21.06
CA ARG B 76 5.54 -14.06 20.59
C ARG B 76 6.57 -13.09 21.13
N ASN B 77 6.25 -12.44 22.24
CA ASN B 77 7.17 -11.48 22.86
C ASN B 77 7.93 -10.72 21.81
N SER B 78 7.21 -10.06 20.89
CA SER B 78 7.85 -9.30 19.82
C SER B 78 7.26 -7.93 19.55
N LEU B 79 8.15 -6.97 19.30
CA LEU B 79 7.78 -5.59 18.99
C LEU B 79 8.18 -5.47 17.53
N PHE B 80 7.51 -4.62 16.77
CA PHE B 80 7.87 -4.46 15.37
C PHE B 80 7.76 -3.02 14.97
N ASN B 81 8.70 -2.59 14.13
CA ASN B 81 8.73 -1.24 13.64
C ASN B 81 8.89 -1.27 12.12
N SER B 82 7.81 -1.00 11.41
CA SER B 82 7.85 -0.98 9.96
C SER B 82 8.05 0.45 9.52
N MET B 83 9.17 0.68 8.83
CA MET B 83 9.51 1.99 8.30
C MET B 83 9.28 1.95 6.79
N SER B 84 8.66 2.99 6.25
CA SER B 84 8.42 3.06 4.83
C SER B 84 8.82 4.47 4.41
N LEU B 85 8.98 4.68 3.10
CA LEU B 85 9.37 6.00 2.59
C LEU B 85 10.60 6.54 3.29
N GLN B 86 11.62 5.70 3.36
CA GLN B 86 12.87 6.02 4.01
C GLN B 86 13.49 7.34 3.59
N ARG B 87 14.12 8.02 4.54
CA ARG B 87 14.80 9.27 4.25
C ARG B 87 16.21 9.05 4.75
N VAL B 88 17.15 9.89 4.30
CA VAL B 88 18.52 9.73 4.75
C VAL B 88 18.55 9.94 6.25
N GLU B 89 17.88 11.00 6.69
CA GLU B 89 17.83 11.34 8.11
C GLU B 89 17.31 10.24 9.03
N ASP B 90 16.67 9.22 8.47
CA ASP B 90 16.18 8.14 9.31
C ASP B 90 17.33 7.20 9.61
N THR B 91 18.46 7.41 8.95
CA THR B 91 19.63 6.58 9.20
C THR B 91 20.15 6.82 10.62
N ALA B 92 20.30 5.71 11.35
CA ALA B 92 20.73 5.73 12.73
C ALA B 92 20.60 4.32 13.28
N THR B 93 20.88 4.16 14.58
CA THR B 93 20.74 2.85 15.19
C THR B 93 19.42 2.80 15.94
N TYR B 94 18.62 1.80 15.62
CA TYR B 94 17.32 1.67 16.25
C TYR B 94 17.30 0.76 17.48
N TYR B 95 17.00 1.38 18.60
CA TYR B 95 16.94 0.71 19.88
C TYR B 95 15.50 0.49 20.26
N CYS B 96 15.16 -0.70 20.75
CA CYS B 96 13.81 -0.93 21.24
C CYS B 96 14.09 -1.13 22.71
N ALA B 97 13.25 -0.56 23.55
CA ALA B 97 13.43 -0.65 24.98
C ALA B 97 12.10 -0.90 25.66
N ARG B 98 12.18 -1.40 26.88
CA ARG B 98 11.01 -1.67 27.67
C ARG B 98 10.73 -0.35 28.37
N VAL B 99 9.49 0.10 28.28
CA VAL B 99 9.14 1.35 28.91
C VAL B 99 8.85 1.08 30.36
N SER B 100 9.54 1.79 31.24
CA SER B 100 9.36 1.61 32.68
C SER B 100 7.90 1.86 33.03
N ASP B 101 7.51 1.63 34.28
CA ASP B 101 6.12 1.84 34.65
C ASP B 101 5.94 2.89 35.73
N PHE B 102 7.01 3.62 36.07
CA PHE B 102 6.89 4.66 37.09
C PHE B 102 7.19 6.04 36.55
N GLY B 103 6.89 7.09 37.32
CA GLY B 103 7.16 8.45 36.85
C GLY B 103 6.53 8.56 35.48
N ASP B 104 6.88 9.56 34.68
CA ASP B 104 6.32 9.58 33.36
C ASP B 104 6.94 8.33 32.75
N TYR B 105 6.96 8.18 31.45
CA TYR B 105 7.39 6.89 30.91
C TYR B 105 8.79 6.64 30.36
N GLY B 106 9.84 6.78 31.15
CA GLY B 106 11.17 6.51 30.61
C GLY B 106 11.46 5.02 30.45
N PRO B 107 12.40 4.63 29.57
CA PRO B 107 12.58 3.17 29.54
C PRO B 107 13.53 2.74 30.65
N ASP B 108 13.62 1.43 30.89
CA ASP B 108 14.53 0.93 31.90
C ASP B 108 15.57 0.00 31.29
N PHE B 109 15.15 -0.82 30.34
CA PHE B 109 16.06 -1.76 29.72
C PHE B 109 16.07 -1.59 28.21
N TRP B 110 17.25 -1.35 27.65
CA TRP B 110 17.40 -1.16 26.22
C TRP B 110 18.10 -2.35 25.58
N GLY B 111 17.75 -2.66 24.33
CA GLY B 111 18.43 -3.74 23.62
C GLY B 111 19.68 -3.10 23.05
N GLN B 112 20.57 -3.87 22.44
CA GLN B 112 21.78 -3.24 21.91
C GLN B 112 21.54 -2.47 20.64
N GLY B 113 20.39 -2.68 20.00
CA GLY B 113 20.07 -1.95 18.79
C GLY B 113 20.47 -2.63 17.49
N THR B 114 19.87 -2.15 16.40
CA THR B 114 20.15 -2.68 15.08
C THR B 114 20.42 -1.47 14.21
N LEU B 115 21.51 -1.51 13.43
CA LEU B 115 21.89 -0.39 12.58
C LEU B 115 21.15 -0.30 11.26
N VAL B 116 20.66 0.90 10.98
CA VAL B 116 19.92 1.18 9.77
C VAL B 116 20.58 2.30 8.98
N SER B 117 21.20 1.88 7.88
CA SER B 117 21.89 2.77 6.97
C SER B 117 20.95 2.96 5.80
N VAL B 118 21.03 4.12 5.19
CA VAL B 118 20.14 4.44 4.08
C VAL B 118 20.77 5.41 3.12
N THR B 119 21.28 4.87 2.00
CA THR B 119 21.91 5.69 0.98
C THR B 119 21.86 5.10 -0.42
N SER B 120 22.30 5.92 -1.37
CA SER B 120 22.39 5.53 -2.76
C SER B 120 23.87 5.51 -3.06
N ALA B 121 24.67 5.85 -2.06
CA ALA B 121 26.11 5.86 -2.22
C ALA B 121 26.57 4.60 -2.92
N SER B 122 27.24 4.77 -4.05
CA SER B 122 27.76 3.63 -4.80
C SER B 122 29.23 3.52 -4.50
N THR B 123 30.06 4.02 -5.39
CA THR B 123 31.50 3.96 -5.19
C THR B 123 32.16 5.18 -5.82
N LYS B 124 31.83 6.38 -5.37
CA LYS B 124 32.46 7.55 -5.96
C LYS B 124 33.93 7.61 -5.60
N GLY B 125 34.70 8.36 -6.38
CA GLY B 125 36.10 8.51 -6.11
C GLY B 125 36.20 9.87 -5.47
N PRO B 126 37.31 10.15 -4.78
CA PRO B 126 37.49 11.43 -4.11
C PRO B 126 37.94 12.56 -5.01
N SER B 127 37.43 13.76 -4.76
CA SER B 127 37.86 14.94 -5.51
C SER B 127 38.92 15.48 -4.57
N VAL B 128 39.99 16.06 -5.07
CA VAL B 128 40.99 16.55 -4.16
C VAL B 128 41.28 18.01 -4.41
N PHE B 129 40.93 18.83 -3.44
CA PHE B 129 41.13 20.26 -3.55
C PHE B 129 42.21 20.73 -2.59
N PRO B 130 42.94 21.79 -2.97
CA PRO B 130 44.02 22.34 -2.15
C PRO B 130 43.56 23.13 -0.95
N LEU B 131 44.24 22.92 0.17
CA LEU B 131 43.92 23.61 1.40
C LEU B 131 45.04 24.54 1.80
N ALA B 132 44.81 25.84 1.57
CA ALA B 132 45.78 26.87 1.91
C ALA B 132 45.04 28.11 2.39
N PRO B 133 45.67 28.88 3.29
CA PRO B 133 45.05 30.10 3.83
C PRO B 133 45.11 31.29 2.87
N CYS B 134 44.34 32.33 3.19
CA CYS B 134 44.30 33.54 2.37
C CYS B 134 45.62 34.31 2.44
N SER B 135 45.65 35.34 3.30
CA SER B 135 46.86 36.15 3.45
C SER B 135 47.30 36.31 4.91
N ARG B 136 46.35 36.17 5.83
CA ARG B 136 46.65 36.29 7.26
C ARG B 136 47.56 35.15 7.75
N SER B 137 47.04 33.93 7.69
CA SER B 137 47.77 32.74 8.14
C SER B 137 48.98 32.39 7.25
N THR B 138 49.08 33.05 6.11
CA THR B 138 50.20 32.84 5.18
C THR B 138 51.42 33.56 5.72
N SER B 139 51.18 34.56 6.57
CA SER B 139 52.24 35.38 7.17
C SER B 139 52.74 34.92 8.54
N GLU B 140 52.78 33.61 8.74
CA GLU B 140 53.26 33.05 10.00
C GLU B 140 54.63 32.43 9.77
N SER B 141 55.20 31.88 10.84
CA SER B 141 56.51 31.22 10.75
C SER B 141 56.36 29.75 10.31
N THR B 142 55.14 29.22 10.46
CA THR B 142 54.84 27.83 10.11
C THR B 142 53.33 27.65 9.95
N ALA B 143 52.80 27.95 8.77
CA ALA B 143 51.37 27.78 8.56
C ALA B 143 51.09 26.33 8.19
N ALA B 144 49.87 26.03 7.79
CA ALA B 144 49.54 24.67 7.42
C ALA B 144 48.98 24.59 6.01
N LEU B 145 49.35 23.53 5.31
CA LEU B 145 48.88 23.29 3.95
C LEU B 145 48.23 21.92 3.96
N GLY B 146 47.25 21.72 3.09
CA GLY B 146 46.60 20.43 3.08
C GLY B 146 45.75 20.15 1.88
N CYS B 147 45.26 18.92 1.86
CA CYS B 147 44.41 18.41 0.80
C CYS B 147 43.04 18.01 1.32
N LEU B 148 42.01 18.51 0.66
CA LEU B 148 40.65 18.20 1.01
C LEU B 148 40.15 17.06 0.11
N VAL B 149 40.08 15.86 0.67
CA VAL B 149 39.62 14.69 -0.05
C VAL B 149 38.09 14.62 0.10
N LYS B 150 37.39 15.37 -0.74
CA LYS B 150 35.93 15.47 -0.72
C LYS B 150 35.13 14.39 -1.48
N ASP B 151 33.92 14.15 -0.97
CA ASP B 151 32.95 13.19 -1.51
C ASP B 151 33.42 11.86 -2.07
N TYR B 152 33.72 10.88 -1.23
CA TYR B 152 34.12 9.58 -1.75
C TYR B 152 33.34 8.49 -1.06
N PHE B 153 33.50 7.26 -1.52
CA PHE B 153 32.78 6.14 -0.94
C PHE B 153 33.14 4.81 -1.60
N PRO B 154 33.34 3.76 -0.80
CA PRO B 154 33.25 3.75 0.66
C PRO B 154 34.66 3.85 1.24
N GLU B 155 34.76 3.95 2.57
CA GLU B 155 36.08 4.02 3.19
C GLU B 155 36.87 2.78 2.79
N PRO B 156 38.21 2.80 2.99
CA PRO B 156 39.04 3.87 3.55
C PRO B 156 39.85 4.59 2.47
N VAL B 157 40.45 5.71 2.87
CA VAL B 157 41.28 6.54 2.01
C VAL B 157 42.67 6.64 2.62
N THR B 158 43.72 6.53 1.80
CA THR B 158 45.09 6.63 2.29
C THR B 158 45.74 7.93 1.86
N VAL B 159 46.19 8.73 2.82
CA VAL B 159 46.83 9.95 2.42
C VAL B 159 48.29 9.92 2.82
N SER B 160 49.11 10.56 2.01
CA SER B 160 50.53 10.63 2.27
C SER B 160 51.08 11.92 1.67
N TRP B 161 52.37 12.16 1.85
CA TRP B 161 52.95 13.35 1.30
C TRP B 161 54.31 13.10 0.69
N ASN B 162 54.49 13.66 -0.50
CA ASN B 162 55.72 13.52 -1.24
C ASN B 162 56.04 12.05 -1.34
N SER B 163 55.06 11.29 -1.82
CA SER B 163 55.17 9.85 -2.01
C SER B 163 55.74 9.10 -0.79
N GLY B 164 55.43 9.58 0.41
CA GLY B 164 55.92 8.92 1.60
C GLY B 164 57.11 9.60 2.26
N ALA B 165 57.78 10.50 1.54
CA ALA B 165 58.92 11.21 2.09
C ALA B 165 58.52 11.95 3.35
N LEU B 166 57.73 12.99 3.16
CA LEU B 166 57.29 13.81 4.28
C LEU B 166 56.37 13.03 5.22
N THR B 167 56.69 13.11 6.53
CA THR B 167 55.95 12.43 7.61
C THR B 167 55.69 13.37 8.78
N SER B 168 56.68 14.19 9.13
CA SER B 168 56.51 15.10 10.25
C SER B 168 55.58 16.27 9.93
N GLY B 169 54.68 16.57 10.86
CA GLY B 169 53.73 17.66 10.67
C GLY B 169 52.45 17.20 10.02
N VAL B 170 52.48 15.99 9.48
CA VAL B 170 51.33 15.40 8.80
C VAL B 170 50.26 14.95 9.78
N HIS B 171 49.02 15.31 9.48
CA HIS B 171 47.87 14.97 10.31
C HIS B 171 46.67 14.71 9.41
N THR B 172 46.43 13.45 9.09
CA THR B 172 45.29 13.07 8.25
C THR B 172 44.10 12.84 9.19
N PHE B 173 43.13 13.76 9.15
CA PHE B 173 41.94 13.68 9.99
C PHE B 173 40.96 12.57 9.62
N PRO B 174 40.14 12.12 10.59
CA PRO B 174 39.17 11.06 10.32
C PRO B 174 38.11 11.61 9.39
N ALA B 175 37.60 10.73 8.53
CA ALA B 175 36.60 11.11 7.55
C ALA B 175 35.31 11.50 8.21
N VAL B 176 34.59 12.42 7.58
CA VAL B 176 33.30 12.87 8.06
C VAL B 176 32.27 12.21 7.16
N LEU B 177 31.21 11.65 7.73
CA LEU B 177 30.21 11.03 6.87
C LEU B 177 29.11 12.05 6.55
N GLN B 178 29.32 12.84 5.50
CA GLN B 178 28.34 13.86 5.09
C GLN B 178 26.94 13.26 4.94
N SER B 179 25.93 14.13 4.93
CA SER B 179 24.53 13.70 4.80
C SER B 179 24.36 12.77 3.60
N SER B 180 24.82 13.22 2.43
CA SER B 180 24.71 12.46 1.19
C SER B 180 25.53 11.16 1.19
N GLY B 181 25.40 10.37 2.25
CA GLY B 181 26.14 9.12 2.38
C GLY B 181 27.57 9.04 1.86
N LEU B 182 28.23 10.18 1.62
CA LEU B 182 29.60 10.23 1.08
C LEU B 182 30.63 10.85 2.03
N TYR B 183 31.76 10.15 2.16
CA TYR B 183 32.84 10.57 3.02
C TYR B 183 33.72 11.68 2.46
N SER B 184 34.38 12.38 3.37
CA SER B 184 35.28 13.48 3.08
C SER B 184 36.25 13.53 4.26
N LEU B 185 37.48 13.96 4.04
CA LEU B 185 38.45 14.04 5.11
C LEU B 185 39.53 14.99 4.66
N SER B 186 40.21 15.64 5.58
CA SER B 186 41.27 16.54 5.18
C SER B 186 42.59 15.95 5.62
N SER B 187 43.69 16.54 5.20
CA SER B 187 45.01 16.09 5.60
C SER B 187 45.88 17.30 5.52
N VAL B 188 46.39 17.74 6.66
CA VAL B 188 47.24 18.91 6.68
C VAL B 188 48.62 18.56 7.17
N VAL B 189 49.60 19.25 6.65
CA VAL B 189 50.97 19.03 7.06
C VAL B 189 51.46 20.42 7.39
N THR B 190 51.79 20.61 8.66
CA THR B 190 52.27 21.89 9.14
C THR B 190 53.76 22.04 8.78
N VAL B 191 54.08 23.17 8.13
CA VAL B 191 55.44 23.46 7.67
C VAL B 191 55.78 24.95 7.75
N PRO B 192 57.08 25.27 7.87
CA PRO B 192 57.54 26.66 7.95
C PRO B 192 57.20 27.45 6.69
N SER B 193 56.72 28.68 6.85
CA SER B 193 56.37 29.52 5.71
C SER B 193 57.65 30.18 5.18
N SER B 194 58.76 29.91 5.85
CA SER B 194 60.06 30.46 5.45
C SER B 194 60.58 29.74 4.20
N SER B 195 60.83 28.44 4.34
CA SER B 195 61.31 27.60 3.25
C SER B 195 60.13 26.95 2.52
N LEU B 196 58.99 27.64 2.53
CA LEU B 196 57.76 27.16 1.91
C LEU B 196 57.84 27.31 0.40
N GLY B 197 58.34 28.47 -0.05
CA GLY B 197 58.47 28.73 -1.48
C GLY B 197 59.72 28.14 -2.13
N THR B 198 60.23 27.05 -1.56
CA THR B 198 61.41 26.39 -2.09
C THR B 198 61.20 24.88 -2.12
N LYS B 199 60.39 24.39 -1.18
CA LYS B 199 60.09 22.96 -1.08
C LYS B 199 58.73 22.66 -1.73
N THR B 200 58.52 21.40 -2.06
CA THR B 200 57.29 20.95 -2.68
C THR B 200 56.40 20.16 -1.71
N TYR B 201 55.11 20.47 -1.71
CA TYR B 201 54.16 19.77 -0.85
C TYR B 201 53.11 19.10 -1.72
N THR B 202 53.17 17.76 -1.76
CA THR B 202 52.25 17.00 -2.59
C THR B 202 51.61 15.81 -1.87
N CYS B 203 50.31 15.86 -1.66
CA CYS B 203 49.66 14.75 -1.02
C CYS B 203 49.34 13.71 -2.07
N ASN B 204 49.34 12.45 -1.65
CA ASN B 204 49.05 11.35 -2.53
C ASN B 204 47.86 10.59 -1.95
N VAL B 205 46.67 10.94 -2.43
CA VAL B 205 45.46 10.30 -1.96
C VAL B 205 45.25 8.99 -2.69
N ASN B 206 44.98 7.93 -1.94
CA ASN B 206 44.75 6.61 -2.53
C ASN B 206 43.38 6.11 -2.08
N HIS B 207 42.56 5.64 -3.01
CA HIS B 207 41.21 5.15 -2.70
C HIS B 207 40.93 3.84 -3.45
N LYS B 208 41.61 2.77 -3.06
CA LYS B 208 41.44 1.49 -3.74
C LYS B 208 40.00 1.09 -4.08
N PRO B 209 39.06 1.25 -3.13
CA PRO B 209 37.67 0.88 -3.42
C PRO B 209 37.20 1.42 -4.78
N SER B 210 37.70 2.60 -5.12
CA SER B 210 37.35 3.28 -6.34
C SER B 210 38.43 3.09 -7.39
N ASN B 211 39.56 2.53 -6.96
CA ASN B 211 40.68 2.29 -7.86
C ASN B 211 41.20 3.64 -8.34
N THR B 212 41.24 4.60 -7.43
CA THR B 212 41.68 5.94 -7.76
C THR B 212 42.92 6.34 -6.97
N LYS B 213 43.78 7.15 -7.59
CA LYS B 213 44.98 7.63 -6.91
C LYS B 213 45.18 9.05 -7.42
N VAL B 214 45.19 10.01 -6.52
CA VAL B 214 45.37 11.37 -6.95
C VAL B 214 46.57 11.98 -6.29
N ASP B 215 47.24 12.88 -7.01
CA ASP B 215 48.40 13.57 -6.49
C ASP B 215 48.20 15.07 -6.75
N LYS B 216 47.95 15.82 -5.70
CA LYS B 216 47.75 17.27 -5.84
C LYS B 216 48.90 17.98 -5.15
N LYS B 217 49.61 18.83 -5.85
CA LYS B 217 50.72 19.56 -5.25
C LYS B 217 50.18 20.92 -4.82
N VAL B 218 50.15 21.15 -3.52
CA VAL B 218 49.64 22.39 -3.00
C VAL B 218 50.74 23.43 -2.93
N GLU B 219 50.44 24.63 -3.43
CA GLU B 219 51.43 25.69 -3.39
C GLU B 219 50.93 26.72 -2.42
N PRO B 220 51.82 27.58 -1.90
CA PRO B 220 51.47 28.64 -0.96
C PRO B 220 50.57 29.73 -1.58
N SER C 1 -4.64 -5.43 -39.67
CA SER C 1 -3.78 -6.59 -39.25
C SER C 1 -3.15 -6.25 -37.91
N TYR C 2 -2.25 -7.08 -37.42
CA TYR C 2 -1.71 -6.76 -36.12
C TYR C 2 -0.32 -7.37 -35.88
N GLU C 3 0.47 -6.75 -35.01
CA GLU C 3 1.83 -7.23 -34.80
C GLU C 3 2.34 -7.50 -33.41
N LEU C 4 2.95 -8.66 -33.29
CA LEU C 4 3.59 -9.04 -32.06
C LEU C 4 4.98 -8.54 -32.42
N LYS C 5 5.23 -7.29 -32.08
CA LYS C 5 6.52 -6.69 -32.38
C LYS C 5 7.52 -7.35 -31.45
N GLN C 6 8.47 -8.08 -32.03
CA GLN C 6 9.45 -8.84 -31.27
C GLN C 6 10.85 -8.65 -31.83
N PRO C 7 11.82 -8.30 -30.97
CA PRO C 7 13.22 -8.07 -31.37
C PRO C 7 13.80 -9.23 -32.19
N PRO C 8 14.27 -8.92 -33.41
CA PRO C 8 14.83 -9.94 -34.29
C PRO C 8 15.93 -10.77 -33.66
N SER C 9 16.83 -10.13 -32.93
CA SER C 9 17.94 -10.86 -32.33
C SER C 9 18.34 -10.47 -30.91
N VAL C 10 18.82 -11.47 -30.17
CA VAL C 10 19.29 -11.32 -28.80
C VAL C 10 20.36 -12.35 -28.50
N SER C 11 21.41 -11.92 -27.82
CA SER C 11 22.51 -12.81 -27.47
C SER C 11 22.91 -12.61 -26.00
N VAL C 12 23.39 -13.67 -25.38
CA VAL C 12 23.81 -13.61 -23.98
C VAL C 12 24.95 -14.56 -23.74
N SER C 13 25.72 -14.26 -22.70
CA SER C 13 26.88 -15.07 -22.35
C SER C 13 26.45 -16.25 -21.48
N PRO C 14 27.07 -17.42 -21.69
CA PRO C 14 26.70 -18.61 -20.90
C PRO C 14 26.59 -18.24 -19.42
N GLY C 15 25.48 -18.62 -18.79
CA GLY C 15 25.34 -18.34 -17.37
C GLY C 15 24.61 -17.06 -16.99
N GLN C 16 24.51 -16.10 -17.90
CA GLN C 16 23.80 -14.86 -17.55
C GLN C 16 22.36 -14.89 -18.05
N THR C 17 21.58 -13.93 -17.62
CA THR C 17 20.17 -13.87 -18.00
C THR C 17 19.87 -13.23 -19.35
N ALA C 18 18.84 -13.74 -20.01
CA ALA C 18 18.41 -13.23 -21.30
C ALA C 18 16.96 -12.79 -21.17
N ARG C 19 16.61 -11.71 -21.88
CA ARG C 19 15.24 -11.20 -21.82
C ARG C 19 14.72 -10.92 -23.23
N ILE C 20 13.63 -11.60 -23.60
CA ILE C 20 13.03 -11.43 -24.92
C ILE C 20 11.68 -10.75 -24.80
N THR C 21 11.53 -9.61 -25.45
CA THR C 21 10.28 -8.86 -25.37
C THR C 21 9.28 -9.19 -26.48
N CYS C 22 8.07 -8.67 -26.34
CA CYS C 22 7.03 -8.93 -27.33
C CYS C 22 5.87 -7.93 -27.23
N SER C 23 6.04 -6.76 -27.84
CA SER C 23 5.03 -5.69 -27.83
C SER C 23 3.77 -6.03 -28.61
N GLY C 24 2.65 -5.50 -28.14
CA GLY C 24 1.35 -5.72 -28.78
C GLY C 24 0.22 -4.86 -28.22
N ASP C 25 -0.51 -4.22 -29.13
CA ASP C 25 -1.62 -3.36 -28.76
C ASP C 25 -2.70 -4.08 -27.94
N VAL C 26 -3.07 -5.28 -28.37
CA VAL C 26 -4.11 -6.04 -27.68
C VAL C 26 -3.55 -6.97 -26.59
N LEU C 27 -2.24 -6.93 -26.37
CA LEU C 27 -1.63 -7.78 -25.35
C LEU C 27 -2.18 -7.58 -23.93
N PRO C 28 -2.63 -6.36 -23.58
CA PRO C 28 -3.17 -6.19 -22.23
C PRO C 28 -4.49 -6.92 -22.01
N LYS C 29 -5.15 -7.29 -23.11
CA LYS C 29 -6.42 -7.99 -23.05
C LYS C 29 -6.32 -9.49 -23.41
N LYS C 30 -5.22 -9.87 -24.04
CA LYS C 30 -4.99 -11.25 -24.45
C LYS C 30 -3.74 -11.84 -23.81
N TYR C 31 -3.73 -13.16 -23.65
CA TYR C 31 -2.60 -13.87 -23.07
C TYR C 31 -1.45 -13.98 -24.04
N ALA C 32 -0.26 -14.25 -23.53
CA ALA C 32 0.90 -14.36 -24.40
C ALA C 32 1.64 -15.67 -24.16
N TYR C 33 2.02 -16.33 -25.24
CA TYR C 33 2.76 -17.59 -25.12
C TYR C 33 4.16 -17.46 -25.69
N TRP C 34 5.01 -18.42 -25.36
CA TRP C 34 6.37 -18.46 -25.89
C TRP C 34 6.68 -19.85 -26.36
N TYR C 35 7.33 -19.93 -27.51
CA TYR C 35 7.73 -21.20 -28.07
C TYR C 35 9.19 -21.16 -28.44
N GLN C 36 9.90 -22.24 -28.14
CA GLN C 36 11.30 -22.34 -28.46
C GLN C 36 11.43 -23.31 -29.62
N GLU C 37 12.04 -22.87 -30.72
CA GLU C 37 12.23 -23.75 -31.85
C GLU C 37 13.70 -23.82 -32.21
N ARG C 38 14.31 -24.98 -31.95
CA ARG C 38 15.72 -25.16 -32.27
C ARG C 38 15.84 -25.38 -33.77
N SER C 39 17.00 -25.02 -34.33
CA SER C 39 17.23 -25.17 -35.76
C SER C 39 16.73 -26.50 -36.29
N GLY C 40 15.93 -26.44 -37.35
CA GLY C 40 15.38 -27.66 -37.95
C GLY C 40 14.71 -28.56 -36.95
N GLN C 41 13.79 -28.00 -36.18
CA GLN C 41 13.06 -28.75 -35.17
C GLN C 41 11.71 -28.09 -34.89
N ALA C 42 10.73 -28.89 -34.51
CA ALA C 42 9.39 -28.38 -34.22
C ALA C 42 9.43 -27.44 -33.04
N PRO C 43 8.59 -26.41 -33.05
CA PRO C 43 8.57 -25.47 -31.91
C PRO C 43 8.18 -26.20 -30.63
N VAL C 44 8.45 -25.57 -29.50
CA VAL C 44 8.10 -26.15 -28.23
C VAL C 44 7.55 -25.10 -27.29
N LEU C 45 6.50 -25.48 -26.57
CA LEU C 45 5.85 -24.57 -25.65
C LEU C 45 6.65 -24.37 -24.37
N VAL C 46 7.00 -23.12 -24.09
CA VAL C 46 7.76 -22.81 -22.90
C VAL C 46 6.97 -21.93 -21.95
N VAL C 47 6.02 -21.19 -22.46
CA VAL C 47 5.23 -20.31 -21.61
C VAL C 47 3.84 -20.19 -22.14
N TYR C 48 2.87 -20.14 -21.25
CA TYR C 48 1.47 -20.00 -21.65
C TYR C 48 0.76 -19.07 -20.69
N GLU C 49 -0.26 -18.38 -21.19
CA GLU C 49 -1.00 -17.44 -20.36
C GLU C 49 -0.01 -16.55 -19.61
N ASP C 50 0.85 -15.87 -20.37
CA ASP C 50 1.85 -14.96 -19.83
C ASP C 50 2.91 -15.56 -18.88
N SER C 51 2.48 -16.19 -17.80
CA SER C 51 3.44 -16.72 -16.83
C SER C 51 3.47 -18.23 -16.58
N GLY C 52 2.48 -18.96 -17.10
CA GLY C 52 2.45 -20.40 -16.90
C GLY C 52 3.70 -21.12 -17.36
N ARG C 53 3.98 -22.31 -16.84
CA ARG C 53 5.18 -23.02 -17.27
C ARG C 53 5.00 -24.53 -17.30
N PRO C 54 5.16 -25.16 -18.48
CA PRO C 54 5.01 -26.61 -18.62
C PRO C 54 5.94 -27.36 -17.68
N SER C 55 5.60 -28.61 -17.38
CA SER C 55 6.42 -29.41 -16.48
C SER C 55 7.56 -30.14 -17.17
N GLU C 56 8.23 -29.46 -18.09
CA GLU C 56 9.36 -30.07 -18.78
C GLU C 56 10.29 -28.91 -19.06
N ILE C 57 9.76 -27.73 -18.79
CA ILE C 57 10.47 -26.48 -18.99
C ILE C 57 11.20 -26.11 -17.71
N PRO C 58 12.54 -26.08 -17.75
CA PRO C 58 13.31 -25.72 -16.55
C PRO C 58 12.78 -24.42 -15.95
N GLU C 59 12.91 -24.30 -14.63
CA GLU C 59 12.42 -23.13 -13.93
C GLU C 59 13.12 -21.84 -14.35
N ARG C 60 14.28 -21.97 -15.01
CA ARG C 60 15.00 -20.78 -15.42
C ARG C 60 14.29 -20.03 -16.54
N PHE C 61 13.29 -20.68 -17.15
CA PHE C 61 12.51 -20.05 -18.21
C PHE C 61 11.28 -19.41 -17.56
N SER C 62 11.37 -18.12 -17.29
CA SER C 62 10.30 -17.40 -16.65
C SER C 62 9.51 -16.49 -17.57
N GLY C 63 8.23 -16.82 -17.77
CA GLY C 63 7.40 -16.00 -18.62
C GLY C 63 6.73 -14.93 -17.77
N SER C 64 6.60 -13.73 -18.31
CA SER C 64 5.97 -12.61 -17.61
C SER C 64 5.33 -11.66 -18.60
N SER C 65 4.55 -10.71 -18.09
CA SER C 65 3.89 -9.75 -18.96
C SER C 65 3.28 -8.61 -18.19
N SER C 66 2.95 -7.55 -18.92
CA SER C 66 2.36 -6.38 -18.31
C SER C 66 2.00 -5.42 -19.42
N GLY C 67 0.82 -4.83 -19.31
CA GLY C 67 0.36 -3.87 -20.29
C GLY C 67 0.41 -4.35 -21.73
N THR C 68 1.39 -3.87 -22.48
CA THR C 68 1.50 -4.24 -23.88
C THR C 68 2.83 -4.89 -24.21
N LYS C 69 3.46 -5.50 -23.21
CA LYS C 69 4.73 -6.15 -23.43
C LYS C 69 4.87 -7.45 -22.67
N ALA C 70 5.05 -8.54 -23.41
CA ALA C 70 5.25 -9.83 -22.80
C ALA C 70 6.75 -10.03 -22.83
N THR C 71 7.29 -10.73 -21.83
CA THR C 71 8.74 -10.93 -21.78
C THR C 71 9.13 -12.31 -21.30
N LEU C 72 9.84 -13.05 -22.13
CA LEU C 72 10.30 -14.36 -21.75
C LEU C 72 11.72 -14.16 -21.25
N THR C 73 11.90 -14.35 -19.95
CA THR C 73 13.21 -14.19 -19.34
C THR C 73 13.84 -15.56 -19.13
N ILE C 74 15.04 -15.75 -19.67
CA ILE C 74 15.75 -17.01 -19.54
C ILE C 74 17.00 -16.74 -18.73
N SER C 75 17.02 -17.24 -17.50
CA SER C 75 18.14 -17.08 -16.58
C SER C 75 19.15 -18.21 -16.70
N GLY C 76 20.40 -17.92 -16.34
CA GLY C 76 21.42 -18.95 -16.41
C GLY C 76 21.51 -19.58 -17.78
N ALA C 77 21.50 -18.74 -18.80
CA ALA C 77 21.56 -19.16 -20.20
C ALA C 77 22.47 -20.36 -20.43
N GLN C 78 21.98 -21.31 -21.22
CA GLN C 78 22.73 -22.52 -21.53
C GLN C 78 23.01 -22.57 -23.02
N VAL C 79 23.99 -23.37 -23.40
CA VAL C 79 24.34 -23.51 -24.80
C VAL C 79 23.15 -24.12 -25.54
N GLU C 80 22.32 -24.85 -24.82
CA GLU C 80 21.16 -25.51 -25.40
C GLU C 80 19.98 -24.56 -25.61
N ASP C 81 20.01 -23.42 -24.92
CA ASP C 81 18.92 -22.47 -25.04
C ASP C 81 19.03 -21.63 -26.31
N GLU C 82 20.08 -21.87 -27.08
CA GLU C 82 20.30 -21.16 -28.32
C GLU C 82 19.30 -21.61 -29.39
N ALA C 83 18.28 -20.79 -29.61
CA ALA C 83 17.28 -21.12 -30.61
C ALA C 83 16.33 -19.93 -30.86
N ASP C 84 15.42 -20.08 -31.82
CA ASP C 84 14.45 -19.02 -32.13
C ASP C 84 13.30 -19.08 -31.14
N TYR C 85 12.85 -17.92 -30.66
CA TYR C 85 11.74 -17.87 -29.72
C TYR C 85 10.64 -17.01 -30.31
N TYR C 86 9.41 -17.50 -30.27
CA TYR C 86 8.27 -16.77 -30.82
C TYR C 86 7.21 -16.57 -29.78
N CYS C 87 6.57 -15.40 -29.74
CA CYS C 87 5.48 -15.22 -28.80
C CYS C 87 4.21 -15.45 -29.59
N TYR C 88 3.13 -15.77 -28.90
CA TYR C 88 1.86 -16.03 -29.55
C TYR C 88 0.75 -15.40 -28.76
N SER C 89 -0.31 -15.04 -29.46
CA SER C 89 -1.47 -14.39 -28.85
C SER C 89 -2.54 -14.29 -29.93
N ASP C 90 -3.21 -13.15 -30.02
CA ASP C 90 -4.21 -12.97 -31.08
C ASP C 90 -4.79 -11.56 -31.08
N ILE C 91 -5.55 -11.29 -32.14
CA ILE C 91 -6.16 -10.00 -32.35
C ILE C 91 -7.27 -9.71 -31.37
N SER C 92 -7.86 -8.53 -31.48
CA SER C 92 -8.97 -8.16 -30.62
C SER C 92 -10.24 -8.90 -31.03
N ASN C 93 -10.12 -9.84 -31.95
CA ASN C 93 -11.28 -10.62 -32.33
C ASN C 93 -10.93 -12.07 -32.52
N GLY C 94 -10.13 -12.58 -31.59
CA GLY C 94 -9.77 -13.99 -31.59
C GLY C 94 -8.82 -14.68 -32.54
N TYR C 95 -8.49 -14.09 -33.68
CA TYR C 95 -7.57 -14.76 -34.60
C TYR C 95 -6.13 -14.78 -34.11
N PRO C 96 -5.56 -15.98 -33.98
CA PRO C 96 -4.19 -16.16 -33.52
C PRO C 96 -3.07 -15.50 -34.29
N LEU C 97 -2.03 -15.11 -33.54
CA LEU C 97 -0.85 -14.46 -34.13
C LEU C 97 0.44 -15.08 -33.70
N PHE C 98 1.50 -14.51 -34.27
CA PHE C 98 2.86 -14.91 -34.00
C PHE C 98 3.77 -13.71 -34.16
N GLY C 99 4.78 -13.65 -33.31
CA GLY C 99 5.71 -12.55 -33.38
C GLY C 99 6.71 -12.87 -34.49
N GLY C 100 7.48 -11.86 -34.89
CA GLY C 100 8.47 -12.09 -35.92
C GLY C 100 9.40 -13.22 -35.54
N GLY C 101 9.70 -13.31 -34.25
CA GLY C 101 10.59 -14.34 -33.75
C GLY C 101 11.86 -13.65 -33.29
N THR C 102 12.65 -14.34 -32.47
CA THR C 102 13.90 -13.77 -31.96
C THR C 102 14.95 -14.85 -31.95
N LYS C 103 16.18 -14.49 -32.30
CA LYS C 103 17.25 -15.47 -32.31
C LYS C 103 18.12 -15.26 -31.08
N LEU C 104 18.30 -16.33 -30.30
CA LEU C 104 19.10 -16.29 -29.07
C LEU C 104 20.42 -16.97 -29.32
N SER C 105 21.53 -16.27 -29.08
CA SER C 105 22.86 -16.82 -29.29
C SER C 105 23.65 -16.86 -27.98
N VAL C 106 24.78 -17.57 -27.99
CA VAL C 106 25.54 -17.66 -26.77
C VAL C 106 26.99 -17.16 -26.74
N GLY C 107 27.97 -18.04 -26.93
CA GLY C 107 29.34 -17.59 -26.83
C GLY C 107 30.51 -17.99 -27.71
N GLN C 108 31.36 -16.99 -27.93
CA GLN C 108 32.57 -17.05 -28.72
C GLN C 108 32.85 -15.56 -28.84
N PRO C 109 34.08 -15.16 -29.17
CA PRO C 109 34.26 -13.71 -29.25
C PRO C 109 33.35 -13.05 -30.27
N LYS C 110 32.68 -11.99 -29.85
CA LYS C 110 31.74 -11.24 -30.69
C LYS C 110 32.40 -10.46 -31.81
N ALA C 111 31.69 -10.30 -32.93
CA ALA C 111 32.25 -9.60 -34.09
C ALA C 111 31.24 -8.80 -34.93
N ALA C 112 31.63 -7.59 -35.32
CA ALA C 112 30.76 -6.73 -36.13
C ALA C 112 30.84 -7.17 -37.59
N PRO C 113 29.75 -6.96 -38.34
CA PRO C 113 29.63 -7.33 -39.75
C PRO C 113 30.37 -6.44 -40.74
N SER C 114 30.83 -7.06 -41.82
CA SER C 114 31.50 -6.37 -42.91
C SER C 114 30.44 -6.22 -43.98
N VAL C 115 29.90 -5.01 -44.12
CA VAL C 115 28.84 -4.73 -45.09
C VAL C 115 29.33 -4.05 -46.36
N THR C 116 28.97 -4.62 -47.51
CA THR C 116 29.34 -4.06 -48.81
C THR C 116 28.08 -3.95 -49.66
N LEU C 117 27.94 -2.85 -50.36
CA LEU C 117 26.75 -2.64 -51.17
C LEU C 117 27.08 -2.44 -52.63
N PHE C 118 26.36 -3.14 -53.49
CA PHE C 118 26.60 -3.02 -54.92
C PHE C 118 25.38 -2.48 -55.64
N PRO C 119 25.62 -1.63 -56.64
CA PRO C 119 24.53 -1.05 -57.41
C PRO C 119 24.24 -1.99 -58.57
N PRO C 120 23.12 -1.77 -59.25
CA PRO C 120 22.86 -2.68 -60.37
C PRO C 120 23.91 -2.39 -61.43
N SER C 121 24.38 -3.42 -62.13
CA SER C 121 25.38 -3.26 -63.18
C SER C 121 24.66 -2.69 -64.40
N SER C 122 25.28 -1.74 -65.08
CA SER C 122 24.66 -1.14 -66.27
C SER C 122 24.20 -2.30 -67.15
N GLU C 123 24.99 -3.36 -67.13
CA GLU C 123 24.73 -4.55 -67.89
C GLU C 123 23.38 -5.18 -67.53
N GLU C 124 23.15 -5.44 -66.24
CA GLU C 124 21.87 -6.03 -65.84
C GLU C 124 20.73 -5.09 -66.18
N LEU C 125 21.04 -3.80 -66.20
CA LEU C 125 20.01 -2.82 -66.53
C LEU C 125 19.60 -3.01 -68.00
N GLN C 126 20.57 -3.29 -68.86
CA GLN C 126 20.29 -3.53 -70.28
C GLN C 126 19.33 -4.70 -70.43
N ALA C 127 19.22 -5.49 -69.38
CA ALA C 127 18.32 -6.65 -69.36
C ALA C 127 16.97 -6.24 -68.77
N ASN C 128 16.76 -4.94 -68.62
CA ASN C 128 15.52 -4.42 -68.07
C ASN C 128 15.25 -5.04 -66.69
N LYS C 129 16.30 -5.07 -65.87
CA LYS C 129 16.21 -5.56 -64.50
C LYS C 129 17.28 -4.84 -63.70
N ALA C 130 17.02 -4.65 -62.40
CA ALA C 130 17.97 -3.99 -61.50
C ALA C 130 18.00 -4.83 -60.24
N THR C 131 19.19 -5.03 -59.71
CA THR C 131 19.36 -5.81 -58.49
C THR C 131 20.46 -5.17 -57.66
N LEU C 132 20.14 -4.82 -56.41
CA LEU C 132 21.11 -4.23 -55.48
C LEU C 132 21.59 -5.37 -54.58
N VAL C 133 22.90 -5.52 -54.45
CA VAL C 133 23.43 -6.59 -53.62
C VAL C 133 24.13 -6.09 -52.35
N CYS C 134 23.71 -6.64 -51.22
CA CYS C 134 24.24 -6.30 -49.91
C CYS C 134 24.88 -7.53 -49.28
N LEU C 135 26.19 -7.59 -49.33
CA LEU C 135 26.92 -8.71 -48.76
C LEU C 135 27.34 -8.41 -47.33
N ILE C 136 26.90 -9.24 -46.39
CA ILE C 136 27.23 -9.07 -44.97
C ILE C 136 28.22 -10.17 -44.55
N SER C 137 29.43 -9.77 -44.16
CA SER C 137 30.44 -10.74 -43.81
C SER C 137 31.10 -10.60 -42.43
N ASP C 138 31.64 -11.72 -41.95
CA ASP C 138 32.37 -11.83 -40.67
C ASP C 138 31.70 -11.33 -39.40
N PHE C 139 30.44 -11.66 -39.18
CA PHE C 139 29.79 -11.21 -37.97
C PHE C 139 29.49 -12.36 -37.01
N TYR C 140 29.42 -12.02 -35.72
CA TYR C 140 29.12 -12.98 -34.67
C TYR C 140 28.44 -12.22 -33.55
N PRO C 141 27.39 -12.79 -32.94
CA PRO C 141 26.81 -14.10 -33.24
C PRO C 141 26.07 -14.09 -34.59
N GLY C 142 25.77 -15.27 -35.13
CA GLY C 142 25.09 -15.34 -36.41
C GLY C 142 23.64 -14.88 -36.46
N ALA C 143 23.42 -13.57 -36.40
CA ALA C 143 22.07 -13.03 -36.45
C ALA C 143 22.14 -11.56 -36.81
N VAL C 144 21.61 -11.21 -37.97
CA VAL C 144 21.62 -9.81 -38.44
C VAL C 144 20.22 -9.38 -38.85
N THR C 145 20.05 -8.09 -39.06
CA THR C 145 18.79 -7.56 -39.50
C THR C 145 19.11 -6.62 -40.63
N VAL C 146 18.44 -6.84 -41.76
CA VAL C 146 18.68 -6.03 -42.94
C VAL C 146 17.44 -5.27 -43.36
N ALA C 147 17.59 -3.96 -43.47
CA ALA C 147 16.52 -3.10 -43.89
C ALA C 147 17.00 -2.25 -45.05
N TRP C 148 16.18 -2.12 -46.09
CA TRP C 148 16.53 -1.33 -47.27
C TRP C 148 15.79 0.00 -47.28
N LYS C 149 16.47 1.02 -47.78
CA LYS C 149 15.88 2.36 -47.85
C LYS C 149 15.92 2.96 -49.25
N ALA C 150 14.78 3.47 -49.70
CA ALA C 150 14.65 4.15 -50.99
C ALA C 150 14.68 5.67 -50.68
N ASP C 151 15.85 6.30 -50.81
CA ASP C 151 16.02 7.73 -50.47
C ASP C 151 15.65 7.95 -49.02
N SER C 152 16.07 7.14 -48.06
CA SER C 152 15.68 7.42 -46.67
C SER C 152 14.30 6.92 -46.31
N SER C 153 13.53 6.39 -47.25
CA SER C 153 12.22 5.86 -46.90
C SER C 153 12.41 4.35 -46.89
N PRO C 154 11.64 3.62 -46.09
CA PRO C 154 11.88 2.18 -46.12
C PRO C 154 11.10 1.57 -47.26
N ILE C 155 11.39 0.30 -47.51
CA ILE C 155 10.74 -0.47 -48.56
C ILE C 155 10.88 -1.95 -48.27
N LYS C 156 9.83 -2.70 -48.53
CA LYS C 156 9.90 -4.12 -48.25
C LYS C 156 9.75 -4.96 -49.51
N ALA C 157 9.00 -4.44 -50.48
CA ALA C 157 8.77 -5.16 -51.70
C ALA C 157 10.06 -5.27 -52.50
N GLY C 158 10.43 -6.51 -52.83
CA GLY C 158 11.63 -6.75 -53.61
C GLY C 158 12.86 -7.16 -52.81
N VAL C 159 12.67 -7.52 -51.54
CA VAL C 159 13.78 -7.92 -50.69
C VAL C 159 13.83 -9.41 -50.43
N GLU C 160 15.02 -9.98 -50.56
CA GLU C 160 15.26 -11.39 -50.32
C GLU C 160 16.57 -11.40 -49.58
N THR C 161 16.55 -11.85 -48.34
CA THR C 161 17.76 -11.90 -47.55
C THR C 161 17.95 -13.33 -47.14
N THR C 162 19.20 -13.76 -47.06
CA THR C 162 19.49 -15.13 -46.70
C THR C 162 19.57 -15.36 -45.21
N THR C 163 19.73 -16.61 -44.86
CA THR C 163 19.84 -17.03 -43.49
C THR C 163 21.31 -16.95 -43.13
N PRO C 164 21.63 -16.39 -41.95
CA PRO C 164 23.05 -16.32 -41.59
C PRO C 164 23.71 -17.68 -41.76
N SER C 165 24.84 -17.68 -42.47
CA SER C 165 25.61 -18.89 -42.75
C SER C 165 26.97 -18.83 -42.06
N LYS C 166 27.44 -19.99 -41.63
CA LYS C 166 28.72 -20.05 -40.93
C LYS C 166 29.90 -20.08 -41.91
N GLN C 167 30.86 -19.18 -41.71
CA GLN C 167 32.04 -19.10 -42.55
C GLN C 167 33.05 -20.13 -42.03
N SER C 168 34.10 -20.41 -42.81
CA SER C 168 35.10 -21.39 -42.38
C SER C 168 35.78 -20.94 -41.08
N ASN C 169 35.88 -19.63 -40.90
CA ASN C 169 36.50 -19.06 -39.71
C ASN C 169 35.49 -18.91 -38.56
N ASN C 170 34.46 -19.75 -38.57
CA ASN C 170 33.41 -19.74 -37.54
C ASN C 170 32.68 -18.43 -37.32
N LYS C 171 32.80 -17.52 -38.28
CA LYS C 171 32.09 -16.26 -38.21
C LYS C 171 30.91 -16.46 -39.15
N TYR C 172 29.96 -15.53 -39.18
CA TYR C 172 28.80 -15.69 -40.04
C TYR C 172 28.74 -14.75 -41.22
N ALA C 173 28.17 -15.29 -42.32
CA ALA C 173 28.01 -14.59 -43.59
C ALA C 173 26.54 -14.55 -44.01
N ALA C 174 26.11 -13.43 -44.56
CA ALA C 174 24.72 -13.29 -45.02
C ALA C 174 24.68 -12.44 -46.27
N SER C 175 23.56 -12.51 -46.99
CA SER C 175 23.39 -11.75 -48.22
C SER C 175 21.95 -11.28 -48.41
N SER C 176 21.78 -10.01 -48.76
CA SER C 176 20.45 -9.47 -48.98
C SER C 176 20.34 -8.88 -50.38
N TYR C 177 19.22 -9.14 -51.06
CA TYR C 177 19.03 -8.65 -52.42
C TYR C 177 17.80 -7.78 -52.58
N LEU C 178 17.96 -6.59 -53.15
CA LEU C 178 16.82 -5.72 -53.39
C LEU C 178 16.56 -5.66 -54.89
N SER C 179 15.42 -6.17 -55.32
CA SER C 179 15.10 -6.15 -56.73
C SER C 179 14.28 -4.94 -57.10
N LEU C 180 14.81 -4.15 -58.03
CA LEU C 180 14.15 -2.96 -58.53
C LEU C 180 13.97 -3.07 -60.04
N THR C 181 13.29 -2.08 -60.59
CA THR C 181 13.06 -1.98 -62.03
C THR C 181 14.03 -0.90 -62.45
N PRO C 182 14.65 -1.03 -63.63
CA PRO C 182 15.61 0.00 -64.06
C PRO C 182 15.06 1.42 -63.86
N GLU C 183 13.74 1.53 -63.90
CA GLU C 183 13.09 2.81 -63.75
C GLU C 183 13.08 3.30 -62.32
N GLN C 184 12.87 2.38 -61.37
CA GLN C 184 12.89 2.74 -59.97
C GLN C 184 14.32 3.13 -59.59
N TRP C 185 15.27 2.26 -59.91
CA TRP C 185 16.66 2.51 -59.61
C TRP C 185 17.03 3.95 -59.96
N LYS C 186 16.50 4.42 -61.09
CA LYS C 186 16.78 5.79 -61.55
C LYS C 186 15.77 6.78 -61.00
N SER C 187 14.61 6.26 -60.62
CA SER C 187 13.55 7.08 -60.05
C SER C 187 14.13 7.89 -58.89
N HIS C 188 14.39 7.21 -57.78
CA HIS C 188 14.95 7.84 -56.58
C HIS C 188 16.38 8.32 -56.83
N ARG C 189 17.05 8.79 -55.79
CA ARG C 189 18.41 9.29 -55.93
C ARG C 189 19.43 8.60 -55.05
N SER C 190 19.00 7.59 -54.32
CA SER C 190 19.90 6.87 -53.43
C SER C 190 19.19 5.70 -52.80
N TYR C 191 19.84 4.55 -52.80
CA TYR C 191 19.26 3.39 -52.15
C TYR C 191 20.27 3.02 -51.10
N SER C 192 19.80 2.51 -49.96
CA SER C 192 20.70 2.14 -48.88
C SER C 192 20.34 0.81 -48.23
N CYS C 193 21.36 0.10 -47.77
CA CYS C 193 21.18 -1.19 -47.11
C CYS C 193 21.79 -1.08 -45.73
N GLN C 194 20.96 -1.11 -44.69
CA GLN C 194 21.45 -1.02 -43.32
C GLN C 194 21.36 -2.33 -42.57
N VAL C 195 22.54 -2.81 -42.21
CA VAL C 195 22.66 -4.05 -41.47
C VAL C 195 22.81 -3.71 -40.00
N THR C 196 21.81 -4.07 -39.20
CA THR C 196 21.87 -3.84 -37.78
C THR C 196 22.24 -5.19 -37.17
N HIS C 197 23.23 -5.19 -36.29
CA HIS C 197 23.68 -6.42 -35.64
C HIS C 197 24.23 -6.12 -34.25
N GLU C 198 23.50 -6.54 -33.23
CA GLU C 198 23.86 -6.35 -31.83
C GLU C 198 23.78 -4.87 -31.51
N GLY C 199 22.67 -4.24 -31.84
CA GLY C 199 22.54 -2.82 -31.54
C GLY C 199 23.43 -1.92 -32.38
N SER C 200 24.46 -2.50 -32.99
CA SER C 200 25.36 -1.75 -33.86
C SER C 200 24.73 -1.74 -35.25
N THR C 201 24.81 -0.61 -35.94
CA THR C 201 24.20 -0.52 -37.26
C THR C 201 25.06 0.11 -38.33
N VAL C 202 25.39 -0.70 -39.32
CA VAL C 202 26.19 -0.24 -40.44
C VAL C 202 25.22 0.02 -41.58
N GLU C 203 25.34 1.19 -42.20
CA GLU C 203 24.45 1.49 -43.31
C GLU C 203 25.20 2.08 -44.49
N LYS C 204 25.45 1.25 -45.49
CA LYS C 204 26.11 1.69 -46.70
C LYS C 204 25.05 2.11 -47.70
N THR C 205 25.37 3.10 -48.52
CA THR C 205 24.42 3.61 -49.49
C THR C 205 25.05 3.76 -50.87
N VAL C 206 24.21 3.71 -51.90
CA VAL C 206 24.63 3.87 -53.29
C VAL C 206 23.57 4.69 -54.01
N ALA C 207 24.02 5.42 -55.04
CA ALA C 207 23.11 6.26 -55.83
C ALA C 207 23.54 6.25 -57.30
N PRO C 208 22.55 6.19 -58.23
CA PRO C 208 22.82 6.17 -59.67
C PRO C 208 23.87 7.19 -60.15
N THR C 209 25.07 6.66 -60.40
CA THR C 209 26.27 7.38 -60.87
C THR C 209 27.36 6.32 -60.73
N GLU D 1 2.83 -41.70 -25.34
CA GLU D 1 2.35 -40.36 -24.91
C GLU D 1 1.97 -39.51 -26.13
N VAL D 2 1.83 -38.21 -25.92
CA VAL D 2 1.45 -37.27 -26.98
C VAL D 2 2.42 -37.27 -28.17
N GLN D 3 1.88 -37.44 -29.36
CA GLN D 3 2.70 -37.45 -30.57
C GLN D 3 1.85 -37.16 -31.80
N LEU D 4 2.34 -36.27 -32.65
CA LEU D 4 1.63 -35.90 -33.87
C LEU D 4 2.53 -36.15 -35.05
N VAL D 5 1.97 -36.68 -36.14
CA VAL D 5 2.77 -36.96 -37.34
C VAL D 5 2.08 -36.45 -38.60
N GLU D 6 2.73 -35.51 -39.29
CA GLU D 6 2.16 -34.97 -40.52
C GLU D 6 2.50 -35.88 -41.69
N SER D 7 2.07 -35.47 -42.88
CA SER D 7 2.32 -36.20 -44.14
C SER D 7 1.51 -35.58 -45.28
N GLY D 8 1.80 -35.99 -46.51
CA GLY D 8 1.07 -35.46 -47.63
C GLY D 8 1.80 -34.29 -48.25
N GLY D 9 2.79 -33.78 -47.53
CA GLY D 9 3.57 -32.66 -48.02
C GLY D 9 4.46 -33.11 -49.17
N GLY D 10 4.69 -32.22 -50.13
CA GLY D 10 5.52 -32.59 -51.25
C GLY D 10 5.81 -31.41 -52.17
N LEU D 11 6.09 -31.73 -53.43
CA LEU D 11 6.39 -30.73 -54.42
C LEU D 11 5.31 -30.68 -55.50
N VAL D 12 4.72 -29.51 -55.70
CA VAL D 12 3.68 -29.32 -56.71
C VAL D 12 3.85 -27.95 -57.37
N GLN D 13 3.01 -27.64 -58.33
CA GLN D 13 3.12 -26.37 -59.05
C GLN D 13 1.94 -25.46 -58.76
N PRO D 14 2.14 -24.14 -58.88
CA PRO D 14 1.13 -23.11 -58.65
C PRO D 14 -0.22 -23.52 -59.20
N GLY D 15 -1.27 -23.25 -58.45
CA GLY D 15 -2.60 -23.61 -58.89
C GLY D 15 -2.99 -25.04 -58.55
N GLU D 16 -2.00 -25.94 -58.56
CA GLU D 16 -2.22 -27.36 -58.26
C GLU D 16 -2.82 -27.48 -56.85
N SER D 17 -3.11 -28.71 -56.43
CA SER D 17 -3.68 -28.92 -55.10
C SER D 17 -2.90 -29.96 -54.29
N LEU D 18 -3.17 -30.02 -52.99
CA LEU D 18 -2.48 -30.97 -52.13
C LEU D 18 -3.22 -31.06 -50.80
N LYS D 19 -3.28 -32.26 -50.23
CA LYS D 19 -3.97 -32.49 -48.95
C LYS D 19 -3.03 -33.13 -47.91
N LEU D 20 -2.68 -32.36 -46.89
CA LEU D 20 -1.80 -32.85 -45.83
C LEU D 20 -2.64 -33.55 -44.79
N SER D 21 -2.03 -34.46 -44.06
CA SER D 21 -2.75 -35.16 -43.00
C SER D 21 -1.93 -35.20 -41.72
N CYS D 22 -2.63 -35.31 -40.60
CA CYS D 22 -1.99 -35.32 -39.30
C CYS D 22 -2.70 -36.40 -38.50
N THR D 23 -1.94 -37.41 -38.07
CA THR D 23 -2.53 -38.47 -37.27
C THR D 23 -1.90 -38.38 -35.90
N ALA D 24 -2.75 -38.51 -34.89
CA ALA D 24 -2.32 -38.40 -33.51
C ALA D 24 -2.45 -39.67 -32.72
N SER D 25 -1.59 -39.80 -31.71
CA SER D 25 -1.58 -40.93 -30.80
C SER D 25 -1.11 -40.41 -29.45
N GLY D 26 -1.67 -40.94 -28.37
CA GLY D 26 -1.26 -40.51 -27.03
C GLY D 26 -2.32 -39.70 -26.32
N PHE D 27 -3.37 -39.34 -27.05
CA PHE D 27 -4.48 -38.58 -26.51
C PHE D 27 -5.68 -38.64 -27.45
N SER D 28 -6.84 -38.27 -26.93
CA SER D 28 -8.08 -38.27 -27.70
C SER D 28 -8.20 -37.01 -28.53
N LEU D 29 -8.03 -37.15 -29.84
CA LEU D 29 -8.12 -36.00 -30.71
C LEU D 29 -9.43 -35.24 -30.53
N SER D 30 -10.49 -35.99 -30.25
CA SER D 30 -11.79 -35.40 -30.08
C SER D 30 -11.91 -34.43 -28.92
N ASN D 31 -11.05 -34.56 -27.93
CA ASN D 31 -11.11 -33.66 -26.77
C ASN D 31 -10.43 -32.33 -27.07
N TYR D 32 -9.77 -32.26 -28.21
CA TYR D 32 -9.03 -31.06 -28.52
C TYR D 32 -9.34 -30.32 -29.79
N TYR D 33 -8.85 -29.09 -29.80
CA TYR D 33 -8.99 -28.17 -30.91
C TYR D 33 -7.67 -28.35 -31.63
N MET D 34 -7.68 -28.32 -32.96
CA MET D 34 -6.44 -28.51 -33.69
C MET D 34 -6.10 -27.35 -34.59
N THR D 35 -4.80 -27.21 -34.88
CA THR D 35 -4.35 -26.13 -35.74
C THR D 35 -3.25 -26.57 -36.70
N TRP D 36 -3.00 -25.72 -37.69
CA TRP D 36 -1.96 -25.92 -38.69
C TRP D 36 -1.21 -24.59 -38.72
N VAL D 37 0.09 -24.64 -38.46
CA VAL D 37 0.92 -23.45 -38.47
C VAL D 37 1.99 -23.75 -39.49
N ARG D 38 2.23 -22.82 -40.40
CA ARG D 38 3.25 -23.03 -41.42
C ARG D 38 4.42 -22.10 -41.23
N GLN D 39 5.54 -22.48 -41.82
CA GLN D 39 6.75 -21.70 -41.69
C GLN D 39 7.62 -21.78 -42.93
N ALA D 40 7.66 -20.70 -43.72
CA ALA D 40 8.47 -20.66 -44.93
C ALA D 40 9.92 -20.77 -44.52
N PRO D 41 10.75 -21.40 -45.37
CA PRO D 41 12.17 -21.55 -45.05
C PRO D 41 12.76 -20.25 -44.52
N GLY D 42 13.45 -20.35 -43.39
CA GLY D 42 14.09 -19.19 -42.78
C GLY D 42 13.19 -18.03 -42.38
N LYS D 43 11.90 -18.26 -42.23
CA LYS D 43 10.96 -17.20 -41.86
C LYS D 43 10.26 -17.59 -40.56
N GLY D 44 9.41 -16.69 -40.05
CA GLY D 44 8.70 -16.96 -38.81
C GLY D 44 7.51 -17.92 -38.91
N LEU D 45 6.85 -18.18 -37.78
CA LEU D 45 5.70 -19.09 -37.77
C LEU D 45 4.43 -18.33 -38.14
N GLU D 46 3.73 -18.83 -39.14
CA GLU D 46 2.48 -18.23 -39.60
C GLU D 46 1.32 -19.16 -39.35
N TRP D 47 0.31 -18.65 -38.66
CA TRP D 47 -0.85 -19.43 -38.34
C TRP D 47 -1.70 -19.63 -39.58
N VAL D 48 -2.25 -20.83 -39.74
CA VAL D 48 -3.09 -21.14 -40.89
C VAL D 48 -4.55 -21.38 -40.48
N THR D 49 -4.79 -22.40 -39.64
CA THR D 49 -6.17 -22.71 -39.20
C THR D 49 -6.34 -23.30 -37.82
N ASN D 50 -7.59 -23.31 -37.39
CA ASN D 50 -7.99 -23.87 -36.11
C ASN D 50 -9.30 -24.59 -36.38
N ILE D 51 -9.50 -25.77 -35.81
CA ILE D 51 -10.75 -26.47 -36.04
C ILE D 51 -11.36 -27.02 -34.76
N ARG D 52 -12.56 -26.56 -34.45
CA ARG D 52 -13.27 -27.00 -33.27
C ARG D 52 -13.28 -28.52 -33.30
N PRO D 53 -13.46 -29.15 -32.14
CA PRO D 53 -13.48 -30.61 -32.07
C PRO D 53 -14.70 -31.24 -32.76
N ASP D 54 -15.85 -30.60 -32.67
CA ASP D 54 -17.05 -31.14 -33.31
C ASP D 54 -17.14 -30.68 -34.76
N GLU D 55 -16.14 -29.92 -35.18
CA GLU D 55 -15.99 -29.40 -36.54
C GLU D 55 -17.03 -28.37 -36.98
N THR D 56 -17.74 -27.79 -36.00
CA THR D 56 -18.77 -26.79 -36.29
C THR D 56 -18.16 -25.42 -36.53
N GLU D 57 -16.86 -25.31 -36.35
CA GLU D 57 -16.19 -24.05 -36.57
C GLU D 57 -14.81 -24.25 -37.14
N LYS D 58 -14.51 -23.49 -38.19
CA LYS D 58 -13.22 -23.58 -38.83
C LYS D 58 -12.76 -22.16 -39.08
N PHE D 59 -11.55 -21.86 -38.65
CA PHE D 59 -10.98 -20.53 -38.83
C PHE D 59 -9.76 -20.59 -39.70
N TYR D 60 -9.65 -19.63 -40.60
CA TYR D 60 -8.54 -19.59 -41.52
C TYR D 60 -7.95 -18.19 -41.53
N SER D 61 -6.66 -18.10 -41.83
CA SER D 61 -5.98 -16.81 -41.93
C SER D 61 -6.42 -16.25 -43.27
N ASP D 62 -6.41 -14.93 -43.41
CA ASP D 62 -6.81 -14.33 -44.68
C ASP D 62 -5.99 -14.91 -45.83
N SER D 63 -4.68 -14.98 -45.65
CA SER D 63 -3.84 -15.51 -46.69
C SER D 63 -4.36 -16.81 -47.31
N VAL D 64 -4.98 -17.70 -46.52
CA VAL D 64 -5.48 -18.97 -47.07
C VAL D 64 -7.00 -19.21 -47.08
N LYS D 65 -7.75 -18.31 -46.46
CA LYS D 65 -9.22 -18.47 -46.42
C LYS D 65 -9.80 -18.64 -47.81
N GLY D 66 -10.59 -19.70 -47.99
CA GLY D 66 -11.19 -19.94 -49.29
C GLY D 66 -10.49 -21.03 -50.07
N ARG D 67 -9.16 -21.06 -50.04
CA ARG D 67 -8.41 -22.07 -50.77
C ARG D 67 -8.23 -23.31 -49.91
N PHE D 68 -7.77 -23.09 -48.68
CA PHE D 68 -7.55 -24.16 -47.72
C PHE D 68 -8.84 -24.53 -46.99
N THR D 69 -8.93 -25.78 -46.58
CA THR D 69 -10.09 -26.27 -45.87
C THR D 69 -9.64 -27.31 -44.85
N VAL D 70 -9.90 -27.04 -43.57
CA VAL D 70 -9.51 -27.97 -42.53
C VAL D 70 -10.66 -28.96 -42.35
N SER D 71 -10.34 -30.11 -41.77
CA SER D 71 -11.32 -31.15 -41.48
C SER D 71 -10.68 -32.11 -40.49
N ARG D 72 -11.49 -32.93 -39.84
CA ARG D 72 -10.95 -33.89 -38.90
C ARG D 72 -11.73 -35.19 -38.88
N ASP D 73 -11.16 -36.20 -38.21
CA ASP D 73 -11.76 -37.52 -38.08
C ASP D 73 -11.41 -38.00 -36.68
N ASN D 74 -12.05 -37.42 -35.66
CA ASN D 74 -11.81 -37.77 -34.26
C ASN D 74 -11.76 -39.28 -34.05
N ALA D 75 -12.56 -39.99 -34.82
CA ALA D 75 -12.59 -41.45 -34.76
C ALA D 75 -11.19 -41.96 -35.08
N ARG D 76 -10.73 -41.63 -36.28
CA ARG D 76 -9.40 -42.02 -36.77
C ARG D 76 -8.27 -41.11 -36.28
N ASN D 77 -8.55 -40.31 -35.26
CA ASN D 77 -7.55 -39.40 -34.72
C ASN D 77 -6.74 -38.76 -35.82
N SER D 78 -7.40 -38.06 -36.73
CA SER D 78 -6.70 -37.41 -37.84
C SER D 78 -7.21 -36.01 -38.16
N LEU D 79 -6.28 -35.14 -38.52
CA LEU D 79 -6.58 -33.76 -38.88
C LEU D 79 -6.20 -33.72 -40.35
N PHE D 80 -6.85 -32.86 -41.12
CA PHE D 80 -6.54 -32.79 -42.54
C PHE D 80 -6.58 -31.36 -43.02
N ASN D 81 -5.66 -31.06 -43.93
CA ASN D 81 -5.58 -29.72 -44.50
C ASN D 81 -5.58 -29.85 -46.02
N SER D 82 -6.70 -29.53 -46.64
CA SER D 82 -6.82 -29.60 -48.08
C SER D 82 -6.56 -28.24 -48.67
N MET D 83 -5.40 -28.11 -49.32
CA MET D 83 -4.97 -26.86 -49.93
C MET D 83 -5.22 -26.90 -51.44
N SER D 84 -5.80 -25.85 -51.98
CA SER D 84 -6.07 -25.79 -53.41
C SER D 84 -5.67 -24.41 -53.95
N LEU D 85 -5.49 -24.33 -55.26
CA LEU D 85 -5.12 -23.07 -55.89
C LEU D 85 -3.82 -22.59 -55.24
N GLN D 86 -2.88 -23.53 -55.16
CA GLN D 86 -1.56 -23.31 -54.57
C GLN D 86 -0.84 -22.07 -55.09
N ARG D 87 -0.11 -21.41 -54.21
CA ARG D 87 0.65 -20.23 -54.59
C ARG D 87 2.07 -20.50 -54.20
N VAL D 88 3.00 -19.69 -54.72
CA VAL D 88 4.40 -19.84 -54.37
C VAL D 88 4.51 -19.59 -52.87
N GLU D 89 3.92 -18.48 -52.42
CA GLU D 89 3.95 -18.09 -51.02
C GLU D 89 3.42 -19.11 -50.02
N ASP D 90 2.72 -20.14 -50.49
CA ASP D 90 2.23 -21.15 -49.56
C ASP D 90 3.32 -22.14 -49.22
N THR D 91 4.42 -22.07 -49.96
CA THR D 91 5.55 -22.98 -49.75
C THR D 91 6.15 -22.72 -48.39
N ALA D 92 6.24 -23.80 -47.61
CA ALA D 92 6.75 -23.74 -46.26
C ALA D 92 6.57 -25.11 -45.64
N THR D 93 6.90 -25.22 -44.36
CA THR D 93 6.71 -26.49 -43.68
C THR D 93 5.41 -26.35 -42.88
N TYR D 94 4.54 -27.33 -43.02
CA TYR D 94 3.27 -27.30 -42.34
C TYR D 94 3.28 -28.12 -41.08
N TYR D 95 2.98 -27.46 -39.98
CA TYR D 95 2.92 -28.13 -38.68
C TYR D 95 1.47 -28.21 -38.19
N CYS D 96 1.08 -29.33 -37.62
CA CYS D 96 -0.24 -29.45 -37.03
C CYS D 96 0.10 -29.57 -35.56
N ALA D 97 -0.65 -28.89 -34.73
CA ALA D 97 -0.35 -28.95 -33.32
C ALA D 97 -1.63 -29.00 -32.53
N ARG D 98 -1.57 -29.64 -31.37
CA ARG D 98 -2.73 -29.74 -30.51
C ARG D 98 -2.90 -28.38 -29.84
N VAL D 99 -4.08 -27.79 -29.99
CA VAL D 99 -4.37 -26.50 -29.39
C VAL D 99 -4.61 -26.73 -27.91
N SER D 100 -3.84 -26.05 -27.07
CA SER D 100 -3.98 -26.19 -25.62
C SER D 100 -5.35 -25.66 -25.24
N ASP D 101 -5.76 -25.91 -24.00
CA ASP D 101 -7.07 -25.47 -23.57
C ASP D 101 -7.11 -24.33 -22.56
N PHE D 102 -5.97 -23.70 -22.29
CA PHE D 102 -6.00 -22.60 -21.33
C PHE D 102 -5.58 -21.28 -21.97
N GLY D 103 -5.82 -20.18 -21.25
CA GLY D 103 -5.51 -18.83 -21.74
C GLY D 103 -6.26 -18.61 -23.04
N ASP D 104 -5.61 -18.02 -24.04
CA ASP D 104 -6.26 -17.89 -25.34
C ASP D 104 -5.95 -19.26 -25.95
N TYR D 105 -5.73 -19.41 -27.24
CA TYR D 105 -5.53 -20.80 -27.68
C TYR D 105 -4.21 -21.24 -28.28
N GLY D 106 -3.11 -21.01 -27.59
CA GLY D 106 -1.83 -21.40 -28.17
C GLY D 106 -1.65 -22.90 -28.20
N PRO D 107 -0.91 -23.47 -29.16
CA PRO D 107 -0.76 -24.92 -29.13
C PRO D 107 0.20 -25.36 -28.01
N ASP D 108 0.23 -26.65 -27.70
CA ASP D 108 1.13 -27.12 -26.65
C ASP D 108 2.11 -28.16 -27.16
N PHE D 109 1.64 -28.98 -28.09
CA PHE D 109 2.50 -30.01 -28.66
C PHE D 109 2.41 -29.86 -30.15
N TRP D 110 3.55 -29.89 -30.82
CA TRP D 110 3.56 -29.77 -32.28
C TRP D 110 4.11 -31.06 -32.89
N GLY D 111 3.78 -31.31 -34.14
CA GLY D 111 4.31 -32.48 -34.81
C GLY D 111 5.56 -31.94 -35.48
N GLN D 112 6.40 -32.78 -36.08
CA GLN D 112 7.61 -32.24 -36.71
C GLN D 112 7.34 -31.53 -38.03
N GLY D 113 6.09 -31.58 -38.49
CA GLY D 113 5.73 -30.92 -39.73
C GLY D 113 6.08 -31.65 -41.00
N THR D 114 5.48 -31.22 -42.11
CA THR D 114 5.74 -31.82 -43.42
C THR D 114 6.07 -30.71 -44.41
N LEU D 115 7.08 -30.94 -45.26
CA LEU D 115 7.51 -29.93 -46.23
C LEU D 115 6.68 -29.84 -47.51
N VAL D 116 6.35 -28.61 -47.88
CA VAL D 116 5.54 -28.33 -49.06
C VAL D 116 6.22 -27.30 -49.93
N SER D 117 6.76 -27.77 -51.05
CA SER D 117 7.44 -26.91 -52.01
C SER D 117 6.46 -26.64 -53.15
N VAL D 118 6.72 -25.61 -53.95
CA VAL D 118 5.82 -25.24 -55.04
C VAL D 118 6.46 -24.28 -56.08
N THR D 119 6.89 -24.80 -57.22
CA THR D 119 7.46 -23.96 -58.29
C THR D 119 7.26 -24.47 -59.72
N SER D 120 7.64 -23.63 -60.67
CA SER D 120 7.57 -23.95 -62.09
C SER D 120 9.00 -24.03 -62.56
N ALA D 121 9.92 -23.80 -61.63
CA ALA D 121 11.35 -23.83 -61.89
C ALA D 121 11.74 -25.07 -62.67
N SER D 122 12.30 -24.84 -63.85
CA SER D 122 12.75 -25.91 -64.73
C SER D 122 14.23 -26.14 -64.50
N THR D 123 15.05 -25.50 -65.31
CA THR D 123 16.48 -25.65 -65.17
C THR D 123 17.12 -24.48 -65.89
N LYS D 124 16.93 -23.28 -65.37
CA LYS D 124 17.52 -22.13 -66.02
C LYS D 124 19.02 -22.14 -65.80
N GLY D 125 19.70 -21.30 -66.57
CA GLY D 125 21.13 -21.15 -66.44
C GLY D 125 21.38 -19.80 -65.81
N PRO D 126 22.51 -19.62 -65.13
CA PRO D 126 22.85 -18.36 -64.46
C PRO D 126 23.29 -17.19 -65.33
N SER D 127 22.65 -16.05 -65.14
CA SER D 127 23.04 -14.84 -65.84
C SER D 127 24.19 -14.36 -64.98
N VAL D 128 25.20 -13.75 -65.56
CA VAL D 128 26.28 -13.32 -64.69
C VAL D 128 26.58 -11.86 -64.89
N PHE D 129 26.31 -11.07 -63.85
CA PHE D 129 26.54 -9.65 -63.94
C PHE D 129 27.73 -9.24 -63.08
N PRO D 130 28.42 -8.16 -63.48
CA PRO D 130 29.58 -7.67 -62.73
C PRO D 130 29.17 -6.86 -61.52
N LEU D 131 29.91 -7.04 -60.42
CA LEU D 131 29.64 -6.30 -59.20
C LEU D 131 30.81 -5.39 -58.91
N ALA D 132 30.60 -4.10 -59.08
CA ALA D 132 31.61 -3.09 -58.83
C ALA D 132 30.92 -1.85 -58.28
N PRO D 133 31.57 -1.16 -57.33
CA PRO D 133 31.02 0.05 -56.72
C PRO D 133 31.06 1.24 -57.65
N CYS D 134 30.38 2.32 -57.26
CA CYS D 134 30.32 3.53 -58.06
C CYS D 134 31.64 4.30 -58.11
N SER D 135 31.80 5.29 -57.23
CA SER D 135 33.03 6.08 -57.18
C SER D 135 33.57 6.22 -55.76
N ARG D 136 32.71 6.04 -54.77
CA ARG D 136 33.10 6.12 -53.36
C ARG D 136 34.02 4.97 -52.96
N SER D 137 33.49 3.74 -53.01
CA SER D 137 34.24 2.53 -52.66
C SER D 137 35.38 2.17 -53.64
N THR D 138 35.39 2.84 -54.80
CA THR D 138 36.43 2.64 -55.83
C THR D 138 37.71 3.31 -55.34
N SER D 139 37.55 4.32 -54.48
CA SER D 139 38.66 5.08 -53.94
C SER D 139 39.20 4.58 -52.59
N GLU D 140 39.24 3.26 -52.42
CA GLU D 140 39.76 2.64 -51.20
C GLU D 140 41.12 2.01 -51.49
N SER D 141 41.73 1.41 -50.47
CA SER D 141 43.05 0.77 -50.64
C SER D 141 42.83 -0.66 -51.09
N THR D 142 41.63 -1.17 -50.85
CA THR D 142 41.26 -2.51 -51.22
C THR D 142 39.73 -2.63 -51.24
N ALA D 143 39.13 -2.28 -52.38
CA ALA D 143 37.68 -2.38 -52.54
C ALA D 143 37.36 -3.81 -52.91
N ALA D 144 36.08 -4.09 -53.18
CA ALA D 144 35.69 -5.45 -53.53
C ALA D 144 35.11 -5.53 -54.93
N LEU D 145 35.41 -6.62 -55.61
CA LEU D 145 34.90 -6.85 -56.96
C LEU D 145 34.20 -8.18 -56.91
N GLY D 146 33.23 -8.40 -57.79
CA GLY D 146 32.53 -9.67 -57.77
C GLY D 146 31.57 -9.97 -58.90
N CYS D 147 30.99 -11.16 -58.85
CA CYS D 147 30.06 -11.62 -59.85
C CYS D 147 28.70 -11.96 -59.26
N LEU D 148 27.66 -11.49 -59.93
CA LEU D 148 26.30 -11.75 -59.49
C LEU D 148 25.71 -12.87 -60.35
N VAL D 149 25.69 -14.07 -59.80
CA VAL D 149 25.16 -15.21 -60.53
C VAL D 149 23.67 -15.27 -60.32
N LYS D 150 22.95 -14.49 -61.12
CA LYS D 150 21.49 -14.38 -61.01
C LYS D 150 20.66 -15.46 -61.69
N ASP D 151 19.44 -15.62 -61.18
CA ASP D 151 18.39 -16.53 -61.64
C ASP D 151 18.71 -17.88 -62.25
N TYR D 152 19.15 -18.83 -61.42
CA TYR D 152 19.47 -20.17 -61.92
C TYR D 152 18.74 -21.25 -61.11
N PHE D 153 18.76 -22.47 -61.63
CA PHE D 153 18.09 -23.59 -60.99
C PHE D 153 18.40 -24.88 -61.73
N PRO D 154 18.66 -25.96 -60.99
CA PRO D 154 18.66 -25.98 -59.52
C PRO D 154 20.08 -25.80 -59.00
N GLU D 155 20.26 -25.87 -57.69
CA GLU D 155 21.60 -25.76 -57.15
C GLU D 155 22.31 -27.00 -57.68
N PRO D 156 23.64 -27.03 -57.63
CA PRO D 156 24.52 -25.97 -57.13
C PRO D 156 25.34 -25.29 -58.24
N VAL D 157 25.99 -24.19 -57.88
CA VAL D 157 26.84 -23.45 -58.80
C VAL D 157 28.26 -23.42 -58.25
N THR D 158 29.25 -23.43 -59.14
CA THR D 158 30.65 -23.39 -58.73
C THR D 158 31.24 -22.09 -59.20
N VAL D 159 31.87 -21.37 -58.31
CA VAL D 159 32.48 -20.11 -58.69
C VAL D 159 33.96 -20.16 -58.33
N SER D 160 34.79 -19.58 -59.20
CA SER D 160 36.22 -19.53 -58.96
C SER D 160 36.70 -18.26 -59.62
N TRP D 161 37.99 -17.96 -59.48
CA TRP D 161 38.53 -16.76 -60.10
C TRP D 161 39.86 -17.02 -60.79
N ASN D 162 39.93 -16.59 -62.04
CA ASN D 162 41.13 -16.78 -62.85
C ASN D 162 41.41 -18.26 -62.95
N SER D 163 40.38 -18.98 -63.39
CA SER D 163 40.42 -20.42 -63.57
C SER D 163 41.02 -21.17 -62.40
N GLY D 164 40.78 -20.66 -61.19
CA GLY D 164 41.30 -21.31 -60.00
C GLY D 164 42.54 -20.70 -59.39
N ALA D 165 43.20 -19.80 -60.13
CA ALA D 165 44.40 -19.15 -59.64
C ALA D 165 44.13 -18.40 -58.35
N LEU D 166 43.44 -17.29 -58.47
CA LEU D 166 43.09 -16.43 -57.34
C LEU D 166 42.28 -17.18 -56.29
N THR D 167 42.72 -17.11 -55.03
CA THR D 167 42.00 -17.78 -53.95
C THR D 167 41.84 -16.91 -52.73
N SER D 168 42.84 -16.09 -52.43
CA SER D 168 42.76 -15.23 -51.26
C SER D 168 41.85 -14.04 -51.51
N GLY D 169 41.01 -13.75 -50.52
CA GLY D 169 40.09 -12.62 -50.64
C GLY D 169 38.77 -13.01 -51.27
N VAL D 170 38.71 -14.23 -51.80
CA VAL D 170 37.49 -14.73 -52.45
C VAL D 170 36.48 -15.20 -51.41
N HIS D 171 35.22 -14.84 -51.62
CA HIS D 171 34.16 -15.21 -50.71
C HIS D 171 32.89 -15.41 -51.52
N THR D 172 32.56 -16.66 -51.82
CA THR D 172 31.34 -16.94 -52.58
C THR D 172 30.23 -17.22 -51.57
N PHE D 173 29.30 -16.27 -51.46
CA PHE D 173 28.20 -16.42 -50.53
C PHE D 173 27.21 -17.53 -50.89
N PRO D 174 26.39 -17.94 -49.92
CA PRO D 174 25.39 -18.98 -50.14
C PRO D 174 24.24 -18.42 -50.97
N ALA D 175 23.77 -19.25 -51.90
CA ALA D 175 22.69 -18.88 -52.78
C ALA D 175 21.39 -18.59 -52.03
N VAL D 176 20.70 -17.58 -52.53
CA VAL D 176 19.43 -17.09 -52.02
C VAL D 176 18.30 -17.67 -52.88
N LEU D 177 17.27 -18.25 -52.25
CA LEU D 177 16.17 -18.80 -53.04
C LEU D 177 15.10 -17.73 -53.21
N GLN D 178 15.19 -17.01 -54.32
CA GLN D 178 14.25 -15.95 -54.62
C GLN D 178 12.81 -16.48 -54.73
N SER D 179 11.84 -15.58 -54.64
CA SER D 179 10.44 -15.95 -54.72
C SER D 179 10.18 -16.86 -55.92
N SER D 180 10.60 -16.38 -57.10
CA SER D 180 10.44 -17.10 -58.36
C SER D 180 11.17 -18.44 -58.46
N GLY D 181 11.10 -19.25 -57.41
CA GLY D 181 11.77 -20.55 -57.43
C GLY D 181 13.20 -20.62 -57.95
N LEU D 182 13.78 -19.48 -58.34
CA LEU D 182 15.14 -19.43 -58.89
C LEU D 182 16.20 -18.86 -57.95
N TYR D 183 17.32 -19.57 -57.86
CA TYR D 183 18.44 -19.17 -57.02
C TYR D 183 19.33 -18.10 -57.62
N SER D 184 20.09 -17.43 -56.75
CA SER D 184 21.04 -16.37 -57.13
C SER D 184 22.10 -16.33 -56.05
N LEU D 185 23.31 -15.97 -56.40
CA LEU D 185 24.34 -15.86 -55.39
C LEU D 185 25.39 -14.88 -55.87
N SER D 186 26.22 -14.41 -54.94
CA SER D 186 27.26 -13.51 -55.31
C SER D 186 28.59 -14.14 -54.95
N SER D 187 29.66 -13.56 -55.44
CA SER D 187 30.98 -14.06 -55.15
C SER D 187 31.84 -12.85 -55.34
N VAL D 188 32.42 -12.36 -54.25
CA VAL D 188 33.28 -11.20 -54.32
C VAL D 188 34.67 -11.62 -53.95
N VAL D 189 35.63 -10.85 -54.43
CA VAL D 189 37.02 -11.11 -54.14
C VAL D 189 37.60 -9.75 -53.79
N THR D 190 37.94 -9.59 -52.52
CA THR D 190 38.51 -8.35 -52.05
C THR D 190 39.96 -8.23 -52.54
N VAL D 191 40.29 -7.12 -53.18
CA VAL D 191 41.64 -6.88 -53.71
C VAL D 191 42.02 -5.40 -53.63
N PRO D 192 43.34 -5.10 -53.65
CA PRO D 192 43.87 -3.72 -53.58
C PRO D 192 43.53 -2.87 -54.81
N SER D 193 42.90 -1.72 -54.58
CA SER D 193 42.52 -0.82 -55.66
C SER D 193 43.76 -0.21 -56.28
N SER D 194 44.90 -0.45 -55.63
CA SER D 194 46.20 0.02 -56.08
C SER D 194 46.63 -0.65 -57.39
N SER D 195 46.84 -1.97 -57.30
CA SER D 195 47.26 -2.77 -58.44
C SER D 195 46.03 -3.39 -59.12
N LEU D 196 44.90 -2.70 -59.00
CA LEU D 196 43.63 -3.14 -59.57
C LEU D 196 43.57 -2.94 -61.09
N GLY D 197 44.11 -1.80 -61.55
CA GLY D 197 44.12 -1.49 -62.97
C GLY D 197 45.32 -2.05 -63.72
N THR D 198 45.86 -3.16 -63.21
CA THR D 198 47.02 -3.83 -63.81
C THR D 198 46.81 -5.35 -63.86
N LYS D 199 45.96 -5.85 -62.95
CA LYS D 199 45.65 -7.27 -62.85
C LYS D 199 44.26 -7.54 -63.37
N THR D 200 44.02 -8.80 -63.73
CA THR D 200 42.73 -9.22 -64.25
C THR D 200 41.90 -9.97 -63.22
N TYR D 201 40.61 -9.68 -63.16
CA TYR D 201 39.73 -10.35 -62.23
C TYR D 201 38.59 -10.96 -63.03
N THR D 202 38.58 -12.28 -63.08
CA THR D 202 37.58 -13.02 -63.83
C THR D 202 37.02 -14.16 -63.03
N CYS D 203 35.70 -14.21 -62.88
CA CYS D 203 35.10 -15.31 -62.16
C CYS D 203 34.67 -16.34 -63.20
N ASN D 204 34.67 -17.62 -62.83
CA ASN D 204 34.26 -18.67 -63.74
C ASN D 204 33.12 -19.41 -63.08
N VAL D 205 31.91 -19.07 -63.50
CA VAL D 205 30.70 -19.67 -62.98
C VAL D 205 30.35 -20.98 -63.69
N ASN D 206 30.25 -22.06 -62.93
CA ASN D 206 29.92 -23.36 -63.51
C ASN D 206 28.61 -23.87 -62.95
N HIS D 207 27.70 -24.25 -63.84
CA HIS D 207 26.41 -24.76 -63.43
C HIS D 207 26.05 -25.99 -64.22
N LYS D 208 26.66 -27.11 -63.83
CA LYS D 208 26.44 -28.39 -64.49
C LYS D 208 24.98 -28.74 -64.79
N PRO D 209 24.08 -28.59 -63.81
CA PRO D 209 22.66 -28.91 -64.01
C PRO D 209 22.08 -28.36 -65.31
N SER D 210 22.61 -27.22 -65.73
CA SER D 210 22.16 -26.53 -66.94
C SER D 210 23.21 -26.70 -68.04
N ASN D 211 24.33 -27.30 -67.66
CA ASN D 211 25.44 -27.51 -68.59
C ASN D 211 25.91 -26.16 -69.12
N THR D 212 26.05 -25.20 -68.21
CA THR D 212 26.47 -23.85 -68.56
C THR D 212 27.76 -23.50 -67.83
N LYS D 213 28.59 -22.71 -68.49
CA LYS D 213 29.84 -22.26 -67.89
C LYS D 213 29.97 -20.84 -68.40
N VAL D 214 30.24 -19.91 -67.50
CA VAL D 214 30.38 -18.52 -67.88
C VAL D 214 31.61 -17.93 -67.26
N ASP D 215 32.30 -17.09 -68.02
CA ASP D 215 33.51 -16.44 -67.56
C ASP D 215 33.35 -14.95 -67.80
N LYS D 216 33.14 -14.22 -66.71
CA LYS D 216 32.96 -12.78 -66.80
C LYS D 216 34.14 -12.10 -66.13
N LYS D 217 34.84 -11.25 -66.86
CA LYS D 217 35.99 -10.55 -66.32
C LYS D 217 35.48 -9.21 -65.81
N VAL D 218 35.69 -8.97 -64.53
CA VAL D 218 35.22 -7.74 -63.91
C VAL D 218 36.30 -6.68 -63.90
N GLU D 219 36.00 -5.53 -64.48
CA GLU D 219 36.95 -4.42 -64.53
C GLU D 219 36.55 -3.34 -63.52
N PRO D 220 37.54 -2.59 -63.01
CA PRO D 220 37.28 -1.53 -62.04
C PRO D 220 36.41 -0.40 -62.63
N SER E 1 -5.94 19.77 21.97
CA SER E 1 -7.14 19.61 22.83
C SER E 1 -7.68 20.99 23.14
N TYR E 2 -8.70 21.10 23.96
CA TYR E 2 -9.22 22.42 24.17
C TYR E 2 -9.93 22.56 25.50
N GLU E 3 -9.99 23.77 26.05
CA GLU E 3 -10.62 23.88 27.34
C GLU E 3 -11.67 24.91 27.60
N LEU E 4 -12.69 24.43 28.28
CA LEU E 4 -13.72 25.26 28.77
C LEU E 4 -13.21 25.51 30.20
N LYS E 5 -12.46 26.62 30.29
CA LYS E 5 -11.87 27.06 31.53
C LYS E 5 -13.00 27.66 32.37
N GLN E 6 -13.31 26.95 33.44
CA GLN E 6 -14.39 27.31 34.34
C GLN E 6 -13.91 27.34 35.78
N PRO E 7 -14.21 28.41 36.51
CA PRO E 7 -13.81 28.55 37.91
C PRO E 7 -14.38 27.38 38.70
N PRO E 8 -13.50 26.63 39.39
CA PRO E 8 -13.87 25.46 40.20
C PRO E 8 -14.98 25.68 41.22
N SER E 9 -14.96 26.81 41.88
CA SER E 9 -15.96 27.07 42.90
C SER E 9 -16.51 28.50 42.92
N VAL E 10 -17.75 28.59 43.37
CA VAL E 10 -18.47 29.86 43.51
C VAL E 10 -19.53 29.74 44.60
N SER E 11 -19.58 30.76 45.47
CA SER E 11 -20.54 30.79 46.55
C SER E 11 -21.23 32.15 46.59
N VAL E 12 -22.48 32.17 47.03
CA VAL E 12 -23.25 33.40 47.14
C VAL E 12 -24.27 33.30 48.27
N SER E 13 -24.69 34.44 48.80
CA SER E 13 -25.65 34.48 49.88
C SER E 13 -27.09 34.42 49.38
N PRO E 14 -27.92 33.62 50.06
CA PRO E 14 -29.31 33.51 49.63
C PRO E 14 -29.85 34.87 49.24
N GLY E 15 -30.36 34.97 48.02
CA GLY E 15 -30.93 36.23 47.60
C GLY E 15 -30.09 37.14 46.75
N GLN E 16 -28.77 36.97 46.75
CA GLN E 16 -28.00 37.85 45.89
C GLN E 16 -27.74 37.15 44.56
N THR E 17 -27.08 37.83 43.65
CA THR E 17 -26.81 37.27 42.33
C THR E 17 -25.48 36.52 42.31
N ALA E 18 -25.40 35.47 41.48
CA ALA E 18 -24.19 34.64 41.34
C ALA E 18 -23.75 34.58 39.87
N ARG E 19 -22.47 34.76 39.59
CA ARG E 19 -22.02 34.73 38.20
C ARG E 19 -20.95 33.66 37.91
N ILE E 20 -21.25 32.74 36.99
CA ILE E 20 -20.34 31.65 36.63
C ILE E 20 -19.83 31.80 35.19
N THR E 21 -18.53 32.00 35.04
CA THR E 21 -17.99 32.16 33.71
C THR E 21 -17.49 30.87 33.07
N CYS E 22 -17.10 30.96 31.80
CA CYS E 22 -16.61 29.83 31.02
C CYS E 22 -15.80 30.31 29.82
N SER E 23 -14.50 30.52 30.03
CA SER E 23 -13.58 30.95 28.99
C SER E 23 -13.29 29.87 27.94
N GLY E 24 -13.05 30.27 26.70
CA GLY E 24 -12.76 29.33 25.64
C GLY E 24 -12.39 29.98 24.33
N ASP E 25 -11.29 29.53 23.74
CA ASP E 25 -10.80 30.07 22.47
C ASP E 25 -11.81 30.08 21.33
N VAL E 26 -12.50 28.97 21.15
CA VAL E 26 -13.47 28.84 20.08
C VAL E 26 -14.86 29.34 20.46
N LEU E 27 -15.02 29.79 21.69
CA LEU E 27 -16.33 30.26 22.14
C LEU E 27 -17.04 31.30 21.27
N PRO E 28 -16.30 32.24 20.66
CA PRO E 28 -16.98 33.24 19.82
C PRO E 28 -17.59 32.69 18.52
N LYS E 29 -17.20 31.48 18.13
CA LYS E 29 -17.73 30.89 16.91
C LYS E 29 -18.64 29.70 17.20
N LYS E 30 -18.73 29.31 18.47
CA LYS E 30 -19.58 28.21 18.87
C LYS E 30 -20.53 28.64 19.98
N TYR E 31 -21.67 27.98 20.07
CA TYR E 31 -22.65 28.30 21.10
C TYR E 31 -22.20 27.72 22.41
N ALA E 32 -22.77 28.21 23.50
CA ALA E 32 -22.41 27.74 24.82
C ALA E 32 -23.64 27.31 25.58
N TYR E 33 -23.54 26.20 26.31
CA TYR E 33 -24.69 25.75 27.09
C TYR E 33 -24.32 25.69 28.57
N TRP E 34 -25.32 25.47 29.39
CA TRP E 34 -25.12 25.33 30.81
C TRP E 34 -26.01 24.23 31.32
N TYR E 35 -25.43 23.37 32.15
CA TYR E 35 -26.20 22.30 32.76
C TYR E 35 -26.02 22.37 34.27
N GLN E 36 -27.11 22.15 34.96
CA GLN E 36 -27.13 22.17 36.41
C GLN E 36 -27.18 20.72 36.90
N GLU E 37 -26.26 20.33 37.76
CA GLU E 37 -26.26 18.98 38.27
C GLU E 37 -26.20 19.00 39.80
N ARG E 38 -27.31 18.63 40.42
CA ARG E 38 -27.41 18.57 41.87
C ARG E 38 -26.78 17.25 42.30
N SER E 39 -26.34 17.18 43.55
CA SER E 39 -25.70 16.00 44.09
C SER E 39 -26.42 14.69 43.77
N GLY E 40 -25.69 13.76 43.17
CA GLY E 40 -26.26 12.45 42.84
C GLY E 40 -27.55 12.55 42.05
N GLN E 41 -27.47 13.28 40.93
CA GLN E 41 -28.63 13.54 40.08
C GLN E 41 -28.20 13.85 38.67
N ALA E 42 -28.98 13.41 37.70
CA ALA E 42 -28.66 13.65 36.31
C ALA E 42 -28.59 15.15 35.97
N PRO E 43 -27.72 15.53 35.02
CA PRO E 43 -27.60 16.94 34.66
C PRO E 43 -28.88 17.48 34.00
N VAL E 44 -29.10 18.78 34.14
CA VAL E 44 -30.28 19.42 33.56
C VAL E 44 -29.84 20.62 32.74
N LEU E 45 -30.57 20.88 31.66
CA LEU E 45 -30.26 22.01 30.79
C LEU E 45 -30.86 23.29 31.36
N VAL E 46 -30.09 24.38 31.37
CA VAL E 46 -30.60 25.65 31.89
C VAL E 46 -30.30 26.76 30.90
N VAL E 47 -29.34 26.55 30.02
CA VAL E 47 -29.02 27.56 29.03
C VAL E 47 -28.54 26.90 27.75
N TYR E 48 -29.01 27.40 26.61
CA TYR E 48 -28.60 26.87 25.32
C TYR E 48 -28.40 27.99 24.31
N GLU E 49 -27.52 27.75 23.35
CA GLU E 49 -27.20 28.76 22.36
C GLU E 49 -26.93 30.05 23.11
N ASP E 50 -25.98 30.00 24.04
CA ASP E 50 -25.60 31.15 24.83
C ASP E 50 -26.66 31.71 25.76
N SER E 51 -27.80 32.14 25.21
CA SER E 51 -28.83 32.81 26.01
C SER E 51 -30.21 32.17 26.12
N GLY E 52 -30.49 31.18 25.29
CA GLY E 52 -31.78 30.52 25.35
C GLY E 52 -32.05 30.04 26.76
N ARG E 53 -33.30 29.73 27.09
CA ARG E 53 -33.63 29.25 28.43
C ARG E 53 -34.86 28.38 28.45
N PRO E 54 -34.71 27.08 28.74
CA PRO E 54 -35.84 26.15 28.79
C PRO E 54 -37.05 26.65 29.58
N SER E 55 -38.23 26.10 29.27
CA SER E 55 -39.48 26.50 29.90
C SER E 55 -39.74 25.84 31.24
N GLU E 56 -38.68 25.58 32.00
CA GLU E 56 -38.83 24.94 33.30
C GLU E 56 -37.76 25.53 34.18
N ILE E 57 -36.96 26.37 33.54
CA ILE E 57 -35.87 27.07 34.19
C ILE E 57 -36.36 28.45 34.55
N PRO E 58 -36.35 28.77 35.84
CA PRO E 58 -36.79 30.09 36.30
C PRO E 58 -36.06 31.19 35.58
N GLU E 59 -36.77 32.26 35.29
CA GLU E 59 -36.23 33.41 34.60
C GLU E 59 -35.00 33.98 35.28
N ARG E 60 -34.77 33.65 36.55
CA ARG E 60 -33.61 34.20 37.25
C ARG E 60 -32.28 33.64 36.71
N PHE E 61 -32.35 32.49 36.03
CA PHE E 61 -31.16 31.88 35.43
C PHE E 61 -30.97 32.55 34.07
N SER E 62 -30.00 33.47 34.00
CA SER E 62 -29.76 34.20 32.76
C SER E 62 -28.44 33.86 32.11
N GLY E 63 -28.53 33.16 30.99
CA GLY E 63 -27.32 32.79 30.27
C GLY E 63 -26.94 33.89 29.31
N SER E 64 -25.65 34.15 29.17
CA SER E 64 -25.17 35.17 28.26
C SER E 64 -23.80 34.76 27.74
N SER E 65 -23.29 35.52 26.78
CA SER E 65 -22.00 35.22 26.17
C SER E 65 -21.45 36.44 25.45
N SER E 66 -20.17 36.41 25.13
CA SER E 66 -19.51 37.50 24.43
C SER E 66 -18.02 37.23 24.34
N GLY E 67 -17.47 37.36 23.14
CA GLY E 67 -16.06 37.12 22.97
C GLY E 67 -15.71 35.66 23.21
N THR E 68 -14.89 35.41 24.21
CA THR E 68 -14.50 34.05 24.54
C THR E 68 -14.91 33.69 25.93
N LYS E 69 -15.97 34.31 26.43
CA LYS E 69 -16.43 34.05 27.78
C LYS E 69 -17.95 33.95 27.85
N ALA E 70 -18.46 32.78 28.22
CA ALA E 70 -19.90 32.61 28.37
C ALA E 70 -20.16 32.75 29.87
N THR E 71 -21.30 33.35 30.24
CA THR E 71 -21.55 33.56 31.67
C THR E 71 -22.94 33.22 32.15
N LEU E 72 -23.06 32.22 33.01
CA LEU E 72 -24.40 31.92 33.52
C LEU E 72 -24.61 32.80 34.74
N THR E 73 -25.58 33.71 34.68
CA THR E 73 -25.85 34.58 35.81
C THR E 73 -27.14 34.17 36.53
N ILE E 74 -27.01 33.70 37.76
CA ILE E 74 -28.18 33.29 38.53
C ILE E 74 -28.47 34.36 39.57
N SER E 75 -29.61 35.03 39.42
CA SER E 75 -30.03 36.08 40.33
C SER E 75 -30.94 35.53 41.41
N GLY E 76 -30.98 36.21 42.55
CA GLY E 76 -31.82 35.78 43.65
C GLY E 76 -31.56 34.34 44.03
N ALA E 77 -30.28 33.97 44.08
CA ALA E 77 -29.87 32.61 44.42
C ALA E 77 -30.76 31.96 45.48
N GLN E 78 -31.05 30.69 45.27
CA GLN E 78 -31.87 29.95 46.21
C GLN E 78 -31.04 28.82 46.79
N VAL E 79 -31.56 28.18 47.84
CA VAL E 79 -30.85 27.08 48.47
C VAL E 79 -30.91 25.89 47.54
N GLU E 80 -31.86 25.94 46.61
CA GLU E 80 -32.04 24.85 45.64
C GLU E 80 -31.12 25.02 44.43
N ASP E 81 -30.58 26.23 44.25
CA ASP E 81 -29.69 26.51 43.14
C ASP E 81 -28.31 25.99 43.46
N GLU E 82 -28.20 25.34 44.60
CA GLU E 82 -26.94 24.80 45.07
C GLU E 82 -26.63 23.51 44.34
N ALA E 83 -25.61 23.58 43.48
CA ALA E 83 -25.18 22.41 42.69
C ALA E 83 -23.99 22.74 41.81
N ASP E 84 -23.62 21.78 40.95
CA ASP E 84 -22.50 21.94 40.02
C ASP E 84 -23.06 22.43 38.68
N TYR E 85 -22.34 23.34 38.05
CA TYR E 85 -22.76 23.89 36.78
C TYR E 85 -21.66 23.66 35.75
N TYR E 86 -22.04 23.12 34.60
CA TYR E 86 -21.06 22.86 33.55
C TYR E 86 -21.43 23.55 32.26
N CYS E 87 -20.45 24.12 31.58
CA CYS E 87 -20.73 24.73 30.29
C CYS E 87 -20.38 23.74 29.20
N TYR E 88 -21.05 23.85 28.07
CA TYR E 88 -20.84 22.95 26.96
C TYR E 88 -20.55 23.71 25.68
N SER E 89 -19.84 23.06 24.76
CA SER E 89 -19.51 23.68 23.50
C SER E 89 -18.81 22.63 22.62
N ASP E 90 -17.94 23.12 21.74
CA ASP E 90 -17.14 22.23 20.90
C ASP E 90 -16.01 22.92 20.16
N ILE E 91 -14.98 22.15 19.86
CA ILE E 91 -13.79 22.62 19.21
C ILE E 91 -14.10 23.19 17.85
N SER E 92 -13.10 23.84 17.28
CA SER E 92 -13.21 24.40 15.96
C SER E 92 -13.46 23.37 14.90
N ASN E 93 -13.68 22.14 15.29
CA ASN E 93 -14.05 21.15 14.32
C ASN E 93 -15.10 20.20 14.88
N GLY E 94 -16.17 20.80 15.39
CA GLY E 94 -17.32 20.07 15.89
C GLY E 94 -17.40 19.20 17.11
N TYR E 95 -16.29 18.63 17.58
CA TYR E 95 -16.38 17.75 18.73
C TYR E 95 -16.80 18.45 20.03
N PRO E 96 -17.87 17.94 20.66
CA PRO E 96 -18.37 18.50 21.91
C PRO E 96 -17.43 18.49 23.13
N LEU E 97 -17.50 19.55 23.93
CA LEU E 97 -16.72 19.69 25.16
C LEU E 97 -17.58 19.87 26.38
N PHE E 98 -16.90 20.12 27.49
CA PHE E 98 -17.52 20.37 28.78
C PHE E 98 -16.53 21.11 29.65
N GLY E 99 -17.03 22.03 30.46
CA GLY E 99 -16.13 22.79 31.32
C GLY E 99 -15.63 21.97 32.50
N GLY E 100 -14.75 22.56 33.30
CA GLY E 100 -14.25 21.85 34.47
C GLY E 100 -15.38 21.66 35.44
N GLY E 101 -16.38 22.55 35.32
CA GLY E 101 -17.54 22.54 36.18
C GLY E 101 -17.34 23.53 37.31
N THR E 102 -18.43 24.00 37.91
CA THR E 102 -18.30 24.94 39.01
C THR E 102 -19.25 24.56 40.13
N LYS E 103 -18.79 24.73 41.36
CA LYS E 103 -19.62 24.42 42.52
C LYS E 103 -20.24 25.73 43.04
N LEU E 104 -21.56 25.72 43.21
CA LEU E 104 -22.25 26.89 43.70
C LEU E 104 -22.78 26.57 45.09
N SER E 105 -22.46 27.43 46.05
CA SER E 105 -22.91 27.24 47.44
C SER E 105 -23.76 28.45 47.91
N VAL E 106 -24.38 28.34 49.09
CA VAL E 106 -25.21 29.42 49.63
C VAL E 106 -25.01 30.07 51.06
N GLY E 107 -25.71 29.53 52.07
CA GLY E 107 -25.62 30.14 53.38
C GLY E 107 -25.38 29.43 54.70
N GLN E 108 -24.53 30.04 55.52
CA GLN E 108 -24.09 29.60 56.85
C GLN E 108 -22.79 30.39 57.02
N PRO E 109 -22.43 30.72 58.25
CA PRO E 109 -21.17 31.47 58.36
C PRO E 109 -19.95 30.81 57.69
N LYS E 110 -19.38 31.53 56.74
CA LYS E 110 -18.23 31.04 56.01
C LYS E 110 -17.21 30.60 57.05
N ALA E 111 -17.04 29.28 57.19
CA ALA E 111 -16.11 28.72 58.17
C ALA E 111 -14.80 28.26 57.52
N ALA E 112 -13.70 28.45 58.24
CA ALA E 112 -12.39 28.05 57.73
C ALA E 112 -12.02 26.64 58.16
N PRO E 113 -11.31 25.90 57.27
CA PRO E 113 -10.86 24.52 57.45
C PRO E 113 -9.80 24.28 58.52
N SER E 114 -9.97 23.17 59.23
CA SER E 114 -9.03 22.73 60.25
C SER E 114 -8.12 21.76 59.51
N VAL E 115 -6.88 22.15 59.32
CA VAL E 115 -5.95 21.30 58.61
C VAL E 115 -5.02 20.58 59.57
N THR E 116 -4.84 19.28 59.35
CA THR E 116 -3.94 18.48 60.17
C THR E 116 -3.10 17.64 59.22
N LEU E 117 -1.78 17.64 59.42
CA LEU E 117 -0.88 16.90 58.55
C LEU E 117 -0.09 15.82 59.27
N PHE E 118 -0.15 14.62 58.73
CA PHE E 118 0.56 13.50 59.33
C PHE E 118 1.67 12.94 58.47
N PRO E 119 2.81 12.64 59.09
CA PRO E 119 3.93 12.10 58.35
C PRO E 119 3.77 10.60 58.24
N PRO E 120 4.54 9.95 57.35
CA PRO E 120 4.41 8.51 57.24
C PRO E 120 4.89 7.93 58.56
N SER E 121 4.22 6.88 59.04
CA SER E 121 4.62 6.25 60.29
C SER E 121 5.85 5.41 59.99
N SER E 122 6.78 5.38 60.92
CA SER E 122 7.99 4.61 60.71
C SER E 122 7.55 3.20 60.34
N GLU E 123 6.44 2.78 60.90
CA GLU E 123 5.91 1.47 60.61
C GLU E 123 5.54 1.34 59.13
N GLU E 124 4.76 2.28 58.60
CA GLU E 124 4.40 2.19 57.18
C GLU E 124 5.65 2.20 56.34
N LEU E 125 6.71 2.82 56.86
CA LEU E 125 7.95 2.85 56.09
C LEU E 125 8.57 1.47 56.02
N GLN E 126 8.57 0.77 57.15
CA GLN E 126 9.12 -0.59 57.23
C GLN E 126 8.45 -1.48 56.21
N ALA E 127 7.38 -0.97 55.62
CA ALA E 127 6.67 -1.73 54.61
C ALA E 127 7.03 -1.17 53.24
N ASN E 128 8.10 -0.39 53.19
CA ASN E 128 8.55 0.19 51.94
C ASN E 128 7.47 1.01 51.21
N LYS E 129 6.78 1.84 51.96
CA LYS E 129 5.75 2.71 51.41
C LYS E 129 5.70 3.91 52.32
N ALA E 130 5.25 5.05 51.79
CA ALA E 130 5.18 6.26 52.58
C ALA E 130 3.90 6.97 52.19
N THR E 131 3.13 7.40 53.19
CA THR E 131 1.90 8.10 52.95
C THR E 131 1.73 9.26 53.91
N LEU E 132 1.50 10.45 53.33
CA LEU E 132 1.27 11.65 54.11
C LEU E 132 -0.21 11.87 54.08
N VAL E 133 -0.80 12.10 55.24
CA VAL E 133 -2.22 12.33 55.28
C VAL E 133 -2.52 13.75 55.73
N CYS E 134 -3.40 14.40 54.97
CA CYS E 134 -3.82 15.77 55.26
C CYS E 134 -5.31 15.67 55.49
N LEU E 135 -5.74 15.96 56.72
CA LEU E 135 -7.15 15.92 57.10
C LEU E 135 -7.70 17.32 57.24
N ILE E 136 -8.67 17.62 56.38
CA ILE E 136 -9.31 18.93 56.31
C ILE E 136 -10.69 18.87 56.99
N SER E 137 -10.86 19.63 58.06
CA SER E 137 -12.11 19.60 58.82
C SER E 137 -12.82 20.93 59.08
N ASP E 138 -14.12 20.83 59.39
CA ASP E 138 -14.97 21.98 59.73
C ASP E 138 -15.02 23.19 58.79
N PHE E 139 -15.01 22.99 57.48
CA PHE E 139 -15.06 24.17 56.62
C PHE E 139 -16.41 24.34 55.95
N TYR E 140 -16.70 25.59 55.55
CA TYR E 140 -17.92 25.98 54.87
C TYR E 140 -17.58 27.20 54.04
N PRO E 141 -18.07 27.27 52.78
CA PRO E 141 -18.90 26.25 52.14
C PRO E 141 -18.05 25.04 51.78
N GLY E 142 -18.72 23.93 51.50
CA GLY E 142 -18.00 22.71 51.16
C GLY E 142 -17.17 22.68 49.89
N ALA E 143 -16.12 23.49 49.83
CA ALA E 143 -15.27 23.52 48.65
C ALA E 143 -13.85 23.90 49.02
N VAL E 144 -12.89 23.08 48.61
CA VAL E 144 -11.49 23.36 48.91
C VAL E 144 -10.55 22.96 47.80
N THR E 145 -9.33 23.45 47.92
CA THR E 145 -8.27 23.16 46.97
C THR E 145 -7.07 22.68 47.78
N VAL E 146 -6.48 21.58 47.33
CA VAL E 146 -5.35 21.02 48.04
C VAL E 146 -4.14 20.95 47.15
N ALA E 147 -3.07 21.58 47.60
CA ALA E 147 -1.83 21.58 46.86
C ALA E 147 -0.73 21.04 47.75
N TRP E 148 0.02 20.07 47.26
CA TRP E 148 1.12 19.53 48.04
C TRP E 148 2.45 20.10 47.55
N LYS E 149 3.40 20.23 48.46
CA LYS E 149 4.69 20.79 48.11
C LYS E 149 5.84 19.91 48.59
N ALA E 150 6.84 19.74 47.72
CA ALA E 150 8.03 18.98 48.06
C ALA E 150 9.13 20.03 48.16
N ASP E 151 9.52 20.35 49.39
CA ASP E 151 10.54 21.37 49.67
C ASP E 151 10.17 22.72 49.10
N SER E 152 8.88 23.05 49.02
CA SER E 152 8.47 24.34 48.45
C SER E 152 8.34 24.25 46.93
N SER E 153 8.53 23.06 46.37
CA SER E 153 8.38 22.87 44.95
C SER E 153 7.10 22.05 44.84
N PRO E 154 6.21 22.38 43.90
CA PRO E 154 4.99 21.59 43.80
C PRO E 154 5.23 20.20 43.28
N ILE E 155 4.17 19.42 43.23
CA ILE E 155 4.22 18.04 42.75
C ILE E 155 2.79 17.62 42.53
N LYS E 156 2.56 16.77 41.53
CA LYS E 156 1.20 16.28 41.26
C LYS E 156 1.13 14.76 41.30
N ALA E 157 2.26 14.12 41.03
CA ALA E 157 2.35 12.67 41.05
C ALA E 157 2.25 12.13 42.48
N GLY E 158 1.17 11.40 42.76
CA GLY E 158 1.00 10.80 44.08
C GLY E 158 -0.04 11.42 45.00
N VAL E 159 -0.97 12.19 44.46
CA VAL E 159 -1.99 12.83 45.28
C VAL E 159 -3.42 12.38 45.03
N GLU E 160 -4.09 11.98 46.10
CA GLU E 160 -5.47 11.56 45.99
C GLU E 160 -6.22 12.39 47.00
N THR E 161 -7.11 13.25 46.54
CA THR E 161 -7.87 14.08 47.45
C THR E 161 -9.34 13.75 47.32
N THR E 162 -10.02 13.69 48.45
CA THR E 162 -11.45 13.37 48.47
C THR E 162 -12.37 14.54 48.15
N THR E 163 -13.62 14.20 47.92
CA THR E 163 -14.65 15.19 47.63
C THR E 163 -15.20 15.72 48.96
N PRO E 164 -15.47 17.04 49.02
CA PRO E 164 -16.01 17.61 50.26
C PRO E 164 -17.17 16.76 50.75
N SER E 165 -17.13 16.41 52.02
CA SER E 165 -18.14 15.58 52.65
C SER E 165 -18.79 16.43 53.73
N LYS E 166 -20.09 16.26 53.93
CA LYS E 166 -20.78 17.06 54.94
C LYS E 166 -20.73 16.37 56.30
N GLN E 167 -20.18 17.04 57.29
CA GLN E 167 -20.10 16.47 58.62
C GLN E 167 -21.50 16.55 59.24
N SER E 168 -21.67 15.95 60.42
CA SER E 168 -22.96 15.96 61.11
C SER E 168 -23.36 17.37 61.51
N ASN E 169 -22.37 18.24 61.69
CA ASN E 169 -22.63 19.62 62.07
C ASN E 169 -22.71 20.53 60.86
N ASN E 170 -23.18 19.99 59.74
CA ASN E 170 -23.36 20.74 58.51
C ASN E 170 -22.18 21.52 57.93
N LYS E 171 -20.97 21.25 58.43
CA LYS E 171 -19.78 21.88 57.89
C LYS E 171 -19.18 20.79 57.01
N TYR E 172 -18.06 21.05 56.34
CA TYR E 172 -17.51 20.01 55.47
C TYR E 172 -16.15 19.45 55.82
N ALA E 173 -15.97 18.18 55.47
CA ALA E 173 -14.73 17.46 55.73
C ALA E 173 -14.11 16.98 54.42
N ALA E 174 -12.78 16.93 54.39
CA ALA E 174 -12.06 16.47 53.22
C ALA E 174 -10.79 15.79 53.65
N SER E 175 -10.21 15.00 52.77
CA SER E 175 -8.96 14.29 53.07
C SER E 175 -8.12 14.16 51.82
N SER E 176 -6.82 14.36 51.96
CA SER E 176 -5.93 14.26 50.83
C SER E 176 -4.69 13.45 51.22
N TYR E 177 -4.26 12.56 50.33
CA TYR E 177 -3.09 11.75 50.58
C TYR E 177 -2.04 11.97 49.50
N LEU E 178 -0.79 12.00 49.95
CA LEU E 178 0.35 12.18 49.07
C LEU E 178 1.18 10.93 49.22
N SER E 179 1.18 10.09 48.21
CA SER E 179 1.95 8.87 48.30
C SER E 179 3.37 8.98 47.83
N LEU E 180 4.28 8.66 48.73
CA LEU E 180 5.70 8.72 48.45
C LEU E 180 6.39 7.37 48.69
N THR E 181 7.66 7.35 48.32
CA THR E 181 8.55 6.21 48.46
C THR E 181 9.37 6.57 49.69
N PRO E 182 9.62 5.61 50.57
CA PRO E 182 10.41 5.89 51.78
C PRO E 182 11.65 6.68 51.41
N GLU E 183 12.03 6.54 50.14
CA GLU E 183 13.20 7.22 49.60
C GLU E 183 12.96 8.68 49.30
N GLN E 184 11.77 9.03 48.82
CA GLN E 184 11.48 10.42 48.53
C GLN E 184 11.16 11.12 49.83
N TRP E 185 10.50 10.40 50.73
CA TRP E 185 10.16 10.96 52.01
C TRP E 185 11.44 11.48 52.65
N LYS E 186 12.50 10.69 52.57
CA LYS E 186 13.76 11.09 53.18
C LYS E 186 14.57 11.97 52.27
N SER E 187 14.30 11.85 50.98
CA SER E 187 15.02 12.62 49.97
C SER E 187 14.94 14.11 50.30
N HIS E 188 13.76 14.68 50.19
CA HIS E 188 13.55 16.09 50.47
C HIS E 188 13.65 16.35 51.96
N ARG E 189 13.50 17.61 52.34
CA ARG E 189 13.62 17.94 53.76
C ARG E 189 12.36 18.48 54.40
N SER E 190 11.30 18.57 53.62
CA SER E 190 10.01 19.03 54.14
C SER E 190 8.93 18.90 53.07
N TYR E 191 7.77 18.43 53.50
CA TYR E 191 6.62 18.26 52.62
C TYR E 191 5.49 19.06 53.23
N SER E 192 4.75 19.81 52.44
CA SER E 192 3.64 20.54 53.01
C SER E 192 2.34 20.37 52.24
N CYS E 193 1.25 20.49 52.99
CA CYS E 193 -0.08 20.38 52.45
C CYS E 193 -0.79 21.67 52.66
N GLN E 194 -1.08 22.40 51.59
CA GLN E 194 -1.78 23.66 51.73
C GLN E 194 -3.19 23.60 51.17
N VAL E 195 -4.14 23.84 52.08
CA VAL E 195 -5.55 23.82 51.74
C VAL E 195 -6.00 25.26 51.57
N THR E 196 -6.46 25.60 50.37
CA THR E 196 -6.96 26.94 50.10
C THR E 196 -8.48 26.84 50.01
N HIS E 197 -9.15 27.71 50.76
CA HIS E 197 -10.60 27.75 50.82
C HIS E 197 -11.08 29.17 51.04
N GLU E 198 -11.75 29.70 50.03
CA GLU E 198 -12.30 31.05 49.99
C GLU E 198 -11.19 32.08 50.10
N GLY E 199 -10.16 31.90 49.28
CA GLY E 199 -9.04 32.85 49.29
C GLY E 199 -8.15 32.69 50.52
N SER E 200 -8.68 32.06 51.54
CA SER E 200 -7.92 31.81 52.75
C SER E 200 -7.08 30.55 52.50
N THR E 201 -5.85 30.55 53.01
CA THR E 201 -4.98 29.43 52.81
C THR E 201 -4.31 28.95 54.08
N VAL E 202 -4.55 27.69 54.42
CA VAL E 202 -3.94 27.08 55.59
C VAL E 202 -2.89 26.10 55.06
N GLU E 203 -1.66 26.24 55.51
CA GLU E 203 -0.57 25.38 55.04
C GLU E 203 0.28 24.79 56.15
N LYS E 204 0.02 23.52 56.48
CA LYS E 204 0.78 22.79 57.49
C LYS E 204 1.88 21.95 56.85
N THR E 205 3.05 21.93 57.48
CA THR E 205 4.19 21.21 56.93
C THR E 205 4.78 20.21 57.89
N VAL E 206 5.45 19.20 57.35
CA VAL E 206 6.11 18.19 58.15
C VAL E 206 7.46 17.89 57.50
N ALA E 207 8.44 17.49 58.31
CA ALA E 207 9.78 17.17 57.82
C ALA E 207 10.35 16.00 58.60
N PRO E 208 11.01 15.05 57.92
CA PRO E 208 11.59 13.90 58.63
C PRO E 208 12.47 14.30 59.82
N THR E 209 11.90 14.10 61.01
CA THR E 209 12.51 14.43 62.30
C THR E 209 11.73 13.73 63.43
N GLU F 1 -43.99 11.30 29.27
CA GLU F 1 -43.09 12.30 28.65
C GLU F 1 -41.64 11.80 28.61
N VAL F 2 -40.75 12.64 28.08
CA VAL F 2 -39.34 12.30 27.94
C VAL F 2 -38.70 11.54 29.10
N GLN F 3 -38.14 10.37 28.81
CA GLN F 3 -37.47 9.55 29.82
C GLN F 3 -36.45 8.61 29.20
N LEU F 4 -35.25 8.60 29.76
CA LEU F 4 -34.16 7.76 29.29
C LEU F 4 -33.69 6.88 30.43
N VAL F 5 -33.49 5.60 30.13
CA VAL F 5 -33.06 4.67 31.15
C VAL F 5 -31.89 3.83 30.71
N GLU F 6 -30.76 4.01 31.40
CA GLU F 6 -29.56 3.26 31.09
C GLU F 6 -29.54 1.93 31.81
N SER F 7 -28.58 1.09 31.43
CA SER F 7 -28.38 -0.23 32.03
C SER F 7 -27.14 -0.88 31.45
N GLY F 8 -26.67 -1.93 32.10
CA GLY F 8 -25.49 -2.62 31.61
C GLY F 8 -24.26 -2.35 32.44
N GLY F 9 -24.21 -1.15 33.00
CA GLY F 9 -23.09 -0.79 33.84
C GLY F 9 -22.86 -1.81 34.94
N GLY F 10 -21.61 -1.98 35.32
CA GLY F 10 -21.30 -2.94 36.36
C GLY F 10 -19.82 -2.93 36.69
N LEU F 11 -19.34 -4.01 37.29
CA LEU F 11 -17.95 -4.11 37.69
C LEU F 11 -17.21 -5.12 36.85
N VAL F 12 -16.22 -4.65 36.09
CA VAL F 12 -15.40 -5.52 35.24
C VAL F 12 -13.94 -5.16 35.37
N GLN F 13 -13.08 -6.02 34.84
CA GLN F 13 -11.64 -5.84 34.93
C GLN F 13 -11.03 -5.27 33.67
N PRO F 14 -9.87 -4.59 33.83
CA PRO F 14 -9.18 -3.99 32.69
C PRO F 14 -9.07 -4.97 31.52
N GLY F 15 -9.30 -4.47 30.32
CA GLY F 15 -9.22 -5.30 29.13
C GLY F 15 -10.54 -5.96 28.81
N GLU F 16 -11.30 -6.26 29.86
CA GLU F 16 -12.58 -6.91 29.70
C GLU F 16 -13.50 -6.06 28.81
N SER F 17 -14.71 -6.52 28.56
CA SER F 17 -15.64 -5.75 27.74
C SER F 17 -16.98 -5.56 28.42
N LEU F 18 -17.80 -4.67 27.87
CA LEU F 18 -19.10 -4.40 28.44
C LEU F 18 -19.92 -3.56 27.47
N LYS F 19 -21.23 -3.79 27.45
CA LYS F 19 -22.12 -3.03 26.56
C LYS F 19 -23.24 -2.41 27.37
N LEU F 20 -23.28 -1.09 27.37
CA LEU F 20 -24.33 -0.40 28.09
C LEU F 20 -25.49 -0.22 27.16
N SER F 21 -26.69 -0.07 27.72
CA SER F 21 -27.87 0.12 26.90
C SER F 21 -28.74 1.25 27.47
N CYS F 22 -29.36 1.96 26.55
CA CYS F 22 -30.19 3.11 26.87
C CYS F 22 -31.49 3.03 26.08
N THR F 23 -32.59 2.80 26.79
CA THR F 23 -33.89 2.70 26.14
C THR F 23 -34.68 3.97 26.47
N ALA F 24 -35.34 4.53 25.46
CA ALA F 24 -36.09 5.77 25.66
C ALA F 24 -37.57 5.57 25.53
N SER F 25 -38.31 6.50 26.10
CA SER F 25 -39.76 6.48 26.04
C SER F 25 -40.14 7.93 26.19
N GLY F 26 -41.19 8.36 25.51
CA GLY F 26 -41.59 9.74 25.62
C GLY F 26 -41.26 10.55 24.37
N PHE F 27 -40.65 9.88 23.40
CA PHE F 27 -40.29 10.54 22.15
C PHE F 27 -39.75 9.56 21.14
N SER F 28 -39.78 9.97 19.88
CA SER F 28 -39.30 9.14 18.80
C SER F 28 -37.77 9.15 18.77
N LEU F 29 -37.15 8.06 19.19
CA LEU F 29 -35.68 8.02 19.21
C LEU F 29 -35.13 8.33 17.84
N SER F 30 -35.77 7.80 16.82
CA SER F 30 -35.32 8.01 15.47
C SER F 30 -35.28 9.47 15.02
N ASN F 31 -35.93 10.36 15.75
CA ASN F 31 -35.93 11.76 15.34
C ASN F 31 -34.77 12.53 15.92
N TYR F 32 -34.02 11.85 16.78
CA TYR F 32 -32.93 12.52 17.43
C TYR F 32 -31.54 11.93 17.29
N TYR F 33 -30.59 12.75 17.68
CA TYR F 33 -29.19 12.39 17.68
C TYR F 33 -29.00 11.98 19.15
N MET F 34 -28.15 11.00 19.42
CA MET F 34 -27.95 10.57 20.79
C MET F 34 -26.52 10.64 21.22
N THR F 35 -26.32 10.80 22.51
CA THR F 35 -24.97 10.88 23.01
C THR F 35 -24.78 10.11 24.30
N TRP F 36 -23.52 9.89 24.63
CA TRP F 36 -23.16 9.24 25.87
C TRP F 36 -22.15 10.21 26.43
N VAL F 37 -22.32 10.56 27.69
CA VAL F 37 -21.42 11.46 28.38
C VAL F 37 -21.15 10.71 29.67
N ARG F 38 -19.88 10.60 30.03
CA ARG F 38 -19.53 9.90 31.24
C ARG F 38 -18.92 10.83 32.28
N GLN F 39 -18.98 10.39 33.52
CA GLN F 39 -18.45 11.17 34.61
C GLN F 39 -17.90 10.30 35.74
N ALA F 40 -16.59 10.37 35.90
CA ALA F 40 -15.92 9.61 36.94
C ALA F 40 -16.26 10.23 38.28
N PRO F 41 -16.36 9.40 39.33
CA PRO F 41 -16.67 9.88 40.67
C PRO F 41 -15.92 11.15 40.97
N GLY F 42 -16.65 12.18 41.42
CA GLY F 42 -16.05 13.46 41.77
C GLY F 42 -15.37 14.25 40.68
N LYS F 43 -15.69 13.92 39.42
CA LYS F 43 -15.07 14.63 38.33
C LYS F 43 -16.15 15.24 37.45
N GLY F 44 -15.70 15.93 36.40
CA GLY F 44 -16.63 16.58 35.49
C GLY F 44 -17.26 15.67 34.47
N LEU F 45 -18.02 16.29 33.58
CA LEU F 45 -18.71 15.56 32.53
C LEU F 45 -17.80 15.48 31.31
N GLU F 46 -17.53 14.27 30.87
CA GLU F 46 -16.67 14.08 29.71
C GLU F 46 -17.52 13.47 28.61
N TRP F 47 -17.46 14.08 27.44
CA TRP F 47 -18.21 13.61 26.30
C TRP F 47 -17.61 12.33 25.74
N VAL F 48 -18.48 11.38 25.38
CA VAL F 48 -18.02 10.11 24.84
C VAL F 48 -18.36 10.01 23.37
N THR F 49 -19.65 9.88 23.04
CA THR F 49 -20.10 9.77 21.65
C THR F 49 -21.40 10.45 21.24
N ASN F 50 -21.56 10.56 19.94
CA ASN F 50 -22.72 11.12 19.30
C ASN F 50 -22.99 10.18 18.15
N ILE F 51 -24.27 9.88 17.91
CA ILE F 51 -24.62 9.00 16.83
C ILE F 51 -25.81 9.54 16.04
N ARG F 52 -25.60 9.73 14.74
CA ARG F 52 -26.62 10.24 13.83
C ARG F 52 -27.83 9.32 13.91
N PRO F 53 -29.03 9.84 13.67
CA PRO F 53 -30.26 9.04 13.74
C PRO F 53 -30.31 7.88 12.74
N ASP F 54 -29.74 8.09 11.57
CA ASP F 54 -29.73 7.04 10.56
C ASP F 54 -28.51 6.16 10.77
N GLU F 55 -27.75 6.46 11.82
CA GLU F 55 -26.55 5.70 12.17
C GLU F 55 -25.44 5.79 11.13
N THR F 56 -25.54 6.76 10.24
CA THR F 56 -24.53 6.88 9.20
C THR F 56 -23.29 7.64 9.66
N GLU F 57 -23.37 8.24 10.84
CA GLU F 57 -22.23 8.97 11.39
C GLU F 57 -22.09 8.69 12.87
N LYS F 58 -20.88 8.39 13.30
CA LYS F 58 -20.61 8.12 14.69
C LYS F 58 -19.38 8.90 15.06
N PHE F 59 -19.42 9.55 16.21
CA PHE F 59 -18.27 10.32 16.64
C PHE F 59 -17.86 9.90 18.05
N TYR F 60 -16.55 9.79 18.23
CA TYR F 60 -15.97 9.36 19.50
C TYR F 60 -14.86 10.28 19.94
N SER F 61 -14.74 10.44 21.26
CA SER F 61 -13.68 11.27 21.80
C SER F 61 -12.40 10.45 21.63
N ASP F 62 -11.27 11.12 21.47
CA ASP F 62 -10.01 10.40 21.30
C ASP F 62 -9.84 9.38 22.41
N SER F 63 -10.13 9.82 23.63
CA SER F 63 -9.98 8.96 24.76
C SER F 63 -10.57 7.56 24.52
N VAL F 64 -11.66 7.47 23.76
CA VAL F 64 -12.31 6.17 23.55
C VAL F 64 -12.42 5.65 22.13
N LYS F 65 -12.17 6.49 21.14
CA LYS F 65 -12.28 6.06 19.74
C LYS F 65 -11.54 4.73 19.55
N GLY F 66 -12.12 3.81 18.79
CA GLY F 66 -11.45 2.54 18.55
C GLY F 66 -11.90 1.41 19.45
N ARG F 67 -12.05 1.70 20.73
CA ARG F 67 -12.47 0.69 21.69
C ARG F 67 -13.98 0.68 21.86
N PHE F 68 -14.55 1.88 21.93
CA PHE F 68 -16.00 2.04 22.10
C PHE F 68 -16.67 2.15 20.76
N THR F 69 -17.89 1.63 20.66
CA THR F 69 -18.69 1.70 19.41
C THR F 69 -20.17 1.94 19.71
N VAL F 70 -20.71 3.04 19.18
CA VAL F 70 -22.11 3.37 19.40
C VAL F 70 -23.03 2.77 18.35
N SER F 71 -24.23 2.40 18.76
CA SER F 71 -25.23 1.82 17.86
C SER F 71 -26.63 2.10 18.37
N ARG F 72 -27.60 2.03 17.47
CA ARG F 72 -28.98 2.29 17.87
C ARG F 72 -29.96 1.36 17.18
N ASP F 73 -31.20 1.37 17.66
CA ASP F 73 -32.25 0.56 17.08
C ASP F 73 -33.47 1.44 17.20
N ASN F 74 -33.55 2.46 16.36
CA ASN F 74 -34.67 3.39 16.41
C ASN F 74 -36.01 2.66 16.55
N ALA F 75 -36.08 1.44 16.02
CA ALA F 75 -37.29 0.64 16.10
C ALA F 75 -37.62 0.34 17.56
N ARG F 76 -36.63 -0.16 18.31
CA ARG F 76 -36.82 -0.49 19.72
C ARG F 76 -36.43 0.67 20.65
N ASN F 77 -36.30 1.86 20.08
CA ASN F 77 -35.94 3.05 20.83
C ASN F 77 -34.78 2.80 21.78
N SER F 78 -33.70 2.24 21.24
CA SER F 78 -32.51 1.94 22.04
C SER F 78 -31.20 2.46 21.45
N LEU F 79 -30.33 2.92 22.34
CA LEU F 79 -29.00 3.42 21.97
C LEU F 79 -28.10 2.42 22.69
N PHE F 80 -26.96 2.09 22.11
CA PHE F 80 -26.04 1.14 22.73
C PHE F 80 -24.61 1.62 22.65
N ASN F 81 -23.86 1.32 23.70
CA ASN F 81 -22.47 1.70 23.76
C ASN F 81 -21.66 0.46 24.11
N SER F 82 -20.97 -0.13 23.13
CA SER F 82 -20.17 -1.31 23.44
C SER F 82 -18.73 -0.89 23.69
N MET F 83 -18.30 -1.04 24.94
CA MET F 83 -16.94 -0.67 25.34
C MET F 83 -16.07 -1.91 25.40
N SER F 84 -14.87 -1.82 24.83
CA SER F 84 -13.96 -2.96 24.83
C SER F 84 -12.57 -2.49 25.24
N LEU F 85 -11.72 -3.41 25.65
CA LEU F 85 -10.37 -3.05 26.06
C LEU F 85 -10.53 -2.02 27.12
N GLN F 86 -11.27 -2.39 28.15
CA GLN F 86 -11.53 -1.51 29.27
C GLN F 86 -10.29 -0.98 29.99
N ARG F 87 -10.32 0.30 30.30
CA ARG F 87 -9.22 0.92 31.03
C ARG F 87 -9.78 1.43 32.35
N VAL F 88 -8.93 1.48 33.38
CA VAL F 88 -9.41 1.96 34.66
C VAL F 88 -10.06 3.33 34.46
N GLU F 89 -9.35 4.21 33.76
CA GLU F 89 -9.86 5.55 33.47
C GLU F 89 -11.25 5.54 32.82
N ASP F 90 -11.70 4.39 32.37
CA ASP F 90 -13.03 4.34 31.77
C ASP F 90 -14.08 4.21 32.85
N THR F 91 -13.62 3.99 34.07
CA THR F 91 -14.53 3.86 35.20
C THR F 91 -15.19 5.21 35.40
N ALA F 92 -16.53 5.20 35.43
CA ALA F 92 -17.32 6.41 35.63
C ALA F 92 -18.79 6.02 35.48
N THR F 93 -19.67 7.02 35.58
CA THR F 93 -21.08 6.78 35.38
C THR F 93 -21.36 7.22 33.98
N TYR F 94 -21.99 6.34 33.22
CA TYR F 94 -22.31 6.62 31.84
C TYR F 94 -23.75 7.09 31.69
N TYR F 95 -23.88 8.27 31.08
CA TYR F 95 -25.17 8.90 30.86
C TYR F 95 -25.45 8.93 29.37
N CYS F 96 -26.67 8.59 28.97
CA CYS F 96 -27.03 8.71 27.55
C CYS F 96 -28.05 9.83 27.59
N ALA F 97 -27.96 10.72 26.62
CA ALA F 97 -28.86 11.85 26.59
C ALA F 97 -29.39 12.08 25.20
N ARG F 98 -30.51 12.76 25.11
CA ARG F 98 -31.08 13.07 23.82
C ARG F 98 -30.35 14.32 23.41
N VAL F 99 -29.76 14.30 22.22
CA VAL F 99 -29.04 15.46 21.70
C VAL F 99 -30.02 16.50 21.18
N SER F 100 -30.04 17.68 21.81
CA SER F 100 -30.93 18.77 21.41
C SER F 100 -30.78 19.02 19.94
N ASP F 101 -31.67 19.83 19.38
CA ASP F 101 -31.62 20.11 17.96
C ASP F 101 -31.37 21.58 17.63
N PHE F 102 -30.90 22.37 18.58
CA PHE F 102 -30.63 23.76 18.23
C PHE F 102 -29.22 24.11 18.63
N GLY F 103 -28.75 25.28 18.20
CA GLY F 103 -27.38 25.70 18.49
C GLY F 103 -26.42 24.59 18.11
N ASP F 104 -25.28 24.52 18.78
CA ASP F 104 -24.37 23.42 18.47
C ASP F 104 -25.11 22.22 19.05
N TYR F 105 -24.50 21.08 19.27
CA TYR F 105 -25.38 19.98 19.68
C TYR F 105 -25.56 19.58 21.14
N GLY F 106 -25.67 20.50 22.08
CA GLY F 106 -25.80 20.05 23.45
C GLY F 106 -27.01 19.16 23.67
N PRO F 107 -26.97 18.28 24.69
CA PRO F 107 -28.16 17.45 24.91
C PRO F 107 -29.20 18.24 25.73
N ASP F 108 -30.42 17.74 25.82
CA ASP F 108 -31.48 18.44 26.56
C ASP F 108 -32.09 17.59 27.65
N PHE F 109 -32.01 16.27 27.49
CA PHE F 109 -32.55 15.35 28.48
C PHE F 109 -31.55 14.24 28.74
N TRP F 110 -31.17 14.07 30.00
CA TRP F 110 -30.20 13.04 30.37
C TRP F 110 -30.88 11.94 31.16
N GLY F 111 -30.47 10.70 30.94
CA GLY F 111 -31.02 9.59 31.71
C GLY F 111 -30.32 9.71 33.04
N GLN F 112 -30.58 8.84 34.01
CA GLN F 112 -29.88 8.97 35.29
C GLN F 112 -28.49 8.30 35.34
N GLY F 113 -28.10 7.71 34.22
CA GLY F 113 -26.80 7.05 34.14
C GLY F 113 -26.75 5.66 34.78
N THR F 114 -25.74 4.92 34.35
CA THR F 114 -25.51 3.59 34.86
C THR F 114 -24.03 3.62 35.26
N LEU F 115 -23.69 2.98 36.37
CA LEU F 115 -22.32 3.00 36.85
C LEU F 115 -21.40 1.90 36.31
N VAL F 116 -20.16 2.29 35.99
CA VAL F 116 -19.17 1.34 35.49
C VAL F 116 -17.80 1.46 36.20
N SER F 117 -17.33 0.35 36.77
CA SER F 117 -16.04 0.26 37.46
C SER F 117 -15.08 -0.67 36.74
N VAL F 118 -13.83 -0.24 36.61
CA VAL F 118 -12.78 -1.01 35.96
C VAL F 118 -11.60 -1.18 36.93
N THR F 119 -11.42 -2.39 37.42
CA THR F 119 -10.32 -2.66 38.34
C THR F 119 -9.95 -4.12 38.38
N SER F 120 -8.90 -4.38 39.14
CA SER F 120 -8.42 -5.74 39.32
C SER F 120 -8.60 -5.96 40.81
N ALA F 121 -9.10 -4.94 41.48
CA ALA F 121 -9.31 -4.98 42.92
C ALA F 121 -10.12 -6.22 43.26
N SER F 122 -9.57 -7.04 44.15
CA SER F 122 -10.23 -8.27 44.52
C SER F 122 -10.94 -8.12 45.84
N THR F 123 -10.23 -8.32 46.94
CA THR F 123 -10.83 -8.17 48.26
C THR F 123 -9.67 -8.13 49.20
N LYS F 124 -8.92 -7.05 49.21
CA LYS F 124 -7.79 -6.99 50.09
C LYS F 124 -8.35 -6.52 51.42
N GLY F 125 -7.59 -6.76 52.48
CA GLY F 125 -8.00 -6.33 53.79
C GLY F 125 -7.18 -5.09 54.12
N PRO F 126 -7.61 -4.33 55.13
CA PRO F 126 -6.86 -3.12 55.46
C PRO F 126 -5.58 -3.27 56.26
N SER F 127 -4.61 -2.42 55.96
CA SER F 127 -3.35 -2.38 56.71
C SER F 127 -3.64 -1.19 57.59
N VAL F 128 -3.29 -1.26 58.88
CA VAL F 128 -3.59 -0.16 59.75
C VAL F 128 -2.35 0.41 60.42
N PHE F 129 -1.96 1.60 60.00
CA PHE F 129 -0.78 2.26 60.54
C PHE F 129 -1.19 3.37 61.48
N PRO F 130 -0.36 3.67 62.48
CA PRO F 130 -0.64 4.72 63.45
C PRO F 130 -0.34 6.11 62.90
N LEU F 131 -1.18 7.06 63.29
CA LEU F 131 -1.02 8.43 62.87
C LEU F 131 -0.70 9.26 64.08
N ALA F 132 0.48 9.85 64.06
CA ALA F 132 0.91 10.70 65.14
C ALA F 132 1.89 11.72 64.55
N PRO F 133 1.96 12.92 65.15
CA PRO F 133 2.87 13.97 64.66
C PRO F 133 4.32 13.79 65.18
N CYS F 134 5.26 14.48 64.55
CA CYS F 134 6.66 14.38 64.95
C CYS F 134 6.92 14.86 66.39
N SER F 135 7.39 16.10 66.52
CA SER F 135 7.67 16.69 67.84
C SER F 135 6.98 18.04 68.04
N ARG F 136 6.63 18.70 66.94
CA ARG F 136 5.96 20.01 66.97
C ARG F 136 4.52 19.93 67.49
N SER F 137 3.66 19.23 66.75
CA SER F 137 2.26 19.09 67.14
C SER F 137 2.10 18.22 68.40
N THR F 138 3.18 17.58 68.84
CA THR F 138 3.19 16.73 70.05
C THR F 138 3.22 17.60 71.30
N SER F 139 3.59 18.87 71.12
CA SER F 139 3.68 19.80 72.23
C SER F 139 2.49 20.78 72.39
N GLU F 140 1.32 20.37 71.94
CA GLU F 140 0.12 21.20 72.06
C GLU F 140 -0.66 20.82 73.32
N SER F 141 -1.84 21.42 73.52
CA SER F 141 -2.66 21.11 74.69
C SER F 141 -3.60 19.97 74.33
N THR F 142 -3.83 19.80 73.02
CA THR F 142 -4.69 18.76 72.48
C THR F 142 -4.37 18.47 71.01
N ALA F 143 -3.41 17.58 70.78
CA ALA F 143 -3.01 17.20 69.43
C ALA F 143 -3.98 16.11 68.96
N ALA F 144 -3.70 15.49 67.82
CA ALA F 144 -4.57 14.44 67.32
C ALA F 144 -3.81 13.14 67.10
N LEU F 145 -4.51 12.03 67.28
CA LEU F 145 -3.93 10.71 67.08
C LEU F 145 -4.90 10.04 66.14
N GLY F 146 -4.42 9.09 65.35
CA GLY F 146 -5.35 8.44 64.44
C GLY F 146 -4.86 7.15 63.83
N CYS F 147 -5.72 6.53 63.06
CA CYS F 147 -5.37 5.28 62.42
C CYS F 147 -5.54 5.45 60.93
N LEU F 148 -4.52 5.03 60.20
CA LEU F 148 -4.57 5.10 58.74
C LEU F 148 -4.95 3.71 58.29
N VAL F 149 -6.12 3.61 57.67
CA VAL F 149 -6.61 2.35 57.15
C VAL F 149 -6.28 2.30 55.66
N LYS F 150 -5.05 1.94 55.37
CA LYS F 150 -4.57 1.88 54.01
C LYS F 150 -4.90 0.60 53.22
N ASP F 151 -5.00 0.77 51.89
CA ASP F 151 -5.28 -0.26 50.88
C ASP F 151 -6.30 -1.38 51.13
N TYR F 152 -7.59 -1.08 51.08
CA TYR F 152 -8.56 -2.16 51.28
C TYR F 152 -9.57 -2.21 50.15
N PHE F 153 -10.37 -3.27 50.11
CA PHE F 153 -11.37 -3.40 49.06
C PHE F 153 -12.33 -4.54 49.34
N PRO F 154 -13.62 -4.32 49.14
CA PRO F 154 -14.27 -3.09 48.70
C PRO F 154 -14.80 -2.40 49.95
N GLU F 155 -15.44 -1.24 49.80
CA GLU F 155 -15.97 -0.56 50.99
C GLU F 155 -17.00 -1.50 51.57
N PRO F 156 -17.44 -1.24 52.81
CA PRO F 156 -17.01 -0.15 53.67
C PRO F 156 -16.20 -0.65 54.86
N VAL F 157 -15.63 0.29 55.59
CA VAL F 157 -14.85 -0.03 56.77
C VAL F 157 -15.46 0.72 57.93
N THR F 158 -15.40 0.12 59.10
CA THR F 158 -15.95 0.69 60.29
C THR F 158 -14.83 0.91 61.29
N VAL F 159 -14.71 2.12 61.78
CA VAL F 159 -13.66 2.38 62.73
C VAL F 159 -14.32 2.81 64.03
N SER F 160 -13.65 2.56 65.15
CA SER F 160 -14.18 2.95 66.44
C SER F 160 -12.98 3.10 67.34
N TRP F 161 -13.19 3.53 68.58
CA TRP F 161 -12.06 3.71 69.49
C TRP F 161 -12.31 3.13 70.87
N ASN F 162 -11.35 2.35 71.33
CA ASN F 162 -11.45 1.70 72.61
C ASN F 162 -12.76 0.94 72.60
N SER F 163 -12.84 -0.01 71.68
CA SER F 163 -14.00 -0.87 71.51
C SER F 163 -15.35 -0.16 71.68
N GLY F 164 -15.41 1.11 71.31
CA GLY F 164 -16.68 1.81 71.41
C GLY F 164 -16.77 2.80 72.56
N ALA F 165 -15.88 2.69 73.54
CA ALA F 165 -15.88 3.61 74.69
C ALA F 165 -15.75 5.06 74.23
N LEU F 166 -14.56 5.38 73.70
CA LEU F 166 -14.24 6.71 73.20
C LEU F 166 -15.13 7.10 72.00
N THR F 167 -15.69 8.31 72.05
CA THR F 167 -16.55 8.83 70.98
C THR F 167 -16.32 10.32 70.71
N SER F 168 -16.11 11.09 71.77
CA SER F 168 -15.87 12.51 71.62
C SER F 168 -14.50 12.81 71.00
N GLY F 169 -14.49 13.64 69.96
CA GLY F 169 -13.24 13.98 69.31
C GLY F 169 -12.89 13.06 68.14
N VAL F 170 -13.66 11.98 68.01
CA VAL F 170 -13.47 11.01 66.95
C VAL F 170 -14.04 11.55 65.64
N HIS F 171 -13.26 11.43 64.57
CA HIS F 171 -13.66 11.90 63.25
C HIS F 171 -13.13 10.92 62.21
N THR F 172 -13.99 10.02 61.73
CA THR F 172 -13.55 9.09 60.71
C THR F 172 -13.88 9.71 59.36
N PHE F 173 -12.87 10.04 58.58
CA PHE F 173 -13.09 10.65 57.28
C PHE F 173 -13.56 9.63 56.28
N PRO F 174 -14.15 10.10 55.17
CA PRO F 174 -14.62 9.20 54.12
C PRO F 174 -13.43 8.68 53.35
N ALA F 175 -13.52 7.45 52.87
CA ALA F 175 -12.41 6.80 52.15
C ALA F 175 -12.02 7.45 50.83
N VAL F 176 -10.74 7.34 50.49
CA VAL F 176 -10.26 7.87 49.22
C VAL F 176 -10.06 6.71 48.28
N LEU F 177 -10.54 6.81 47.05
CA LEU F 177 -10.34 5.71 46.12
C LEU F 177 -9.02 5.88 45.42
N GLN F 178 -7.96 5.37 46.02
CA GLN F 178 -6.63 5.47 45.45
C GLN F 178 -6.58 4.95 44.01
N SER F 179 -5.52 5.33 43.30
CA SER F 179 -5.34 4.92 41.92
C SER F 179 -5.59 3.41 41.74
N SER F 180 -4.79 2.63 42.47
CA SER F 180 -4.84 1.17 42.45
C SER F 180 -6.13 0.53 42.99
N GLY F 181 -7.27 0.91 42.42
CA GLY F 181 -8.56 0.35 42.83
C GLY F 181 -8.79 0.05 44.31
N LEU F 182 -7.86 0.45 45.19
CA LEU F 182 -7.95 0.20 46.61
C LEU F 182 -8.19 1.42 47.44
N TYR F 183 -9.19 1.31 48.30
CA TYR F 183 -9.60 2.37 49.19
C TYR F 183 -8.65 2.58 50.38
N SER F 184 -8.72 3.74 50.99
CA SER F 184 -7.91 4.06 52.16
C SER F 184 -8.68 5.15 52.89
N LEU F 185 -8.55 5.21 54.20
CA LEU F 185 -9.24 6.25 54.95
C LEU F 185 -8.57 6.45 56.27
N SER F 186 -8.80 7.61 56.88
CA SER F 186 -8.18 7.86 58.17
C SER F 186 -9.25 8.05 59.21
N SER F 187 -8.85 7.99 60.46
CA SER F 187 -9.75 8.22 61.56
C SER F 187 -8.91 8.80 62.67
N VAL F 188 -9.18 10.05 63.02
CA VAL F 188 -8.41 10.69 64.07
C VAL F 188 -9.32 10.92 65.27
N VAL F 189 -8.71 11.06 66.43
CA VAL F 189 -9.46 11.33 67.63
C VAL F 189 -8.66 12.39 68.36
N THR F 190 -9.19 13.60 68.37
CA THR F 190 -8.50 14.69 69.03
C THR F 190 -8.62 14.56 70.55
N VAL F 191 -7.48 14.58 71.25
CA VAL F 191 -7.45 14.44 72.70
C VAL F 191 -6.35 15.30 73.32
N PRO F 192 -6.44 15.57 74.64
CA PRO F 192 -5.45 16.38 75.34
C PRO F 192 -4.09 15.69 75.44
N SER F 193 -3.02 16.43 75.14
CA SER F 193 -1.66 15.88 75.21
C SER F 193 -1.17 15.85 76.66
N SER F 194 -1.99 16.42 77.56
CA SER F 194 -1.68 16.45 78.98
C SER F 194 -1.84 15.06 79.60
N SER F 195 -3.03 14.47 79.46
CA SER F 195 -3.31 13.14 79.99
C SER F 195 -3.24 12.10 78.86
N LEU F 196 -2.39 12.38 77.88
CA LEU F 196 -2.17 11.52 76.71
C LEU F 196 -1.34 10.30 77.09
N GLY F 197 -0.32 10.51 77.92
CA GLY F 197 0.56 9.44 78.35
C GLY F 197 0.08 8.68 79.58
N THR F 198 -1.24 8.67 79.80
CA THR F 198 -1.84 7.97 80.94
C THR F 198 -3.04 7.14 80.47
N LYS F 199 -3.69 7.61 79.41
CA LYS F 199 -4.85 6.95 78.83
C LYS F 199 -4.46 6.17 77.57
N THR F 200 -5.27 5.17 77.23
CA THR F 200 -4.99 4.35 76.06
C THR F 200 -5.87 4.74 74.88
N TYR F 201 -5.27 4.76 73.70
CA TYR F 201 -6.01 5.07 72.47
C TYR F 201 -5.81 3.94 71.47
N THR F 202 -6.90 3.22 71.21
CA THR F 202 -6.89 2.09 70.29
C THR F 202 -8.08 2.12 69.35
N CYS F 203 -7.81 2.00 68.06
CA CYS F 203 -8.88 2.02 67.09
C CYS F 203 -9.17 0.58 66.67
N ASN F 204 -10.45 0.27 66.46
CA ASN F 204 -10.83 -1.08 66.05
C ASN F 204 -11.40 -0.99 64.66
N VAL F 205 -10.60 -1.38 63.68
CA VAL F 205 -11.01 -1.34 62.29
C VAL F 205 -11.70 -2.63 61.91
N ASN F 206 -12.88 -2.52 61.31
CA ASN F 206 -13.62 -3.70 60.88
C ASN F 206 -13.89 -3.58 59.39
N HIS F 207 -13.60 -4.64 58.66
CA HIS F 207 -13.80 -4.68 57.23
C HIS F 207 -14.39 -6.06 56.91
N LYS F 208 -15.70 -6.23 57.15
CA LYS F 208 -16.40 -7.49 56.91
C LYS F 208 -16.16 -8.13 55.55
N PRO F 209 -16.18 -7.35 54.48
CA PRO F 209 -15.96 -7.90 53.13
C PRO F 209 -14.78 -8.83 53.11
N SER F 210 -13.72 -8.41 53.80
CA SER F 210 -12.47 -9.15 53.90
C SER F 210 -12.42 -10.02 55.14
N ASN F 211 -13.45 -9.91 55.97
CA ASN F 211 -13.48 -10.70 57.19
C ASN F 211 -12.28 -10.41 58.06
N THR F 212 -11.96 -9.13 58.19
CA THR F 212 -10.83 -8.69 58.94
C THR F 212 -11.22 -7.77 60.08
N LYS F 213 -10.42 -7.77 61.14
CA LYS F 213 -10.65 -6.90 62.27
C LYS F 213 -9.27 -6.55 62.80
N VAL F 214 -8.98 -5.27 62.92
CA VAL F 214 -7.69 -4.85 63.41
C VAL F 214 -7.81 -3.85 64.56
N ASP F 215 -6.95 -4.04 65.56
CA ASP F 215 -6.94 -3.17 66.72
C ASP F 215 -5.55 -2.65 66.90
N LYS F 216 -5.31 -1.43 66.45
CA LYS F 216 -3.99 -0.82 66.58
C LYS F 216 -4.08 0.19 67.71
N LYS F 217 -3.19 0.09 68.68
CA LYS F 217 -3.20 1.02 69.80
C LYS F 217 -2.16 2.06 69.47
N VAL F 218 -2.60 3.30 69.35
CA VAL F 218 -1.70 4.38 69.02
C VAL F 218 -1.13 4.98 70.28
N GLU F 219 0.18 5.19 70.27
CA GLU F 219 0.87 5.77 71.41
C GLU F 219 1.41 7.12 70.95
N PRO F 220 1.57 8.06 71.90
CA PRO F 220 2.11 9.39 71.59
C PRO F 220 3.56 9.37 71.05
N SER G 1 -18.67 -8.17 -38.15
CA SER G 1 -19.83 -8.09 -37.22
C SER G 1 -20.25 -6.63 -37.08
N TYR G 2 -21.19 -6.34 -36.20
CA TYR G 2 -21.59 -4.95 -36.14
C TYR G 2 -22.23 -4.60 -34.80
N GLU G 3 -22.25 -3.31 -34.48
CA GLU G 3 -22.80 -2.97 -33.20
C GLU G 3 -23.79 -1.86 -33.10
N LEU G 4 -24.72 -2.07 -32.20
CA LEU G 4 -25.71 -1.09 -31.86
C LEU G 4 -25.13 -0.67 -30.51
N LYS G 5 -24.19 0.27 -30.57
CA LYS G 5 -23.55 0.74 -29.38
C LYS G 5 -24.59 1.49 -28.58
N GLN G 6 -24.92 0.96 -27.42
CA GLN G 6 -25.94 1.53 -26.57
C GLN G 6 -25.43 1.74 -25.13
N PRO G 7 -25.70 2.92 -24.55
CA PRO G 7 -25.26 3.22 -23.20
C PRO G 7 -25.74 2.19 -22.20
N PRO G 8 -24.81 1.56 -21.47
CA PRO G 8 -25.14 0.54 -20.48
C PRO G 8 -26.19 0.94 -19.46
N SER G 9 -26.08 2.14 -18.94
CA SER G 9 -27.03 2.57 -17.93
C SER G 9 -27.50 4.00 -18.11
N VAL G 10 -28.61 4.31 -17.46
CA VAL G 10 -29.21 5.64 -17.50
C VAL G 10 -30.23 5.77 -16.38
N SER G 11 -30.21 6.89 -15.68
CA SER G 11 -31.16 7.11 -14.61
C SER G 11 -31.81 8.48 -14.73
N VAL G 12 -33.02 8.59 -14.20
CA VAL G 12 -33.78 9.84 -14.21
C VAL G 12 -34.68 9.90 -13.00
N SER G 13 -35.05 11.12 -12.62
CA SER G 13 -35.92 11.33 -11.47
C SER G 13 -37.37 11.31 -11.93
N PRO G 14 -38.25 10.72 -11.11
CA PRO G 14 -39.67 10.64 -11.43
C PRO G 14 -40.18 11.95 -11.96
N GLY G 15 -40.75 11.94 -13.16
CA GLY G 15 -41.29 13.16 -13.73
C GLY G 15 -40.47 13.83 -14.82
N GLN G 16 -39.17 13.59 -14.85
CA GLN G 16 -38.35 14.22 -15.87
C GLN G 16 -38.16 13.37 -17.13
N THR G 17 -37.48 13.92 -18.13
CA THR G 17 -37.26 13.20 -19.37
C THR G 17 -35.98 12.39 -19.34
N ALA G 18 -36.02 11.22 -19.96
CA ALA G 18 -34.89 10.29 -20.04
C ALA G 18 -34.60 10.07 -21.50
N ARG G 19 -33.32 9.99 -21.86
CA ARG G 19 -32.98 9.79 -23.25
C ARG G 19 -31.94 8.66 -23.43
N ILE G 20 -32.31 7.67 -24.23
CA ILE G 20 -31.46 6.51 -24.50
C ILE G 20 -31.06 6.44 -25.96
N THR G 21 -29.78 6.61 -26.21
CA THR G 21 -29.24 6.60 -27.57
C THR G 21 -28.87 5.22 -28.12
N CYS G 22 -28.56 5.14 -29.42
CA CYS G 22 -28.19 3.88 -30.06
C CYS G 22 -27.44 4.16 -31.36
N SER G 23 -26.11 4.21 -31.26
CA SER G 23 -25.27 4.45 -32.42
C SER G 23 -25.12 3.24 -33.31
N GLY G 24 -24.88 3.48 -34.60
CA GLY G 24 -24.70 2.38 -35.53
C GLY G 24 -24.31 2.85 -36.91
N ASP G 25 -23.35 2.18 -37.52
CA ASP G 25 -22.88 2.52 -38.87
C ASP G 25 -23.92 2.43 -39.98
N VAL G 26 -24.76 1.42 -39.93
CA VAL G 26 -25.77 1.26 -40.96
C VAL G 26 -27.12 1.85 -40.55
N LEU G 27 -27.17 2.47 -39.38
CA LEU G 27 -28.42 3.05 -38.91
C LEU G 27 -29.07 4.08 -39.85
N PRO G 28 -28.27 4.82 -40.63
CA PRO G 28 -28.91 5.78 -41.53
C PRO G 28 -29.67 5.11 -42.67
N LYS G 29 -29.35 3.86 -42.95
CA LYS G 29 -30.00 3.12 -44.04
C LYS G 29 -30.98 2.04 -43.58
N LYS G 30 -31.05 1.79 -42.27
CA LYS G 30 -31.96 0.78 -41.71
C LYS G 30 -32.83 1.36 -40.62
N TYR G 31 -34.02 0.81 -40.44
CA TYR G 31 -34.91 1.31 -39.40
C TYR G 31 -34.33 0.94 -38.05
N ALA G 32 -34.97 1.39 -36.99
CA ALA G 32 -34.47 1.07 -35.66
C ALA G 32 -35.68 0.89 -34.79
N TYR G 33 -35.65 -0.09 -33.91
CA TYR G 33 -36.79 -0.31 -33.03
C TYR G 33 -36.34 -0.18 -31.60
N TRP G 34 -37.28 -0.19 -30.68
CA TRP G 34 -36.97 -0.11 -29.27
C TRP G 34 -37.88 -1.07 -28.53
N TYR G 35 -37.32 -1.84 -27.61
CA TYR G 35 -38.11 -2.78 -26.82
C TYR G 35 -37.88 -2.57 -25.34
N GLN G 36 -38.97 -2.61 -24.58
CA GLN G 36 -38.92 -2.44 -23.15
C GLN G 36 -39.04 -3.81 -22.50
N GLU G 37 -38.06 -4.18 -21.69
CA GLU G 37 -38.07 -5.47 -20.99
C GLU G 37 -37.91 -5.27 -19.50
N ARG G 38 -39.00 -5.47 -18.75
CA ARG G 38 -38.96 -5.33 -17.30
C ARG G 38 -38.29 -6.58 -16.74
N SER G 39 -37.78 -6.50 -15.51
CA SER G 39 -37.12 -7.64 -14.90
C SER G 39 -37.94 -8.90 -15.07
N GLY G 40 -37.29 -9.96 -15.54
CA GLY G 40 -37.95 -11.23 -15.74
C GLY G 40 -39.30 -11.07 -16.42
N GLN G 41 -39.26 -10.64 -17.67
CA GLN G 41 -40.47 -10.43 -18.42
C GLN G 41 -40.10 -10.41 -19.89
N ALA G 42 -41.04 -10.81 -20.74
CA ALA G 42 -40.78 -10.83 -22.17
C ALA G 42 -40.64 -9.41 -22.67
N PRO G 43 -39.77 -9.18 -23.68
CA PRO G 43 -39.55 -7.86 -24.26
C PRO G 43 -40.85 -7.38 -24.91
N VAL G 44 -41.03 -6.06 -24.97
CA VAL G 44 -42.21 -5.49 -25.59
C VAL G 44 -41.79 -4.36 -26.52
N LEU G 45 -42.53 -4.19 -27.61
CA LEU G 45 -42.27 -3.17 -28.62
C LEU G 45 -42.82 -1.79 -28.22
N VAL G 46 -41.94 -0.80 -28.21
CA VAL G 46 -42.35 0.57 -27.86
C VAL G 46 -42.03 1.53 -28.98
N VAL G 47 -41.30 1.06 -29.99
CA VAL G 47 -40.97 1.91 -31.12
C VAL G 47 -40.60 1.06 -32.31
N TYR G 48 -40.98 1.50 -33.50
CA TYR G 48 -40.63 0.78 -34.71
C TYR G 48 -40.40 1.79 -35.80
N GLU G 49 -39.63 1.39 -36.81
CA GLU G 49 -39.29 2.26 -37.93
C GLU G 49 -38.93 3.66 -37.42
N ASP G 50 -37.93 3.67 -36.55
CA ASP G 50 -37.41 4.87 -35.91
C ASP G 50 -38.43 5.65 -35.08
N SER G 51 -39.57 6.01 -35.67
CA SER G 51 -40.55 6.81 -34.93
C SER G 51 -41.93 6.23 -34.65
N GLY G 52 -42.25 5.10 -35.27
CA GLY G 52 -43.54 4.49 -35.04
C GLY G 52 -43.82 4.26 -33.58
N ARG G 53 -45.08 4.14 -33.20
CA ARG G 53 -45.42 3.91 -31.80
C ARG G 53 -46.68 3.08 -31.67
N PRO G 54 -46.59 1.91 -31.01
CA PRO G 54 -47.75 1.01 -30.81
C PRO G 54 -48.89 1.66 -30.03
N SER G 55 -50.10 1.20 -30.30
CA SER G 55 -51.31 1.75 -29.66
C SER G 55 -51.51 1.33 -28.22
N GLU G 56 -50.42 1.01 -27.53
CA GLU G 56 -50.53 0.60 -26.14
C GLU G 56 -49.35 1.25 -25.41
N ILE G 57 -48.53 1.93 -26.21
CA ILE G 57 -47.36 2.62 -25.72
C ILE G 57 -47.73 4.06 -25.46
N PRO G 58 -47.71 4.51 -24.19
CA PRO G 58 -48.06 5.89 -23.89
C PRO G 58 -47.32 6.87 -24.80
N GLU G 59 -47.96 8.00 -25.07
CA GLU G 59 -47.37 9.00 -25.95
C GLU G 59 -46.06 9.53 -25.43
N ARG G 60 -45.81 9.39 -24.13
CA ARG G 60 -44.56 9.89 -23.56
C ARG G 60 -43.32 9.13 -24.06
N PHE G 61 -43.53 8.01 -24.74
CA PHE G 61 -42.41 7.26 -25.29
C PHE G 61 -42.24 7.72 -26.73
N SER G 62 -41.23 8.57 -26.96
CA SER G 62 -40.96 9.11 -28.30
C SER G 62 -39.69 8.58 -28.94
N GLY G 63 -39.89 7.79 -29.99
CA GLY G 63 -38.76 7.25 -30.71
C GLY G 63 -38.39 8.23 -31.78
N SER G 64 -37.10 8.36 -32.02
CA SER G 64 -36.60 9.28 -33.04
C SER G 64 -35.29 8.73 -33.60
N SER G 65 -34.84 9.29 -34.71
CA SER G 65 -33.60 8.84 -35.31
C SER G 65 -33.03 9.89 -36.24
N SER G 66 -31.74 9.72 -36.56
CA SER G 66 -31.05 10.64 -37.46
C SER G 66 -29.61 10.20 -37.66
N GLY G 67 -29.20 10.13 -38.93
CA GLY G 67 -27.85 9.72 -39.23
C GLY G 67 -27.52 8.35 -38.69
N THR G 68 -26.65 8.32 -37.69
CA THR G 68 -26.24 7.06 -37.10
C THR G 68 -26.60 6.96 -35.62
N LYS G 69 -27.68 7.61 -35.22
CA LYS G 69 -28.07 7.56 -33.81
C LYS G 69 -29.58 7.54 -33.63
N ALA G 70 -30.08 6.44 -33.08
CA ALA G 70 -31.50 6.30 -32.80
C ALA G 70 -31.69 6.73 -31.35
N THR G 71 -32.75 7.47 -31.07
CA THR G 71 -32.96 7.91 -29.69
C THR G 71 -34.36 7.72 -29.13
N LEU G 72 -34.47 6.83 -28.16
CA LEU G 72 -35.74 6.61 -27.52
C LEU G 72 -35.81 7.66 -26.43
N THR G 73 -36.81 8.54 -26.53
CA THR G 73 -36.97 9.59 -25.53
C THR G 73 -38.19 9.28 -24.69
N ILE G 74 -37.99 9.13 -23.39
CA ILE G 74 -39.11 8.85 -22.51
C ILE G 74 -39.31 10.06 -21.63
N SER G 75 -40.41 10.76 -21.85
CA SER G 75 -40.74 11.94 -21.08
C SER G 75 -41.51 11.59 -19.81
N GLY G 76 -41.52 12.50 -18.85
CA GLY G 76 -42.24 12.29 -17.60
C GLY G 76 -42.11 10.87 -17.08
N ALA G 77 -40.86 10.45 -16.91
CA ALA G 77 -40.54 9.09 -16.47
C ALA G 77 -41.39 8.65 -15.29
N GLN G 78 -41.82 7.39 -15.34
CA GLN G 78 -42.66 6.80 -14.30
C GLN G 78 -41.89 5.69 -13.59
N VAL G 79 -42.33 5.32 -12.39
CA VAL G 79 -41.67 4.26 -11.64
C VAL G 79 -41.78 2.95 -12.42
N GLU G 80 -42.77 2.90 -13.31
CA GLU G 80 -43.02 1.72 -14.13
C GLU G 80 -42.13 1.67 -15.37
N ASP G 81 -41.55 2.80 -15.75
CA ASP G 81 -40.72 2.81 -16.93
C ASP G 81 -39.35 2.22 -16.66
N GLU G 82 -39.13 1.83 -15.41
CA GLU G 82 -37.87 1.24 -14.98
C GLU G 82 -37.73 -0.16 -15.58
N ALA G 83 -36.83 -0.28 -16.54
CA ALA G 83 -36.59 -1.55 -17.23
C ALA G 83 -35.36 -1.47 -18.12
N ASP G 84 -35.12 -2.51 -18.89
CA ASP G 84 -33.98 -2.54 -19.80
C ASP G 84 -34.53 -2.20 -21.17
N TYR G 85 -33.83 -1.36 -21.92
CA TYR G 85 -34.31 -0.98 -23.22
C TYR G 85 -33.32 -1.41 -24.27
N TYR G 86 -33.80 -2.06 -25.33
CA TYR G 86 -32.89 -2.52 -26.39
C TYR G 86 -33.23 -1.89 -27.73
N CYS G 87 -32.22 -1.68 -28.57
CA CYS G 87 -32.53 -1.17 -29.88
C CYS G 87 -32.30 -2.30 -30.87
N TYR G 88 -33.07 -2.29 -31.95
CA TYR G 88 -33.01 -3.33 -32.95
C TYR G 88 -32.88 -2.74 -34.34
N SER G 89 -32.23 -3.50 -35.22
CA SER G 89 -32.02 -3.09 -36.60
C SER G 89 -31.27 -4.22 -37.28
N ASP G 90 -30.61 -3.95 -38.42
CA ASP G 90 -29.86 -4.99 -39.09
C ASP G 90 -28.70 -4.54 -39.96
N ILE G 91 -27.69 -5.38 -40.07
CA ILE G 91 -26.49 -5.10 -40.83
C ILE G 91 -26.80 -4.60 -42.23
N SER G 92 -25.75 -4.20 -42.94
CA SER G 92 -25.92 -3.74 -44.30
C SER G 92 -26.20 -4.88 -45.28
N ASN G 93 -26.66 -6.01 -44.74
CA ASN G 93 -27.05 -7.13 -45.56
C ASN G 93 -28.12 -7.93 -44.86
N GLY G 94 -29.13 -7.20 -44.39
CA GLY G 94 -30.29 -7.79 -43.75
C GLY G 94 -30.34 -8.51 -42.41
N TYR G 95 -29.23 -9.04 -41.92
CA TYR G 95 -29.27 -9.77 -40.67
C TYR G 95 -29.50 -8.88 -39.47
N PRO G 96 -30.57 -9.17 -38.70
CA PRO G 96 -31.00 -8.45 -37.50
C PRO G 96 -30.02 -8.36 -36.34
N LEU G 97 -30.07 -7.23 -35.67
CA LEU G 97 -29.17 -6.94 -34.57
C LEU G 97 -29.85 -6.60 -33.27
N PHE G 98 -29.02 -6.36 -32.25
CA PHE G 98 -29.53 -5.97 -30.95
C PHE G 98 -28.48 -5.15 -30.22
N GLY G 99 -28.95 -4.13 -29.51
CA GLY G 99 -28.06 -3.26 -28.79
C GLY G 99 -27.65 -3.95 -27.52
N GLY G 100 -26.60 -3.48 -26.88
CA GLY G 100 -26.16 -4.10 -25.64
C GLY G 100 -27.23 -3.98 -24.59
N GLY G 101 -28.14 -3.05 -24.78
CA GLY G 101 -29.20 -2.83 -23.82
C GLY G 101 -28.84 -1.72 -22.85
N THR G 102 -29.86 -1.07 -22.29
CA THR G 102 -29.67 0.02 -21.34
C THR G 102 -30.57 -0.15 -20.14
N LYS G 103 -30.04 0.11 -18.96
CA LYS G 103 -30.83 0.00 -17.73
C LYS G 103 -31.34 1.40 -17.39
N LEU G 104 -32.63 1.53 -17.14
CA LEU G 104 -33.21 2.82 -16.78
C LEU G 104 -33.72 2.73 -15.35
N SER G 105 -33.28 3.66 -14.49
CA SER G 105 -33.69 3.66 -13.09
C SER G 105 -34.47 4.95 -12.70
N VAL G 106 -35.02 4.99 -11.48
CA VAL G 106 -35.79 6.16 -11.05
C VAL G 106 -35.41 7.01 -9.80
N GLY G 107 -36.05 6.76 -8.67
CA GLY G 107 -35.75 7.60 -7.53
C GLY G 107 -35.58 7.11 -6.10
N GLN G 108 -34.57 7.69 -5.45
CA GLN G 108 -34.14 7.42 -4.07
C GLN G 108 -32.85 8.22 -4.03
N PRO G 109 -32.26 8.40 -2.85
CA PRO G 109 -31.01 9.18 -2.86
C PRO G 109 -29.85 8.37 -3.48
N LYS G 110 -29.30 8.89 -4.58
CA LYS G 110 -28.19 8.26 -5.30
C LYS G 110 -27.07 7.91 -4.31
N ALA G 111 -27.04 6.66 -3.85
CA ALA G 111 -26.04 6.16 -2.87
C ALA G 111 -24.80 5.49 -3.47
N ALA G 112 -23.68 5.63 -2.76
CA ALA G 112 -22.42 5.05 -3.20
C ALA G 112 -22.24 3.64 -2.63
N PRO G 113 -21.55 2.77 -3.38
CA PRO G 113 -21.25 1.37 -3.07
C PRO G 113 -20.21 1.11 -1.99
N SER G 114 -20.51 0.15 -1.12
CA SER G 114 -19.62 -0.23 -0.04
C SER G 114 -18.82 -1.41 -0.56
N VAL G 115 -17.56 -1.18 -0.89
CA VAL G 115 -16.71 -2.24 -1.43
C VAL G 115 -15.79 -2.85 -0.37
N THR G 116 -15.67 -4.17 -0.39
CA THR G 116 -14.81 -4.89 0.54
C THR G 116 -14.09 -5.98 -0.24
N LEU G 117 -12.76 -5.98 -0.17
CA LEU G 117 -11.96 -6.95 -0.90
C LEU G 117 -11.27 -7.98 -0.01
N PHE G 118 -11.42 -9.24 -0.39
CA PHE G 118 -10.81 -10.33 0.36
C PHE G 118 -9.77 -11.07 -0.45
N PRO G 119 -8.64 -11.39 0.17
CA PRO G 119 -7.57 -12.09 -0.52
C PRO G 119 -7.85 -13.59 -0.44
N PRO G 120 -7.21 -14.40 -1.29
CA PRO G 120 -7.46 -15.84 -1.21
C PRO G 120 -7.04 -16.29 0.17
N SER G 121 -7.79 -17.21 0.74
CA SER G 121 -7.48 -17.74 2.06
C SER G 121 -6.32 -18.70 1.96
N SER G 122 -5.39 -18.62 2.91
CA SER G 122 -4.24 -19.52 2.91
C SER G 122 -4.79 -20.94 2.76
N GLU G 123 -5.96 -21.15 3.33
CA GLU G 123 -6.60 -22.44 3.27
C GLU G 123 -6.98 -22.85 1.85
N GLU G 124 -7.53 -21.92 1.08
CA GLU G 124 -7.92 -22.24 -0.29
C GLU G 124 -6.69 -22.41 -1.13
N LEU G 125 -5.59 -21.82 -0.69
CA LEU G 125 -4.36 -21.95 -1.44
C LEU G 125 -3.87 -23.40 -1.35
N GLN G 126 -3.92 -23.95 -0.15
CA GLN G 126 -3.53 -25.34 0.12
C GLN G 126 -4.32 -26.25 -0.79
N ALA G 127 -5.41 -25.74 -1.32
CA ALA G 127 -6.25 -26.51 -2.22
C ALA G 127 -5.80 -26.22 -3.65
N ASN G 128 -4.70 -25.50 -3.77
CA ASN G 128 -4.13 -25.15 -5.06
C ASN G 128 -5.12 -24.36 -5.93
N LYS G 129 -5.79 -23.40 -5.29
CA LYS G 129 -6.73 -22.52 -5.99
C LYS G 129 -6.65 -21.21 -5.24
N ALA G 130 -6.96 -20.12 -5.94
CA ALA G 130 -6.94 -18.80 -5.34
C ALA G 130 -8.15 -18.05 -5.85
N THR G 131 -8.89 -17.45 -4.93
CA THR G 131 -10.06 -16.67 -5.31
C THR G 131 -10.14 -15.36 -4.52
N LEU G 132 -10.25 -14.26 -5.25
CA LEU G 132 -10.37 -12.95 -4.62
C LEU G 132 -11.85 -12.55 -4.67
N VAL G 133 -12.40 -12.22 -3.51
CA VAL G 133 -13.81 -11.85 -3.39
C VAL G 133 -14.00 -10.35 -3.19
N CYS G 134 -14.78 -9.75 -4.08
CA CYS G 134 -15.06 -8.33 -4.02
C CYS G 134 -16.55 -8.15 -3.80
N LEU G 135 -16.91 -7.69 -2.61
CA LEU G 135 -18.31 -7.48 -2.26
C LEU G 135 -18.68 -6.00 -2.37
N ILE G 136 -19.69 -5.71 -3.18
CA ILE G 136 -20.17 -4.35 -3.41
C ILE G 136 -21.54 -4.21 -2.74
N SER G 137 -21.61 -3.33 -1.75
CA SER G 137 -22.86 -3.18 -1.02
C SER G 137 -23.44 -1.77 -0.98
N ASP G 138 -24.72 -1.69 -0.61
CA ASP G 138 -25.50 -0.45 -0.46
C ASP G 138 -25.43 0.63 -1.55
N PHE G 139 -25.39 0.26 -2.83
CA PHE G 139 -25.35 1.27 -3.88
C PHE G 139 -26.68 1.44 -4.59
N TYR G 140 -26.88 2.64 -5.14
CA TYR G 140 -28.09 3.01 -5.87
C TYR G 140 -27.80 4.16 -6.83
N PRO G 141 -28.33 4.10 -8.05
CA PRO G 141 -29.19 3.04 -8.58
C PRO G 141 -28.44 1.70 -8.74
N GLY G 142 -29.19 0.63 -8.95
CA GLY G 142 -28.58 -0.68 -9.12
C GLY G 142 -27.81 -0.89 -10.41
N ALA G 143 -26.64 -0.28 -10.51
CA ALA G 143 -25.80 -0.43 -11.69
C ALA G 143 -24.36 -0.04 -11.37
N VAL G 144 -23.47 -1.03 -11.48
CA VAL G 144 -22.03 -0.84 -11.22
C VAL G 144 -21.20 -1.52 -12.30
N THR G 145 -19.92 -1.20 -12.30
CA THR G 145 -18.97 -1.79 -13.24
C THR G 145 -17.81 -2.29 -12.40
N VAL G 146 -17.32 -3.48 -12.69
CA VAL G 146 -16.22 -3.99 -11.91
C VAL G 146 -15.03 -4.34 -12.78
N ALA G 147 -13.89 -3.76 -12.43
CA ALA G 147 -12.66 -3.98 -13.16
C ALA G 147 -11.59 -4.49 -12.19
N TRP G 148 -10.88 -5.54 -12.59
CA TRP G 148 -9.84 -6.08 -11.74
C TRP G 148 -8.47 -5.66 -12.27
N LYS G 149 -7.52 -5.51 -11.35
CA LYS G 149 -6.19 -5.10 -11.73
C LYS G 149 -5.11 -6.00 -11.13
N ALA G 150 -4.23 -6.49 -11.99
CA ALA G 150 -3.11 -7.31 -11.56
C ALA G 150 -1.92 -6.32 -11.54
N ASP G 151 -1.58 -5.81 -10.37
CA ASP G 151 -0.46 -4.86 -10.26
C ASP G 151 -0.66 -3.58 -11.08
N SER G 152 -1.87 -3.07 -11.21
CA SER G 152 -2.05 -1.84 -12.00
C SER G 152 -2.26 -2.11 -13.48
N SER G 153 -2.19 -3.38 -13.89
CA SER G 153 -2.44 -3.72 -15.28
C SER G 153 -3.83 -4.39 -15.21
N PRO G 154 -4.64 -4.29 -16.28
CA PRO G 154 -5.95 -4.92 -16.19
C PRO G 154 -5.86 -6.41 -16.55
N ILE G 155 -6.95 -7.12 -16.35
CA ILE G 155 -7.01 -8.55 -16.64
C ILE G 155 -8.47 -8.90 -16.79
N LYS G 156 -8.79 -9.79 -17.73
CA LYS G 156 -10.20 -10.17 -17.91
C LYS G 156 -10.43 -11.66 -17.68
N ALA G 157 -9.39 -12.46 -17.93
CA ALA G 157 -9.51 -13.90 -17.71
C ALA G 157 -9.65 -14.21 -16.21
N GLY G 158 -10.76 -14.82 -15.84
CA GLY G 158 -10.96 -15.18 -14.44
C GLY G 158 -11.87 -14.32 -13.59
N VAL G 159 -12.68 -13.49 -14.25
CA VAL G 159 -13.59 -12.63 -13.52
C VAL G 159 -15.05 -12.97 -13.74
N GLU G 160 -15.74 -13.17 -12.64
CA GLU G 160 -17.16 -13.47 -12.66
C GLU G 160 -17.83 -12.47 -11.72
N THR G 161 -18.66 -11.59 -12.27
CA THR G 161 -19.34 -10.59 -11.49
C THR G 161 -20.84 -10.85 -11.55
N THR G 162 -21.53 -10.68 -10.43
CA THR G 162 -22.96 -10.91 -10.41
C THR G 162 -23.74 -9.74 -10.98
N THR G 163 -25.05 -9.92 -11.01
CA THR G 163 -25.96 -8.91 -11.49
C THR G 163 -26.47 -8.19 -10.25
N PRO G 164 -26.61 -6.85 -10.33
CA PRO G 164 -27.09 -6.01 -9.23
C PRO G 164 -28.33 -6.59 -8.58
N SER G 165 -28.24 -6.81 -7.28
CA SER G 165 -29.33 -7.39 -6.51
C SER G 165 -29.91 -6.34 -5.59
N LYS G 166 -31.21 -6.45 -5.32
CA LYS G 166 -31.89 -5.50 -4.44
C LYS G 166 -31.89 -5.99 -3.00
N GLN G 167 -31.26 -5.21 -2.13
CA GLN G 167 -31.19 -5.56 -0.72
C GLN G 167 -32.55 -5.24 -0.11
N SER G 168 -32.78 -5.70 1.11
CA SER G 168 -34.06 -5.45 1.79
C SER G 168 -34.32 -3.95 1.92
N ASN G 169 -33.25 -3.18 2.08
CA ASN G 169 -33.34 -1.74 2.24
C ASN G 169 -33.36 -1.03 0.89
N ASN G 170 -33.90 -1.71 -0.11
CA ASN G 170 -34.04 -1.17 -1.47
C ASN G 170 -32.77 -0.61 -2.10
N LYS G 171 -31.62 -0.94 -1.55
CA LYS G 171 -30.35 -0.53 -2.14
C LYS G 171 -29.84 -1.80 -2.84
N TYR G 172 -28.81 -1.66 -3.67
CA TYR G 172 -28.32 -2.82 -4.40
C TYR G 172 -27.03 -3.46 -3.94
N ALA G 173 -26.95 -4.78 -4.07
CA ALA G 173 -25.77 -5.54 -3.67
C ALA G 173 -25.18 -6.24 -4.88
N ALA G 174 -23.85 -6.30 -4.94
CA ALA G 174 -23.17 -6.96 -6.04
C ALA G 174 -21.94 -7.72 -5.56
N SER G 175 -21.43 -8.61 -6.40
CA SER G 175 -20.24 -9.36 -6.06
C SER G 175 -19.44 -9.72 -7.30
N SER G 176 -18.12 -9.65 -7.18
CA SER G 176 -17.22 -9.98 -8.27
C SER G 176 -16.17 -10.95 -7.74
N TYR G 177 -15.81 -11.93 -8.57
CA TYR G 177 -14.83 -12.93 -8.18
C TYR G 177 -13.72 -13.01 -9.19
N LEU G 178 -12.48 -12.98 -8.69
CA LEU G 178 -11.34 -13.10 -9.56
C LEU G 178 -10.67 -14.40 -9.19
N SER G 179 -10.73 -15.36 -10.11
CA SER G 179 -10.11 -16.66 -9.88
C SER G 179 -8.68 -16.69 -10.40
N LEU G 180 -7.75 -16.99 -9.51
CA LEU G 180 -6.34 -17.05 -9.88
C LEU G 180 -5.75 -18.40 -9.49
N THR G 181 -4.46 -18.59 -9.81
CA THR G 181 -3.74 -19.80 -9.44
C THR G 181 -2.85 -19.37 -8.28
N PRO G 182 -2.66 -20.26 -7.29
CA PRO G 182 -1.82 -19.88 -6.16
C PRO G 182 -0.50 -19.28 -6.61
N GLU G 183 -0.12 -19.56 -7.85
CA GLU G 183 1.13 -19.04 -8.38
C GLU G 183 1.04 -17.60 -8.87
N GLN G 184 -0.09 -17.23 -9.47
CA GLN G 184 -0.31 -15.88 -9.96
C GLN G 184 -0.54 -14.97 -8.77
N TRP G 185 -1.30 -15.45 -7.80
CA TRP G 185 -1.57 -14.66 -6.60
C TRP G 185 -0.27 -14.18 -5.97
N LYS G 186 0.73 -15.06 -5.96
CA LYS G 186 2.03 -14.71 -5.39
C LYS G 186 2.93 -14.14 -6.47
N SER G 187 2.58 -14.42 -7.73
CA SER G 187 3.34 -13.92 -8.86
C SER G 187 3.41 -12.40 -8.75
N HIS G 188 2.28 -11.73 -8.89
CA HIS G 188 2.23 -10.28 -8.79
C HIS G 188 2.43 -9.79 -7.38
N ARG G 189 2.29 -8.49 -7.16
CA ARG G 189 2.48 -7.97 -5.82
C ARG G 189 1.30 -7.20 -5.28
N SER G 190 0.23 -7.11 -6.08
CA SER G 190 -0.96 -6.42 -5.62
C SER G 190 -2.09 -6.56 -6.61
N TYR G 191 -3.23 -7.00 -6.10
CA TYR G 191 -4.42 -7.17 -6.91
C TYR G 191 -5.43 -6.19 -6.38
N SER G 192 -6.14 -5.52 -7.29
CA SER G 192 -7.13 -4.55 -6.87
C SER G 192 -8.44 -4.68 -7.64
N CYS G 193 -9.53 -4.44 -6.92
CA CYS G 193 -10.89 -4.50 -7.46
C CYS G 193 -11.50 -3.10 -7.40
N GLN G 194 -11.69 -2.49 -8.57
CA GLN G 194 -12.28 -1.16 -8.64
C GLN G 194 -13.71 -1.20 -9.12
N VAL G 195 -14.61 -0.72 -8.27
CA VAL G 195 -16.04 -0.68 -8.56
C VAL G 195 -16.41 0.75 -8.94
N THR G 196 -16.71 0.99 -10.22
CA THR G 196 -17.09 2.32 -10.67
C THR G 196 -18.61 2.39 -10.70
N HIS G 197 -19.18 3.38 -10.01
CA HIS G 197 -20.62 3.54 -9.94
C HIS G 197 -21.01 5.00 -9.97
N GLU G 198 -21.64 5.38 -11.08
CA GLU G 198 -22.10 6.76 -11.31
C GLU G 198 -20.90 7.69 -11.42
N GLY G 199 -19.92 7.31 -12.24
CA GLY G 199 -18.74 8.13 -12.38
C GLY G 199 -17.84 7.98 -11.17
N SER G 200 -18.44 7.71 -10.01
CA SER G 200 -17.69 7.52 -8.76
C SER G 200 -16.97 6.18 -8.85
N THR G 201 -15.70 6.13 -8.42
CA THR G 201 -14.93 4.89 -8.48
C THR G 201 -14.23 4.59 -7.15
N VAL G 202 -14.61 3.47 -6.55
CA VAL G 202 -14.03 3.02 -5.29
C VAL G 202 -13.08 1.87 -5.66
N GLU G 203 -11.82 1.95 -5.26
CA GLU G 203 -10.89 0.87 -5.60
C GLU G 203 -10.09 0.34 -4.41
N LYS G 204 -10.50 -0.81 -3.88
CA LYS G 204 -9.80 -1.43 -2.76
C LYS G 204 -8.76 -2.44 -3.28
N THR G 205 -7.63 -2.51 -2.58
CA THR G 205 -6.54 -3.39 -2.98
C THR G 205 -5.99 -4.27 -1.87
N VAL G 206 -5.47 -5.44 -2.26
CA VAL G 206 -4.88 -6.42 -1.36
C VAL G 206 -3.61 -6.95 -2.01
N ALA G 207 -2.63 -7.34 -1.19
CA ALA G 207 -1.37 -7.87 -1.67
C ALA G 207 -0.85 -8.96 -0.74
N PRO G 208 -0.26 -10.03 -1.29
CA PRO G 208 0.26 -11.10 -0.45
C PRO G 208 1.27 -10.60 0.58
N THR G 209 0.86 -10.68 1.84
CA THR G 209 1.63 -10.27 3.03
C THR G 209 0.69 -9.77 4.13
N GLU H 1 -56.69 -13.16 -28.31
CA GLU H 1 -55.73 -12.29 -29.05
C GLU H 1 -54.32 -12.87 -29.14
N VAL H 2 -53.38 -12.11 -29.71
CA VAL H 2 -52.01 -12.58 -29.88
C VAL H 2 -51.36 -13.14 -28.63
N GLN H 3 -50.80 -14.35 -28.78
CA GLN H 3 -50.16 -15.05 -27.69
C GLN H 3 -49.21 -16.13 -28.23
N LEU H 4 -48.00 -16.16 -27.69
CA LEU H 4 -47.01 -17.14 -28.14
C LEU H 4 -46.50 -17.91 -26.95
N VAL H 5 -46.43 -19.24 -27.11
CA VAL H 5 -45.97 -20.08 -26.04
C VAL H 5 -44.85 -21.01 -26.47
N GLU H 6 -43.76 -20.98 -25.72
CA GLU H 6 -42.59 -21.81 -25.98
C GLU H 6 -42.61 -23.01 -25.05
N SER H 7 -41.70 -23.95 -25.32
CA SER H 7 -41.59 -25.16 -24.53
C SER H 7 -40.46 -26.00 -25.10
N GLY H 8 -40.07 -27.03 -24.35
CA GLY H 8 -39.01 -27.90 -24.79
C GLY H 8 -37.72 -27.58 -24.09
N GLY H 9 -37.58 -26.33 -23.67
CA GLY H 9 -36.38 -25.89 -22.99
C GLY H 9 -36.14 -26.72 -21.76
N GLY H 10 -34.88 -26.91 -21.43
CA GLY H 10 -34.55 -27.71 -20.27
C GLY H 10 -33.07 -27.77 -20.02
N LEU H 11 -32.64 -28.80 -19.30
CA LEU H 11 -31.22 -28.97 -18.98
C LEU H 11 -30.60 -30.12 -19.76
N VAL H 12 -29.55 -29.82 -20.52
CA VAL H 12 -28.84 -30.81 -21.34
C VAL H 12 -27.33 -30.56 -21.31
N GLN H 13 -26.53 -31.53 -21.72
CA GLN H 13 -25.08 -31.37 -21.70
C GLN H 13 -24.48 -30.97 -23.03
N PRO H 14 -23.29 -30.37 -22.98
CA PRO H 14 -22.65 -29.95 -24.23
C PRO H 14 -22.66 -31.11 -25.23
N GLY H 15 -22.76 -30.78 -26.51
CA GLY H 15 -22.78 -31.80 -27.54
C GLY H 15 -24.19 -32.35 -27.73
N GLU H 16 -24.92 -32.48 -26.63
CA GLU H 16 -26.29 -32.97 -26.69
C GLU H 16 -27.14 -32.11 -27.63
N SER H 17 -28.40 -32.50 -27.81
CA SER H 17 -29.36 -31.79 -28.66
C SER H 17 -30.62 -31.42 -27.91
N LEU H 18 -31.49 -30.69 -28.59
CA LEU H 18 -32.76 -30.24 -28.01
C LEU H 18 -33.56 -29.53 -29.11
N LYS H 19 -34.87 -29.73 -29.08
CA LYS H 19 -35.75 -29.11 -30.08
C LYS H 19 -36.82 -28.30 -29.36
N LEU H 20 -36.77 -27.00 -29.56
CA LEU H 20 -37.74 -26.10 -28.92
C LEU H 20 -38.99 -25.95 -29.77
N SER H 21 -40.13 -25.71 -29.13
CA SER H 21 -41.36 -25.52 -29.87
C SER H 21 -42.08 -24.25 -29.42
N CYS H 22 -42.77 -23.64 -30.37
CA CYS H 22 -43.50 -22.41 -30.15
C CYS H 22 -44.82 -22.55 -30.87
N THR H 23 -45.92 -22.52 -30.12
CA THR H 23 -47.24 -22.60 -30.73
C THR H 23 -47.93 -21.27 -30.50
N ALA H 24 -48.61 -20.80 -31.55
CA ALA H 24 -49.26 -19.52 -31.53
C ALA H 24 -50.77 -19.62 -31.59
N SER H 25 -51.43 -18.65 -30.94
CA SER H 25 -52.88 -18.56 -30.93
C SER H 25 -53.17 -17.08 -31.01
N GLY H 26 -54.27 -16.71 -31.66
CA GLY H 26 -54.59 -15.30 -31.76
C GLY H 26 -54.26 -14.70 -33.10
N PHE H 27 -53.69 -15.51 -34.00
CA PHE H 27 -53.36 -15.05 -35.35
C PHE H 27 -52.97 -16.21 -36.24
N SER H 28 -52.90 -15.96 -37.53
CA SER H 28 -52.54 -16.98 -38.50
C SER H 28 -51.04 -17.03 -38.62
N LEU H 29 -50.43 -18.09 -38.11
CA LEU H 29 -48.99 -18.21 -38.17
C LEU H 29 -48.48 -18.10 -39.59
N SER H 30 -49.23 -18.68 -40.52
CA SER H 30 -48.85 -18.67 -41.92
C SER H 30 -48.72 -17.30 -42.57
N ASN H 31 -49.31 -16.27 -41.98
CA ASN H 31 -49.25 -14.94 -42.55
C ASN H 31 -48.04 -14.17 -42.09
N TYR H 32 -47.29 -14.76 -41.18
CA TYR H 32 -46.13 -14.08 -40.65
C TYR H 32 -44.80 -14.79 -40.82
N TYR H 33 -43.78 -14.02 -40.48
CA TYR H 33 -42.40 -14.45 -40.52
C TYR H 33 -42.16 -14.67 -39.02
N MET H 34 -41.35 -15.66 -38.66
CA MET H 34 -41.08 -15.93 -37.25
C MET H 34 -39.60 -15.93 -36.88
N THR H 35 -39.32 -15.59 -35.63
CA THR H 35 -37.93 -15.53 -35.18
C THR H 35 -37.74 -16.13 -33.80
N TRP H 36 -36.49 -16.45 -33.51
CA TRP H 36 -36.11 -16.97 -32.22
C TRP H 36 -35.04 -16.01 -31.80
N VAL H 37 -35.18 -15.47 -30.60
CA VAL H 37 -34.21 -14.53 -30.05
C VAL H 37 -33.89 -15.11 -28.68
N ARG H 38 -32.61 -15.30 -28.38
CA ARG H 38 -32.23 -15.84 -27.07
C ARG H 38 -31.57 -14.79 -26.23
N GLN H 39 -31.43 -15.07 -24.94
CA GLN H 39 -30.83 -14.11 -24.05
C GLN H 39 -30.25 -14.78 -22.80
N ALA H 40 -28.92 -14.83 -22.74
CA ALA H 40 -28.22 -15.47 -21.61
C ALA H 40 -28.47 -14.74 -20.30
N PRO H 41 -28.64 -15.48 -19.19
CA PRO H 41 -28.89 -14.82 -17.91
C PRO H 41 -28.08 -13.55 -17.70
N GLY H 42 -28.79 -12.46 -17.40
CA GLY H 42 -28.14 -11.17 -17.16
C GLY H 42 -27.44 -10.51 -18.33
N LYS H 43 -27.68 -10.97 -19.55
CA LYS H 43 -27.03 -10.38 -20.73
C LYS H 43 -28.11 -9.85 -21.68
N GLY H 44 -27.68 -9.37 -22.84
CA GLY H 44 -28.63 -8.81 -23.78
C GLY H 44 -29.43 -9.81 -24.58
N LEU H 45 -30.13 -9.31 -25.59
CA LEU H 45 -30.93 -10.13 -26.48
C LEU H 45 -30.09 -10.47 -27.70
N GLU H 46 -30.01 -11.74 -28.03
CA GLU H 46 -29.25 -12.15 -29.18
C GLU H 46 -30.18 -12.84 -30.18
N TRP H 47 -30.18 -12.33 -31.39
CA TRP H 47 -31.02 -12.89 -32.44
C TRP H 47 -30.44 -14.24 -32.87
N VAL H 48 -31.33 -15.17 -33.17
CA VAL H 48 -30.98 -16.53 -33.59
C VAL H 48 -31.39 -16.85 -35.02
N THR H 49 -32.70 -16.84 -35.28
CA THR H 49 -33.19 -17.14 -36.63
C THR H 49 -34.47 -16.43 -37.09
N ASN H 50 -34.68 -16.49 -38.39
CA ASN H 50 -35.84 -15.91 -39.01
C ASN H 50 -36.27 -16.92 -40.03
N ILE H 51 -37.55 -17.21 -40.09
CA ILE H 51 -38.04 -18.18 -41.04
C ILE H 51 -39.24 -17.67 -41.81
N ARG H 52 -39.11 -17.66 -43.13
CA ARG H 52 -40.16 -17.21 -44.06
C ARG H 52 -41.41 -18.09 -43.88
N PRO H 53 -42.60 -17.50 -44.06
CA PRO H 53 -43.87 -18.24 -43.93
C PRO H 53 -44.01 -19.51 -44.76
N ASP H 54 -43.52 -19.49 -45.99
CA ASP H 54 -43.59 -20.66 -46.85
C ASP H 54 -42.34 -21.49 -46.63
N GLU H 55 -41.61 -21.16 -45.57
CA GLU H 55 -40.40 -21.88 -45.18
C GLU H 55 -39.31 -21.98 -46.25
N THR H 56 -39.43 -21.21 -47.32
CA THR H 56 -38.45 -21.25 -48.39
C THR H 56 -37.13 -20.55 -48.05
N GLU H 57 -37.12 -19.77 -46.97
CA GLU H 57 -35.94 -19.05 -46.54
C GLU H 57 -35.72 -19.11 -45.03
N LYS H 58 -34.53 -19.52 -44.64
CA LYS H 58 -34.19 -19.65 -43.24
C LYS H 58 -32.88 -18.91 -42.97
N PHE H 59 -32.88 -18.04 -41.97
CA PHE H 59 -31.68 -17.29 -41.66
C PHE H 59 -31.24 -17.56 -40.25
N TYR H 60 -29.93 -17.73 -40.11
CA TYR H 60 -29.31 -18.01 -38.82
C TYR H 60 -28.13 -17.10 -38.56
N SER H 61 -27.89 -16.81 -37.29
CA SER H 61 -26.75 -15.99 -36.89
C SER H 61 -25.54 -16.88 -37.12
N ASP H 62 -24.36 -16.29 -37.24
CA ASP H 62 -23.18 -17.11 -37.44
C ASP H 62 -23.02 -18.04 -36.23
N SER H 63 -23.22 -17.48 -35.05
CA SER H 63 -23.08 -18.25 -33.84
C SER H 63 -23.78 -19.62 -33.86
N VAL H 64 -24.94 -19.72 -34.50
CA VAL H 64 -25.65 -21.00 -34.52
C VAL H 64 -25.85 -21.68 -35.86
N LYS H 65 -25.63 -20.94 -36.94
CA LYS H 65 -25.82 -21.47 -38.29
C LYS H 65 -25.08 -22.81 -38.37
N GLY H 66 -25.71 -23.82 -38.97
CA GLY H 66 -25.09 -25.13 -39.07
C GLY H 66 -25.51 -26.11 -37.98
N ARG H 67 -25.68 -25.62 -36.76
CA ARG H 67 -26.10 -26.49 -35.67
C ARG H 67 -27.60 -26.42 -35.50
N PHE H 68 -28.13 -25.20 -35.52
CA PHE H 68 -29.58 -24.99 -35.38
C PHE H 68 -30.28 -25.08 -36.74
N THR H 69 -31.58 -25.31 -36.69
CA THR H 69 -32.41 -25.41 -37.89
C THR H 69 -33.85 -25.05 -37.54
N VAL H 70 -34.38 -24.02 -38.19
CA VAL H 70 -35.75 -23.57 -37.94
C VAL H 70 -36.74 -24.26 -38.85
N SER H 71 -37.94 -24.46 -38.34
CA SER H 71 -38.97 -25.09 -39.12
C SER H 71 -40.30 -24.64 -38.57
N ARG H 72 -41.34 -24.75 -39.40
CA ARG H 72 -42.66 -24.34 -38.99
C ARG H 72 -43.71 -25.32 -39.47
N ASP H 73 -44.93 -25.14 -39.00
CA ASP H 73 -46.05 -25.98 -39.41
C ASP H 73 -47.27 -25.08 -39.38
N ASN H 74 -47.27 -24.10 -40.27
CA ASN H 74 -48.35 -23.15 -40.33
C ASN H 74 -49.71 -23.77 -40.00
N ALA H 75 -49.95 -24.99 -40.49
CA ALA H 75 -51.20 -25.67 -40.21
C ALA H 75 -51.45 -25.75 -38.70
N ARG H 76 -50.47 -26.30 -37.97
CA ARG H 76 -50.58 -26.45 -36.52
C ARG H 76 -50.16 -25.21 -35.77
N ASN H 77 -49.93 -24.12 -36.51
CA ASN H 77 -49.53 -22.86 -35.90
C ASN H 77 -48.32 -23.03 -35.00
N SER H 78 -47.28 -23.72 -35.48
CA SER H 78 -46.10 -23.95 -34.64
C SER H 78 -44.77 -23.71 -35.32
N LEU H 79 -43.87 -23.09 -34.55
CA LEU H 79 -42.51 -22.79 -35.00
C LEU H 79 -41.65 -23.79 -34.24
N PHE H 80 -40.54 -24.19 -34.85
CA PHE H 80 -39.63 -25.17 -34.22
C PHE H 80 -38.17 -24.80 -34.41
N ASN H 81 -37.43 -24.93 -33.31
CA ASN H 81 -36.00 -24.66 -33.29
C ASN H 81 -35.24 -25.89 -32.79
N SER H 82 -34.63 -26.62 -33.71
CA SER H 82 -33.87 -27.82 -33.35
C SER H 82 -32.40 -27.49 -33.23
N MET H 83 -31.92 -27.51 -31.99
CA MET H 83 -30.55 -27.20 -31.68
C MET H 83 -29.75 -28.48 -31.60
N SER H 84 -28.57 -28.51 -32.23
CA SER H 84 -27.75 -29.70 -32.18
C SER H 84 -26.33 -29.28 -31.85
N LEU H 85 -25.53 -30.21 -31.33
CA LEU H 85 -24.16 -29.85 -31.02
C LEU H 85 -24.15 -28.65 -30.10
N GLN H 86 -24.97 -28.73 -29.05
CA GLN H 86 -25.09 -27.69 -28.01
C GLN H 86 -23.79 -27.18 -27.42
N ARG H 87 -23.74 -25.88 -27.13
CA ARG H 87 -22.56 -25.28 -26.54
C ARG H 87 -22.98 -24.60 -25.27
N VAL H 88 -22.06 -24.52 -24.30
CA VAL H 88 -22.40 -23.86 -23.05
C VAL H 88 -22.96 -22.47 -23.36
N GLU H 89 -22.28 -21.71 -24.22
CA GLU H 89 -22.74 -20.39 -24.56
C GLU H 89 -24.11 -20.38 -25.22
N ASP H 90 -24.66 -21.54 -25.54
CA ASP H 90 -25.98 -21.55 -26.15
C ASP H 90 -26.98 -21.45 -25.01
N THR H 91 -26.46 -21.57 -23.79
CA THR H 91 -27.32 -21.48 -22.62
C THR H 91 -27.97 -20.10 -22.55
N ALA H 92 -29.29 -20.08 -22.58
CA ALA H 92 -30.00 -18.83 -22.45
C ALA H 92 -31.52 -19.07 -22.48
N THR H 93 -32.30 -17.99 -22.41
CA THR H 93 -33.73 -18.12 -22.54
C THR H 93 -34.08 -17.90 -23.99
N TYR H 94 -34.79 -18.87 -24.54
CA TYR H 94 -35.19 -18.79 -25.91
C TYR H 94 -36.60 -18.22 -26.07
N TYR H 95 -36.69 -17.13 -26.82
CA TYR H 95 -37.94 -16.44 -27.09
C TYR H 95 -38.27 -16.59 -28.56
N CYS H 96 -39.52 -16.88 -28.84
CA CYS H 96 -39.95 -16.91 -30.23
C CYS H 96 -40.85 -15.70 -30.24
N ALA H 97 -40.78 -14.92 -31.31
CA ALA H 97 -41.59 -13.74 -31.40
C ALA H 97 -42.13 -13.65 -32.82
N ARG H 98 -43.26 -12.98 -32.99
CA ARG H 98 -43.83 -12.82 -34.31
C ARG H 98 -43.09 -11.68 -34.99
N VAL H 99 -42.62 -11.91 -36.21
CA VAL H 99 -41.89 -10.89 -36.93
C VAL H 99 -42.84 -9.89 -37.55
N SER H 100 -42.88 -8.67 -37.00
CA SER H 100 -43.74 -7.62 -37.52
C SER H 100 -43.59 -7.54 -39.05
N ASP H 101 -44.44 -6.73 -39.68
CA ASP H 101 -44.42 -6.62 -41.13
C ASP H 101 -44.06 -5.23 -41.63
N PHE H 102 -43.53 -4.38 -40.76
CA PHE H 102 -43.17 -3.07 -41.25
C PHE H 102 -41.71 -2.75 -40.99
N GLY H 103 -41.24 -1.64 -41.53
CA GLY H 103 -39.85 -1.24 -41.37
C GLY H 103 -39.01 -2.44 -41.72
N ASP H 104 -37.84 -2.57 -41.09
CA ASP H 104 -37.01 -3.74 -41.33
C ASP H 104 -37.77 -4.78 -40.50
N TYR H 105 -37.21 -5.92 -40.18
CA TYR H 105 -38.08 -6.89 -39.54
C TYR H 105 -38.11 -7.15 -38.06
N GLY H 106 -38.21 -6.12 -37.25
CA GLY H 106 -38.24 -6.38 -35.81
C GLY H 106 -39.48 -7.15 -35.41
N PRO H 107 -39.49 -7.82 -34.25
CA PRO H 107 -40.69 -8.55 -33.85
C PRO H 107 -41.64 -7.59 -33.15
N ASP H 108 -42.93 -7.94 -33.08
CA ASP H 108 -43.89 -7.08 -32.39
C ASP H 108 -44.42 -7.76 -31.12
N PHE H 109 -44.56 -9.08 -31.18
CA PHE H 109 -45.04 -9.82 -30.04
C PHE H 109 -44.04 -10.93 -29.71
N TRP H 110 -43.72 -11.05 -28.42
CA TRP H 110 -42.78 -12.04 -27.89
C TRP H 110 -43.49 -13.05 -26.99
N GLY H 111 -43.08 -14.31 -27.03
CA GLY H 111 -43.65 -15.28 -26.12
C GLY H 111 -42.86 -15.09 -24.82
N GLN H 112 -43.18 -15.80 -23.75
CA GLN H 112 -42.41 -15.58 -22.53
C GLN H 112 -41.09 -16.32 -22.53
N GLY H 113 -40.83 -17.06 -23.59
CA GLY H 113 -39.57 -17.78 -23.68
C GLY H 113 -39.48 -19.04 -22.85
N THR H 114 -38.50 -19.87 -23.18
CA THR H 114 -38.26 -21.13 -22.49
C THR H 114 -36.78 -21.21 -22.14
N LEU H 115 -36.46 -21.60 -20.91
CA LEU H 115 -35.08 -21.69 -20.47
C LEU H 115 -34.31 -22.93 -20.93
N VAL H 116 -33.05 -22.70 -21.35
CA VAL H 116 -32.17 -23.76 -21.81
C VAL H 116 -30.79 -23.64 -21.15
N SER H 117 -30.33 -24.71 -20.50
CA SER H 117 -29.01 -24.76 -19.83
C SER H 117 -28.13 -25.80 -20.48
N VAL H 118 -26.86 -25.46 -20.65
CA VAL H 118 -25.87 -26.35 -21.22
C VAL H 118 -24.69 -26.43 -20.26
N THR H 119 -24.60 -27.55 -19.55
CA THR H 119 -23.54 -27.78 -18.60
C THR H 119 -23.25 -29.24 -18.43
N SER H 120 -22.21 -29.51 -17.66
CA SER H 120 -21.81 -30.87 -17.34
C SER H 120 -21.98 -30.95 -15.84
N ALA H 121 -22.33 -29.80 -15.26
CA ALA H 121 -22.53 -29.68 -13.83
C ALA H 121 -23.42 -30.83 -13.35
N SER H 122 -22.96 -31.50 -12.29
CA SER H 122 -23.72 -32.63 -11.73
C SER H 122 -24.36 -32.20 -10.43
N THR H 123 -23.62 -32.35 -9.34
CA THR H 123 -24.18 -31.96 -8.08
C THR H 123 -23.04 -31.93 -7.11
N LYS H 124 -22.07 -31.05 -7.35
CA LYS H 124 -20.94 -30.96 -6.45
C LYS H 124 -21.44 -30.29 -5.21
N GLY H 125 -20.77 -30.53 -4.09
CA GLY H 125 -21.15 -29.89 -2.85
C GLY H 125 -20.23 -28.70 -2.72
N PRO H 126 -20.53 -27.76 -1.83
CA PRO H 126 -19.67 -26.58 -1.69
C PRO H 126 -18.45 -26.69 -0.77
N SER H 127 -17.35 -26.06 -1.20
CA SER H 127 -16.12 -26.03 -0.42
C SER H 127 -16.23 -24.71 0.33
N VAL H 128 -15.96 -24.71 1.62
CA VAL H 128 -16.10 -23.49 2.39
C VAL H 128 -14.81 -22.94 2.96
N PHE H 129 -14.38 -21.81 2.40
CA PHE H 129 -13.15 -21.15 2.83
C PHE H 129 -13.44 -19.88 3.62
N PRO H 130 -12.59 -19.56 4.61
CA PRO H 130 -12.76 -18.37 5.43
C PRO H 130 -12.37 -17.09 4.70
N LEU H 131 -13.13 -16.03 4.98
CA LEU H 131 -12.89 -14.72 4.40
C LEU H 131 -12.46 -13.80 5.52
N ALA H 132 -11.26 -13.26 5.41
CA ALA H 132 -10.73 -12.35 6.40
C ALA H 132 -9.64 -11.55 5.71
N PRO H 133 -9.46 -10.29 6.11
CA PRO H 133 -8.45 -9.40 5.52
C PRO H 133 -7.04 -9.65 6.07
N CYS H 134 -6.03 -9.12 5.38
CA CYS H 134 -4.64 -9.28 5.79
C CYS H 134 -4.34 -8.62 7.13
N SER H 135 -3.79 -7.41 7.09
CA SER H 135 -3.46 -6.69 8.33
C SER H 135 -4.04 -5.27 8.35
N ARG H 136 -4.34 -4.73 7.17
CA ARG H 136 -4.90 -3.38 7.05
C ARG H 136 -6.33 -3.30 7.59
N SER H 137 -7.25 -4.03 6.96
CA SER H 137 -8.66 -4.04 7.36
C SER H 137 -8.87 -4.70 8.73
N THR H 138 -7.83 -5.38 9.23
CA THR H 138 -7.88 -6.05 10.53
C THR H 138 -7.75 -5.02 11.66
N SER H 139 -7.23 -3.84 11.30
CA SER H 139 -7.01 -2.76 12.26
C SER H 139 -8.10 -1.69 12.27
N GLU H 140 -9.36 -2.09 12.05
CA GLU H 140 -10.49 -1.16 12.07
C GLU H 140 -11.32 -1.38 13.35
N SER H 141 -12.39 -0.60 13.52
CA SER H 141 -13.26 -0.71 14.70
C SER H 141 -14.33 -1.77 14.51
N THR H 142 -14.54 -2.15 13.24
CA THR H 142 -15.52 -3.16 12.86
C THR H 142 -15.25 -3.63 11.42
N ALA H 143 -14.38 -4.64 11.28
CA ALA H 143 -14.03 -5.19 9.96
C ALA H 143 -15.06 -6.25 9.57
N ALA H 144 -14.83 -6.92 8.45
CA ALA H 144 -15.76 -7.94 7.99
C ALA H 144 -15.14 -9.34 7.94
N LEU H 145 -15.90 -10.33 8.38
CA LEU H 145 -15.48 -11.73 8.37
C LEU H 145 -16.50 -12.48 7.53
N GLY H 146 -16.11 -13.62 6.97
CA GLY H 146 -17.06 -14.32 6.14
C GLY H 146 -16.72 -15.73 5.70
N CYS H 147 -17.60 -16.28 4.89
CA CYS H 147 -17.44 -17.62 4.38
C CYS H 147 -17.60 -17.63 2.90
N LEU H 148 -16.57 -18.11 2.20
CA LEU H 148 -16.66 -18.21 0.76
C LEU H 148 -17.20 -19.60 0.45
N VAL H 149 -18.42 -19.67 -0.07
CA VAL H 149 -19.00 -20.94 -0.43
C VAL H 149 -18.69 -21.12 -1.91
N LYS H 150 -17.56 -21.78 -2.18
CA LYS H 150 -17.13 -21.97 -3.54
C LYS H 150 -17.59 -23.28 -4.19
N ASP H 151 -17.63 -23.25 -5.52
CA ASP H 151 -17.98 -24.38 -6.39
C ASP H 151 -19.08 -25.37 -5.97
N TYR H 152 -20.34 -25.01 -6.15
CA TYR H 152 -21.39 -25.95 -5.81
C TYR H 152 -22.45 -26.00 -6.89
N PHE H 153 -23.30 -27.02 -6.84
CA PHE H 153 -24.37 -27.19 -7.82
C PHE H 153 -25.40 -28.22 -7.38
N PRO H 154 -26.69 -27.91 -7.57
CA PRO H 154 -27.19 -26.66 -8.15
C PRO H 154 -27.62 -25.75 -7.01
N GLU H 155 -28.34 -24.69 -7.33
CA GLU H 155 -28.82 -23.80 -6.29
C GLU H 155 -29.92 -24.58 -5.58
N PRO H 156 -30.26 -24.21 -4.34
CA PRO H 156 -29.69 -23.11 -3.56
C PRO H 156 -28.92 -23.55 -2.32
N VAL H 157 -28.25 -22.58 -1.71
CA VAL H 157 -27.47 -22.81 -0.50
C VAL H 157 -28.01 -21.91 0.62
N THR H 158 -27.90 -22.39 1.86
CA THR H 158 -28.38 -21.65 3.03
C THR H 158 -27.22 -21.34 3.97
N VAL H 159 -26.97 -20.06 4.18
CA VAL H 159 -25.89 -19.66 5.08
C VAL H 159 -26.47 -19.01 6.33
N SER H 160 -25.93 -19.37 7.48
CA SER H 160 -26.39 -18.81 8.75
C SER H 160 -25.17 -18.67 9.62
N TRP H 161 -25.32 -18.05 10.78
CA TRP H 161 -24.17 -17.90 11.67
C TRP H 161 -24.47 -18.29 13.10
N ASN H 162 -23.54 -19.05 13.67
CA ASN H 162 -23.64 -19.52 15.03
C ASN H 162 -24.97 -20.23 15.23
N SER H 163 -25.29 -21.10 14.27
CA SER H 163 -26.50 -21.91 14.30
C SER H 163 -27.77 -21.09 14.34
N GLY H 164 -27.73 -19.90 13.73
CA GLY H 164 -28.91 -19.06 13.69
C GLY H 164 -28.92 -17.94 14.69
N ALA H 165 -28.04 -18.00 15.68
CA ALA H 165 -27.96 -16.96 16.69
C ALA H 165 -27.70 -15.63 16.01
N LEU H 166 -26.44 -15.38 15.64
CA LEU H 166 -26.03 -14.14 14.99
C LEU H 166 -26.85 -13.85 13.73
N THR H 167 -27.41 -12.63 13.65
CA THR H 167 -28.22 -12.21 12.51
C THR H 167 -27.93 -10.77 12.08
N SER H 168 -27.49 -9.94 13.02
CA SER H 168 -27.18 -8.56 12.71
C SER H 168 -25.82 -8.42 12.04
N GLY H 169 -25.78 -7.70 10.93
CA GLY H 169 -24.53 -7.49 10.22
C GLY H 169 -24.28 -8.54 9.15
N VAL H 170 -25.04 -9.63 9.25
CA VAL H 170 -24.93 -10.72 8.30
C VAL H 170 -25.46 -10.32 6.92
N HIS H 171 -24.66 -10.55 5.88
CA HIS H 171 -25.06 -10.21 4.52
C HIS H 171 -24.64 -11.32 3.55
N THR H 172 -25.55 -12.23 3.25
CA THR H 172 -25.25 -13.31 2.34
C THR H 172 -25.57 -12.86 0.92
N PHE H 173 -24.55 -12.62 0.12
CA PHE H 173 -24.75 -12.16 -1.26
C PHE H 173 -25.32 -13.22 -2.20
N PRO H 174 -25.78 -12.77 -3.37
CA PRO H 174 -26.36 -13.68 -4.37
C PRO H 174 -25.23 -14.48 -5.01
N ALA H 175 -25.55 -15.71 -5.40
CA ALA H 175 -24.55 -16.58 -6.02
C ALA H 175 -24.16 -16.14 -7.42
N VAL H 176 -22.91 -16.42 -7.77
CA VAL H 176 -22.36 -16.10 -9.07
C VAL H 176 -22.26 -17.41 -9.81
N LEU H 177 -22.69 -17.42 -11.07
CA LEU H 177 -22.61 -18.64 -11.85
C LEU H 177 -21.32 -18.67 -12.64
N GLN H 178 -20.28 -19.19 -12.00
CA GLN H 178 -18.96 -19.30 -12.62
C GLN H 178 -19.03 -20.03 -13.94
N SER H 179 -18.00 -19.82 -14.75
CA SER H 179 -17.89 -20.44 -16.08
C SER H 179 -18.28 -21.92 -16.06
N SER H 180 -17.51 -22.68 -15.28
CA SER H 180 -17.70 -24.12 -15.13
C SER H 180 -19.06 -24.52 -14.55
N GLY H 181 -20.13 -23.88 -15.01
CA GLY H 181 -21.47 -24.19 -14.54
C GLY H 181 -21.62 -24.43 -13.05
N LEU H 182 -20.67 -23.98 -12.25
CA LEU H 182 -20.71 -24.16 -10.78
C LEU H 182 -20.89 -22.87 -10.04
N TYR H 183 -21.85 -22.86 -9.11
CA TYR H 183 -22.12 -21.67 -8.33
C TYR H 183 -21.18 -21.40 -7.18
N SER H 184 -21.18 -20.14 -6.73
CA SER H 184 -20.37 -19.64 -5.63
C SER H 184 -21.03 -18.40 -5.04
N LEU H 185 -20.83 -18.17 -3.75
CA LEU H 185 -21.43 -17.02 -3.07
C LEU H 185 -20.67 -16.74 -1.81
N SER H 186 -20.77 -15.50 -1.33
CA SER H 186 -20.09 -15.11 -0.10
C SER H 186 -21.14 -14.72 0.93
N SER H 187 -20.72 -14.63 2.18
CA SER H 187 -21.61 -14.28 3.28
C SER H 187 -20.74 -13.68 4.35
N VAL H 188 -20.75 -12.36 4.45
CA VAL H 188 -19.93 -11.70 5.45
C VAL H 188 -20.82 -11.22 6.55
N VAL H 189 -20.25 -11.09 7.73
CA VAL H 189 -20.98 -10.59 8.89
C VAL H 189 -20.04 -9.58 9.50
N THR H 190 -20.35 -8.31 9.29
CA THR H 190 -19.54 -7.23 9.84
C THR H 190 -19.64 -7.20 11.36
N VAL H 191 -18.49 -7.19 12.02
CA VAL H 191 -18.44 -7.17 13.49
C VAL H 191 -17.28 -6.32 13.99
N PRO H 192 -17.35 -5.87 15.26
CA PRO H 192 -16.30 -5.05 15.86
C PRO H 192 -15.01 -5.83 16.04
N SER H 193 -13.89 -5.24 15.63
CA SER H 193 -12.59 -5.90 15.76
C SER H 193 -12.11 -5.81 17.21
N SER H 194 -12.86 -5.07 18.03
CA SER H 194 -12.53 -4.89 19.44
C SER H 194 -12.80 -6.16 20.26
N SER H 195 -14.04 -6.66 20.19
CA SER H 195 -14.43 -7.88 20.91
C SER H 195 -14.44 -9.05 19.92
N LEU H 196 -13.57 -8.95 18.91
CA LEU H 196 -13.42 -9.96 17.86
C LEU H 196 -12.69 -11.20 18.38
N GLY H 197 -11.63 -10.97 19.15
CA GLY H 197 -10.85 -12.07 19.69
C GLY H 197 -11.38 -12.62 21.01
N THR H 198 -12.70 -12.54 21.21
CA THR H 198 -13.35 -13.06 22.42
C THR H 198 -14.60 -13.87 22.05
N LYS H 199 -15.25 -13.45 20.98
CA LYS H 199 -16.47 -14.09 20.49
C LYS H 199 -16.17 -15.06 19.34
N THR H 200 -17.11 -15.94 19.05
CA THR H 200 -16.97 -16.91 17.98
C THR H 200 -17.83 -16.54 16.79
N TYR H 201 -17.29 -16.78 15.60
CA TYR H 201 -18.00 -16.49 14.36
C TYR H 201 -17.97 -17.75 13.51
N THR H 202 -19.12 -18.40 13.37
CA THR H 202 -19.23 -19.64 12.63
C THR H 202 -20.39 -19.67 11.66
N CYS H 203 -20.10 -19.85 10.37
CA CYS H 203 -21.17 -19.91 9.40
C CYS H 203 -21.58 -21.36 9.24
N ASN H 204 -22.85 -21.60 8.97
CA ASN H 204 -23.36 -22.95 8.79
C ASN H 204 -23.96 -23.02 7.40
N VAL H 205 -23.17 -23.50 6.44
CA VAL H 205 -23.61 -23.60 5.06
C VAL H 205 -24.39 -24.91 4.85
N ASN H 206 -25.58 -24.80 4.29
CA ASN H 206 -26.40 -25.98 4.05
C ASN H 206 -26.66 -26.05 2.55
N HIS H 207 -26.46 -27.22 1.97
CA HIS H 207 -26.70 -27.41 0.55
C HIS H 207 -27.47 -28.70 0.33
N LYS H 208 -28.76 -28.71 0.69
CA LYS H 208 -29.60 -29.90 0.56
C LYS H 208 -29.44 -30.70 -0.74
N PRO H 209 -29.40 -30.02 -1.90
CA PRO H 209 -29.24 -30.70 -3.19
C PRO H 209 -28.13 -31.73 -3.16
N SER H 210 -27.05 -31.37 -2.48
CA SER H 210 -25.88 -32.20 -2.35
C SER H 210 -25.88 -32.97 -1.02
N ASN H 211 -26.85 -32.67 -0.15
CA ASN H 211 -26.91 -33.32 1.15
C ASN H 211 -25.63 -33.02 1.90
N THR H 212 -25.25 -31.76 1.90
CA THR H 212 -24.02 -31.35 2.56
C THR H 212 -24.32 -30.26 3.56
N LYS H 213 -23.58 -30.26 4.66
CA LYS H 213 -23.72 -29.25 5.70
C LYS H 213 -22.33 -28.94 6.19
N VAL H 214 -21.95 -27.68 6.18
CA VAL H 214 -20.63 -27.35 6.63
C VAL H 214 -20.66 -26.26 7.68
N ASP H 215 -19.74 -26.36 8.62
CA ASP H 215 -19.64 -25.39 9.69
C ASP H 215 -18.18 -24.97 9.76
N LYS H 216 -17.90 -23.77 9.29
CA LYS H 216 -16.54 -23.24 9.29
C LYS H 216 -16.49 -22.07 10.25
N LYS H 217 -15.67 -22.18 11.28
CA LYS H 217 -15.56 -21.09 12.24
C LYS H 217 -14.43 -20.21 11.77
N VAL H 218 -14.72 -18.95 11.49
CA VAL H 218 -13.71 -18.03 11.02
C VAL H 218 -13.04 -17.32 12.18
N GLU H 219 -11.72 -17.27 12.16
CA GLU H 219 -10.98 -16.62 13.21
C GLU H 219 -10.34 -15.37 12.60
N PRO H 220 -10.15 -14.33 13.43
CA PRO H 220 -9.55 -13.07 12.97
C PRO H 220 -8.16 -13.25 12.36
N1 RBF I . 1.40 5.53 29.47
C2 RBF I . 2.18 4.46 29.92
O2 RBF I . 1.76 3.83 30.86
N3 RBF I . 3.33 4.25 29.23
C4 RBF I . 3.85 4.95 28.13
O4 RBF I . 4.87 4.66 27.62
C4A RBF I . 2.98 6.11 27.68
N5 RBF I . 3.40 6.85 26.66
C5A RBF I . 2.59 7.93 26.24
C6 RBF I . 3.12 8.69 25.14
C7 RBF I . 2.36 9.77 24.73
C7M RBF I . 2.77 10.69 23.57
C8 RBF I . 1.08 10.07 25.40
C8M RBF I . 0.26 11.30 24.90
C9 RBF I . 0.54 9.37 26.47
C9A RBF I . 1.35 8.26 26.89
N10 RBF I . 0.94 7.38 28.02
C10 RBF I . 1.76 6.35 28.40
C1' RBF I . -0.35 7.67 28.74
C2' RBF I . -1.41 6.74 28.13
O2' RBF I . -1.71 7.18 26.79
C3' RBF I . -2.75 6.81 28.71
O3' RBF I . -3.24 8.16 28.62
C4' RBF I . -2.87 6.38 30.13
O4' RBF I . -2.41 5.07 30.48
C5' RBF I . -4.41 6.56 30.40
O5' RBF I . -5.05 5.32 30.06
N1 RBF J . -11.67 -21.63 -28.89
C2 RBF J . -10.99 -22.75 -28.44
O2 RBF J . -11.42 -23.30 -27.47
N3 RBF J . -9.87 -23.09 -29.14
C4 RBF J . -9.33 -22.48 -30.28
O4 RBF J . -8.34 -22.90 -30.79
C4A RBF J . -10.11 -21.26 -30.74
N5 RBF J . -9.70 -20.62 -31.80
C5A RBF J . -10.42 -19.49 -32.24
C6 RBF J . -9.86 -18.82 -33.39
C7 RBF J . -10.56 -17.71 -33.83
C7M RBF J . -10.11 -16.91 -35.04
C8 RBF J . -11.76 -17.26 -33.12
C8M RBF J . -12.50 -15.99 -33.67
C9 RBF J . -12.33 -17.87 -32.01
C9A RBF J . -11.60 -19.02 -31.56
N10 RBF J . -12.03 -19.81 -30.38
C10 RBF J . -11.29 -20.90 -30.01
C1' RBF J . -13.27 -19.37 -29.64
C2' RBF J . -14.46 -20.21 -30.19
O2' RBF J . -14.78 -19.80 -31.55
C3' RBF J . -15.76 -19.98 -29.55
O3' RBF J . -16.17 -18.63 -29.70
C4' RBF J . -15.82 -20.33 -28.09
O4' RBF J . -15.42 -21.65 -27.69
C5' RBF J . -17.34 -20.01 -27.73
O5' RBF J . -18.16 -21.18 -28.00
N1 RBF K . -25.08 17.46 13.57
C2 RBF K . -26.38 17.39 14.05
O2 RBF K . -27.26 17.83 13.34
N3 RBF K . -26.51 16.89 15.31
C4 RBF K . -25.53 16.37 16.16
O4 RBF K . -25.82 15.95 17.24
C4A RBF K . -24.12 16.46 15.58
N5 RBF K . -23.10 16.02 16.30
C5A RBF K . -21.80 16.09 15.75
C6 RBF K . -20.74 15.65 16.62
C7 RBF K . -19.45 15.73 16.10
C7M RBF K . -18.21 15.31 16.89
C8 RBF K . -19.23 16.30 14.76
C8M RBF K . -17.76 16.39 14.22
C9 RBF K . -20.22 16.74 13.88
C9A RBF K . -21.55 16.67 14.45
N10 RBF K . -22.74 17.10 13.68
C10 RBF K . -23.97 16.99 14.26
C1' RBF K . -22.54 17.69 12.29
C2' RBF K . -22.78 16.52 11.28
O2' RBF K . -21.69 15.56 11.38
C3' RBF K . -22.68 16.84 9.84
O3' RBF K . -21.38 17.36 9.52
C4' RBF K . -23.70 17.81 9.32
O4' RBF K . -25.09 17.53 9.52
C5' RBF K . -23.32 17.93 7.76
O5' RBF K . -24.15 17.01 6.97
N1 RBF L . -38.65 -10.18 -44.98
C2 RBF L . -39.84 -10.15 -44.26
O2 RBF L . -40.83 -9.78 -44.84
N3 RBF L . -39.74 -10.54 -42.96
C4 RBF L . -38.60 -10.99 -42.26
O4 RBF L . -38.68 -11.30 -41.12
C4A RBF L . -37.34 -11.00 -43.10
N5 RBF L . -36.23 -11.40 -42.54
C5A RBF L . -35.04 -11.41 -43.31
C6 RBF L . -33.85 -11.84 -42.61
C7 RBF L . -32.68 -11.83 -43.37
C7M RBF L . -31.31 -12.25 -42.80
C8 RBF L . -32.71 -11.41 -44.78
C8M RBF L . -31.37 -11.42 -45.60
C9 RBF L . -33.84 -11.00 -45.49
C9A RBF L . -35.04 -11.00 -44.69
N10 RBF L . -36.35 -10.58 -45.26
C10 RBF L . -37.44 -10.60 -44.45
C1' RBF L . -36.40 -10.14 -46.70
C2' RBF L . -36.85 -11.36 -47.55
O2' RBF L . -35.79 -12.35 -47.60
C3' RBF L . -37.01 -11.13 -49.01
O3' RBF L . -35.79 -10.71 -49.60
C4' RBF L . -38.08 -10.15 -49.44
O4' RBF L . -39.42 -10.33 -48.94
C5' RBF L . -38.01 -10.21 -51.04
O5' RBF L . -38.92 -11.24 -51.50
#